data_4KG9
# 
_entry.id   4KG9 
# 
_audit_conform.dict_name       mmcif_pdbx.dic 
_audit_conform.dict_version    5.379 
_audit_conform.dict_location   http://mmcif.pdb.org/dictionaries/ascii/mmcif_pdbx.dic 
# 
loop_
_database_2.database_id 
_database_2.database_code 
_database_2.pdbx_database_accession 
_database_2.pdbx_DOI 
PDB   4KG9         pdb_00004kg9 10.2210/pdb4kg9/pdb 
RCSB  RCSB079300   ?            ?                   
WWPDB D_1000079300 ?            ?                   
# 
_pdbx_database_related.db_name        PDB 
_pdbx_database_related.db_id          1YY6 
_pdbx_database_related.details        . 
_pdbx_database_related.content_type   unspecified 
# 
_pdbx_database_status.status_code                     REL 
_pdbx_database_status.entry_id                        4KG9 
_pdbx_database_status.recvd_initial_deposition_date   2013-04-29 
_pdbx_database_status.deposit_site                    RCSB 
_pdbx_database_status.process_site                    RCSB 
_pdbx_database_status.status_code_sf                  REL 
_pdbx_database_status.status_code_mr                  ? 
_pdbx_database_status.SG_entry                        ? 
_pdbx_database_status.status_code_cs                  ? 
_pdbx_database_status.methods_development_category    ? 
_pdbx_database_status.pdb_format_compatible           Y 
_pdbx_database_status.status_code_nmr_data            ? 
# 
loop_
_audit_author.name 
_audit_author.pdbx_ordinal 
'Saridakis, V.' 1 
'Luthra, N.'    2 
# 
_citation.id                        primary 
_citation.title                     'A role for USP7 in DNA replication.' 
_citation.journal_abbrev            Mol.Cell.Biol. 
_citation.journal_volume            34 
_citation.page_first                132 
_citation.page_last                 145 
_citation.year                      2014 
_citation.journal_id_ASTM           MCEBD4 
_citation.country                   US 
_citation.journal_id_ISSN           0270-7306 
_citation.journal_id_CSD            2044 
_citation.book_publisher            ? 
_citation.pdbx_database_id_PubMed   24190967 
_citation.pdbx_database_id_DOI      10.1128/MCB.00639-13 
# 
loop_
_citation_author.citation_id 
_citation_author.name 
_citation_author.ordinal 
_citation_author.identifier_ORCID 
primary 'Jagannathan, M.' 1 ? 
primary 'Nguyen, T.'      2 ? 
primary 'Gallo, D.'       3 ? 
primary 'Luthra, N.'      4 ? 
primary 'Brown, G.W.'     5 ? 
primary 'Saridakis, V.'   6 ? 
primary 'Frappier, L.'    7 ? 
# 
_cell.entry_id           4KG9 
_cell.length_a           69.799 
_cell.length_b           69.799 
_cell.length_c           45.686 
_cell.angle_alpha        90.00 
_cell.angle_beta         90.00 
_cell.angle_gamma        90.00 
_cell.Z_PDB              4 
_cell.pdbx_unique_axis   ? 
_cell.length_a_esd       ? 
_cell.length_b_esd       ? 
_cell.length_c_esd       ? 
_cell.angle_alpha_esd    ? 
_cell.angle_beta_esd     ? 
_cell.angle_gamma_esd    ? 
# 
_symmetry.entry_id                         4KG9 
_symmetry.space_group_name_H-M             'P 41' 
_symmetry.pdbx_full_space_group_name_H-M   ? 
_symmetry.cell_setting                     ? 
_symmetry.Int_Tables_number                76 
_symmetry.space_group_name_Hall            ? 
# 
loop_
_entity.id 
_entity.type 
_entity.src_method 
_entity.pdbx_description 
_entity.formula_weight 
_entity.pdbx_number_of_molecules 
_entity.pdbx_ec 
_entity.pdbx_mutation 
_entity.pdbx_fragment 
_entity.details 
1 polymer man 'Ubiquitin carboxyl-terminal hydrolase 7'             17850.824 1   3.4.19.12 ? 'USP7-NTD, unp residues 54-205' ? 
2 polymer syn 'Mini-chromosome maintenance complex-binding protein' 1095.184  1   ?         ? 'MCM-BP, unp residues 152-161'  ? 
3 water   nat water                                                 18.015    132 ?         ? ?                               ? 
# 
loop_
_entity_name_com.entity_id 
_entity_name_com.name 
1 
;Deubiquitinating enzyme 7, Herpesvirus-associated ubiquitin-specific protease, Ubiquitin thioesterase 7, Ubiquitin-specific-processing protease 7
;
2 'MCM-BP, MCM-binding protein' 
# 
loop_
_entity_poly.entity_id 
_entity_poly.type 
_entity_poly.nstd_linkage 
_entity_poly.nstd_monomer 
_entity_poly.pdbx_seq_one_letter_code 
_entity_poly.pdbx_seq_one_letter_code_can 
_entity_poly.pdbx_strand_id 
_entity_poly.pdbx_target_identifier 
1 'polypeptide(L)' no no 
;TAEEDMEDDTSWRSEATFQFTVERFSRLSESVLSPPCFVRNLPWKIMVMPRFYPDRPHQKSVGFFLQCNAESDSTSWSCH
AQAVLKIINYRDDEKSFSRRISHLFFHKENDWGFSNFMAWSEVTDPEKGFIDDDKVTFEVFVQADAPHGVAW
;
;TAEEDMEDDTSWRSEATFQFTVERFSRLSESVLSPPCFVRNLPWKIMVMPRFYPDRPHQKSVGFFLQCNAESDSTSWSCH
AQAVLKIINYRDDEKSFSRRISHLFFHKENDWGFSNFMAWSEVTDPEKGFIDDDKVTFEVFVQADAPHGVAW
;
A ? 
2 'polypeptide(L)' no no RVSPSTSYTP RVSPSTSYTP B ? 
# 
loop_
_entity_poly_seq.entity_id 
_entity_poly_seq.num 
_entity_poly_seq.mon_id 
_entity_poly_seq.hetero 
1 1   THR n 
1 2   ALA n 
1 3   GLU n 
1 4   GLU n 
1 5   ASP n 
1 6   MET n 
1 7   GLU n 
1 8   ASP n 
1 9   ASP n 
1 10  THR n 
1 11  SER n 
1 12  TRP n 
1 13  ARG n 
1 14  SER n 
1 15  GLU n 
1 16  ALA n 
1 17  THR n 
1 18  PHE n 
1 19  GLN n 
1 20  PHE n 
1 21  THR n 
1 22  VAL n 
1 23  GLU n 
1 24  ARG n 
1 25  PHE n 
1 26  SER n 
1 27  ARG n 
1 28  LEU n 
1 29  SER n 
1 30  GLU n 
1 31  SER n 
1 32  VAL n 
1 33  LEU n 
1 34  SER n 
1 35  PRO n 
1 36  PRO n 
1 37  CYS n 
1 38  PHE n 
1 39  VAL n 
1 40  ARG n 
1 41  ASN n 
1 42  LEU n 
1 43  PRO n 
1 44  TRP n 
1 45  LYS n 
1 46  ILE n 
1 47  MET n 
1 48  VAL n 
1 49  MET n 
1 50  PRO n 
1 51  ARG n 
1 52  PHE n 
1 53  TYR n 
1 54  PRO n 
1 55  ASP n 
1 56  ARG n 
1 57  PRO n 
1 58  HIS n 
1 59  GLN n 
1 60  LYS n 
1 61  SER n 
1 62  VAL n 
1 63  GLY n 
1 64  PHE n 
1 65  PHE n 
1 66  LEU n 
1 67  GLN n 
1 68  CYS n 
1 69  ASN n 
1 70  ALA n 
1 71  GLU n 
1 72  SER n 
1 73  ASP n 
1 74  SER n 
1 75  THR n 
1 76  SER n 
1 77  TRP n 
1 78  SER n 
1 79  CYS n 
1 80  HIS n 
1 81  ALA n 
1 82  GLN n 
1 83  ALA n 
1 84  VAL n 
1 85  LEU n 
1 86  LYS n 
1 87  ILE n 
1 88  ILE n 
1 89  ASN n 
1 90  TYR n 
1 91  ARG n 
1 92  ASP n 
1 93  ASP n 
1 94  GLU n 
1 95  LYS n 
1 96  SER n 
1 97  PHE n 
1 98  SER n 
1 99  ARG n 
1 100 ARG n 
1 101 ILE n 
1 102 SER n 
1 103 HIS n 
1 104 LEU n 
1 105 PHE n 
1 106 PHE n 
1 107 HIS n 
1 108 LYS n 
1 109 GLU n 
1 110 ASN n 
1 111 ASP n 
1 112 TRP n 
1 113 GLY n 
1 114 PHE n 
1 115 SER n 
1 116 ASN n 
1 117 PHE n 
1 118 MET n 
1 119 ALA n 
1 120 TRP n 
1 121 SER n 
1 122 GLU n 
1 123 VAL n 
1 124 THR n 
1 125 ASP n 
1 126 PRO n 
1 127 GLU n 
1 128 LYS n 
1 129 GLY n 
1 130 PHE n 
1 131 ILE n 
1 132 ASP n 
1 133 ASP n 
1 134 ASP n 
1 135 LYS n 
1 136 VAL n 
1 137 THR n 
1 138 PHE n 
1 139 GLU n 
1 140 VAL n 
1 141 PHE n 
1 142 VAL n 
1 143 GLN n 
1 144 ALA n 
1 145 ASP n 
1 146 ALA n 
1 147 PRO n 
1 148 HIS n 
1 149 GLY n 
1 150 VAL n 
1 151 ALA n 
1 152 TRP n 
2 1   ARG n 
2 2   VAL n 
2 3   SER n 
2 4   PRO n 
2 5   SER n 
2 6   THR n 
2 7   SER n 
2 8   TYR n 
2 9   THR n 
2 10  PRO n 
# 
_entity_src_gen.entity_id                          1 
_entity_src_gen.pdbx_src_id                        1 
_entity_src_gen.pdbx_alt_source_flag               sample 
_entity_src_gen.pdbx_seq_type                      ? 
_entity_src_gen.pdbx_beg_seq_num                   ? 
_entity_src_gen.pdbx_end_seq_num                   ? 
_entity_src_gen.gene_src_common_name               human 
_entity_src_gen.gene_src_genus                     ? 
_entity_src_gen.pdbx_gene_src_gene                 'HAUSP, USP7' 
_entity_src_gen.gene_src_species                   ? 
_entity_src_gen.gene_src_strain                    ? 
_entity_src_gen.gene_src_tissue                    ? 
_entity_src_gen.gene_src_tissue_fraction           ? 
_entity_src_gen.gene_src_details                   ? 
_entity_src_gen.pdbx_gene_src_fragment             ? 
_entity_src_gen.pdbx_gene_src_scientific_name      'Homo sapiens' 
_entity_src_gen.pdbx_gene_src_ncbi_taxonomy_id     9606 
_entity_src_gen.pdbx_gene_src_variant              ? 
_entity_src_gen.pdbx_gene_src_cell_line            ? 
_entity_src_gen.pdbx_gene_src_atcc                 ? 
_entity_src_gen.pdbx_gene_src_organ                ? 
_entity_src_gen.pdbx_gene_src_organelle            ? 
_entity_src_gen.pdbx_gene_src_cell                 ? 
_entity_src_gen.pdbx_gene_src_cellular_location    ? 
_entity_src_gen.host_org_common_name               ? 
_entity_src_gen.pdbx_host_org_scientific_name      'Escherichia coli' 
_entity_src_gen.pdbx_host_org_ncbi_taxonomy_id     511693 
_entity_src_gen.host_org_genus                     ? 
_entity_src_gen.pdbx_host_org_gene                 ? 
_entity_src_gen.pdbx_host_org_organ                ? 
_entity_src_gen.host_org_species                   ? 
_entity_src_gen.pdbx_host_org_tissue               ? 
_entity_src_gen.pdbx_host_org_tissue_fraction      ? 
_entity_src_gen.pdbx_host_org_strain               BL21 
_entity_src_gen.pdbx_host_org_variant              ? 
_entity_src_gen.pdbx_host_org_cell_line            ? 
_entity_src_gen.pdbx_host_org_atcc                 ? 
_entity_src_gen.pdbx_host_org_culture_collection   ? 
_entity_src_gen.pdbx_host_org_cell                 ? 
_entity_src_gen.pdbx_host_org_organelle            ? 
_entity_src_gen.pdbx_host_org_cellular_location    ? 
_entity_src_gen.pdbx_host_org_vector_type          plasmid 
_entity_src_gen.pdbx_host_org_vector               ? 
_entity_src_gen.host_org_details                   ? 
_entity_src_gen.expression_system_id               ? 
_entity_src_gen.plasmid_name                       pet15b 
_entity_src_gen.plasmid_details                    ? 
_entity_src_gen.pdbx_description                   ? 
# 
_pdbx_entity_src_syn.entity_id              2 
_pdbx_entity_src_syn.pdbx_src_id            1 
_pdbx_entity_src_syn.pdbx_alt_source_flag   sample 
_pdbx_entity_src_syn.pdbx_beg_seq_num       ? 
_pdbx_entity_src_syn.pdbx_end_seq_num       ? 
_pdbx_entity_src_syn.organism_scientific    'Homo sapiens' 
_pdbx_entity_src_syn.organism_common_name   human 
_pdbx_entity_src_syn.ncbi_taxonomy_id       9606 
_pdbx_entity_src_syn.details                ? 
# 
loop_
_struct_ref.id 
_struct_ref.db_name 
_struct_ref.db_code 
_struct_ref.pdbx_db_accession 
_struct_ref.entity_id 
_struct_ref.pdbx_seq_one_letter_code 
_struct_ref.pdbx_align_begin 
_struct_ref.pdbx_db_isoform 
1 UNP UBP7_HUMAN  Q93009 1 
;TAEEDMEDDTSWRSEATFQFTVERFSRLSESVLSPPCFVRNLPWKIMVMPRFYPDRPHQKSVGFFLQCNAESDSTSWSCH
AQAVLKIINYRDDEKSFSRRISHLFFHKENDWGFSNFMAWSEVTDPEKGFIDDDKVTFEVFVQADAPHGVAW
;
54  ? 
2 UNP MCMBP_HUMAN Q9BTE3 2 RVSPSTSYTP 152 ? 
# 
loop_
_struct_ref_seq.align_id 
_struct_ref_seq.ref_id 
_struct_ref_seq.pdbx_PDB_id_code 
_struct_ref_seq.pdbx_strand_id 
_struct_ref_seq.seq_align_beg 
_struct_ref_seq.pdbx_seq_align_beg_ins_code 
_struct_ref_seq.seq_align_end 
_struct_ref_seq.pdbx_seq_align_end_ins_code 
_struct_ref_seq.pdbx_db_accession 
_struct_ref_seq.db_align_beg 
_struct_ref_seq.pdbx_db_align_beg_ins_code 
_struct_ref_seq.db_align_end 
_struct_ref_seq.pdbx_db_align_end_ins_code 
_struct_ref_seq.pdbx_auth_seq_align_beg 
_struct_ref_seq.pdbx_auth_seq_align_end 
1 1 4KG9 A 1 ? 152 ? Q93009 54  ? 205 ? 54  205 
2 2 4KG9 B 1 ? 10  ? Q9BTE3 152 ? 161 ? 152 161 
# 
loop_
_chem_comp.id 
_chem_comp.type 
_chem_comp.mon_nstd_flag 
_chem_comp.name 
_chem_comp.pdbx_synonyms 
_chem_comp.formula 
_chem_comp.formula_weight 
ALA 'L-peptide linking' y ALANINE         ? 'C3 H7 N O2'     89.093  
ARG 'L-peptide linking' y ARGININE        ? 'C6 H15 N4 O2 1' 175.209 
ASN 'L-peptide linking' y ASPARAGINE      ? 'C4 H8 N2 O3'    132.118 
ASP 'L-peptide linking' y 'ASPARTIC ACID' ? 'C4 H7 N O4'     133.103 
CYS 'L-peptide linking' y CYSTEINE        ? 'C3 H7 N O2 S'   121.158 
GLN 'L-peptide linking' y GLUTAMINE       ? 'C5 H10 N2 O3'   146.144 
GLU 'L-peptide linking' y 'GLUTAMIC ACID' ? 'C5 H9 N O4'     147.129 
GLY 'peptide linking'   y GLYCINE         ? 'C2 H5 N O2'     75.067  
HIS 'L-peptide linking' y HISTIDINE       ? 'C6 H10 N3 O2 1' 156.162 
HOH non-polymer         . WATER           ? 'H2 O'           18.015  
ILE 'L-peptide linking' y ISOLEUCINE      ? 'C6 H13 N O2'    131.173 
LEU 'L-peptide linking' y LEUCINE         ? 'C6 H13 N O2'    131.173 
LYS 'L-peptide linking' y LYSINE          ? 'C6 H15 N2 O2 1' 147.195 
MET 'L-peptide linking' y METHIONINE      ? 'C5 H11 N O2 S'  149.211 
PHE 'L-peptide linking' y PHENYLALANINE   ? 'C9 H11 N O2'    165.189 
PRO 'L-peptide linking' y PROLINE         ? 'C5 H9 N O2'     115.130 
SER 'L-peptide linking' y SERINE          ? 'C3 H7 N O3'     105.093 
THR 'L-peptide linking' y THREONINE       ? 'C4 H9 N O3'     119.119 
TRP 'L-peptide linking' y TRYPTOPHAN      ? 'C11 H12 N2 O2'  204.225 
TYR 'L-peptide linking' y TYROSINE        ? 'C9 H11 N O3'    181.189 
VAL 'L-peptide linking' y VALINE          ? 'C5 H11 N O2'    117.146 
# 
_exptl.entry_id          4KG9 
_exptl.method            'X-RAY DIFFRACTION' 
_exptl.crystals_number   1 
# 
_exptl_crystal.id                    1 
_exptl_crystal.density_meas          ? 
_exptl_crystal.density_Matthews      2.94 
_exptl_crystal.density_percent_sol   58.12 
_exptl_crystal.description           ? 
_exptl_crystal.F_000                 ? 
_exptl_crystal.preparation           ? 
# 
_exptl_crystal_grow.crystal_id      1 
_exptl_crystal_grow.method          'VAPOR DIFFUSION, HANGING DROP' 
_exptl_crystal_grow.temp            277 
_exptl_crystal_grow.temp_details    ? 
_exptl_crystal_grow.pH              8.5 
_exptl_crystal_grow.pdbx_details    
'30 % PEG 4000, 0.1 M Tris, 0.2 M lithium sulfate, VAPOR DIFFUSION, HANGING DROP, temperature 277KK, pH 8.5' 
_exptl_crystal_grow.pdbx_pH_range   ? 
# 
_diffrn.id                     1 
_diffrn.ambient_temp           100 
_diffrn.ambient_temp_details   ? 
_diffrn.crystal_id             1 
# 
_diffrn_detector.diffrn_id              1 
_diffrn_detector.detector               CCD 
_diffrn_detector.type                   'RIGAKU SATURN 944+' 
_diffrn_detector.pdbx_collection_date   2012-10-25 
_diffrn_detector.details                ? 
# 
_diffrn_radiation.diffrn_id                        1 
_diffrn_radiation.wavelength_id                    1 
_diffrn_radiation.pdbx_monochromatic_or_laue_m_l   M 
_diffrn_radiation.monochromator                    ? 
_diffrn_radiation.pdbx_diffrn_protocol             'SINGLE WAVELENGTH' 
_diffrn_radiation.pdbx_scattering_type             x-ray 
# 
_diffrn_radiation_wavelength.id           1 
_diffrn_radiation_wavelength.wavelength   1.54 
_diffrn_radiation_wavelength.wt           1.0 
# 
_diffrn_source.diffrn_id                   1 
_diffrn_source.source                      'ROTATING ANODE' 
_diffrn_source.type                        'RIGAKU MICROMAX-007' 
_diffrn_source.pdbx_synchrotron_site       ? 
_diffrn_source.pdbx_synchrotron_beamline   ? 
_diffrn_source.pdbx_wavelength             ? 
_diffrn_source.pdbx_wavelength_list        1.54 
# 
_reflns.entry_id                     4KG9 
_reflns.observed_criterion_sigma_I   ? 
_reflns.observed_criterion_sigma_F   ? 
_reflns.d_resolution_low             50 
_reflns.d_resolution_high            1.7 
_reflns.number_obs                   20711 
_reflns.number_all                   24379 
_reflns.percent_possible_obs         ? 
_reflns.pdbx_Rmerge_I_obs            ? 
_reflns.pdbx_Rsym_value              0.066 
_reflns.pdbx_netI_over_sigmaI        21.9 
_reflns.B_iso_Wilson_estimate        15.0 
_reflns.pdbx_redundancy              11.6 
_reflns.R_free_details               ? 
_reflns.limit_h_max                  ? 
_reflns.limit_h_min                  ? 
_reflns.limit_k_max                  ? 
_reflns.limit_k_min                  ? 
_reflns.limit_l_max                  ? 
_reflns.limit_l_min                  ? 
_reflns.observed_criterion_F_max     ? 
_reflns.observed_criterion_F_min     ? 
_reflns.pdbx_chi_squared             ? 
_reflns.pdbx_scaling_rejects         ? 
_reflns.pdbx_ordinal                 1 
_reflns.pdbx_diffrn_id               1 
# 
_reflns_shell.d_res_high             1.70 
_reflns_shell.d_res_low              1.73 
_reflns_shell.percent_possible_all   ? 
_reflns_shell.Rmerge_I_obs           ? 
_reflns_shell.pdbx_Rsym_value        0.509 
_reflns_shell.meanI_over_sigI_obs    1.6 
_reflns_shell.pdbx_redundancy        2.0 
_reflns_shell.percent_possible_obs   ? 
_reflns_shell.number_unique_all      954 
_reflns_shell.number_measured_all    ? 
_reflns_shell.number_measured_obs    ? 
_reflns_shell.number_unique_obs      ? 
_reflns_shell.pdbx_chi_squared       ? 
_reflns_shell.pdbx_ordinal           1 
_reflns_shell.pdbx_diffrn_id         1 
# 
_refine.entry_id                                 4KG9 
_refine.ls_number_reflns_obs                     20711 
_refine.ls_number_reflns_all                     ? 
_refine.pdbx_ls_sigma_I                          ? 
_refine.pdbx_ls_sigma_F                          0.0 
_refine.pdbx_data_cutoff_high_absF               1020634.30 
_refine.pdbx_data_cutoff_low_absF                0.000000 
_refine.pdbx_data_cutoff_high_rms_absF           ? 
_refine.ls_d_res_low                             21.71 
_refine.ls_d_res_high                            1.70 
_refine.ls_percent_reflns_obs                    85.0 
_refine.ls_R_factor_obs                          0.206 
_refine.ls_R_factor_all                          ? 
_refine.ls_R_factor_R_work                       0.206 
_refine.ls_R_factor_R_free                       0.233 
_refine.ls_R_factor_R_free_error                 0.006 
_refine.ls_R_factor_R_free_error_details         ? 
_refine.ls_percent_reflns_R_free                 7.9 
_refine.ls_number_reflns_R_free                  1636 
_refine.ls_number_parameters                     ? 
_refine.ls_number_restraints                     ? 
_refine.occupancy_min                            ? 
_refine.occupancy_max                            ? 
_refine.correlation_coeff_Fo_to_Fc               ? 
_refine.correlation_coeff_Fo_to_Fc_free          ? 
_refine.B_iso_mean                               19.6 
_refine.aniso_B[1][1]                            -0.19 
_refine.aniso_B[2][2]                            -0.19 
_refine.aniso_B[3][3]                            0.39 
_refine.aniso_B[1][2]                            0.00 
_refine.aniso_B[1][3]                            0.00 
_refine.aniso_B[2][3]                            0.00 
_refine.solvent_model_details                    'FLAT MODEL' 
_refine.solvent_model_param_ksol                 0.45 
_refine.solvent_model_param_bsol                 46.5188 
_refine.pdbx_solvent_vdw_probe_radii             ? 
_refine.pdbx_solvent_ion_probe_radii             ? 
_refine.pdbx_solvent_shrinkage_radii             ? 
_refine.pdbx_ls_cross_valid_method               THROUGHOUT 
_refine.details                                  'BULK SOLVENT MODEL USED' 
_refine.pdbx_starting_model                      1YY6 
_refine.pdbx_method_to_determine_struct          'MOLECULAR REPLACEMENT' 
_refine.pdbx_isotropic_thermal_model             RESTRAINED 
_refine.pdbx_stereochemistry_target_values       ? 
_refine.pdbx_stereochem_target_val_spec_case     ? 
_refine.pdbx_R_Free_selection_details            RANDOM 
_refine.pdbx_overall_ESU_R                       ? 
_refine.pdbx_overall_ESU_R_Free                  ? 
_refine.overall_SU_ML                            ? 
_refine.pdbx_overall_phase_error                 ? 
_refine.overall_SU_B                             ? 
_refine.overall_SU_R_Cruickshank_DPI             ? 
_refine.ls_redundancy_reflns_obs                 ? 
_refine.B_iso_min                                ? 
_refine.B_iso_max                                ? 
_refine.overall_SU_R_free                        ? 
_refine.ls_wR_factor_R_free                      ? 
_refine.ls_wR_factor_R_work                      ? 
_refine.overall_FOM_free_R_set                   ? 
_refine.overall_FOM_work_R_set                   ? 
_refine.pdbx_diffrn_id                           1 
_refine.pdbx_refine_id                           'X-RAY DIFFRACTION' 
_refine.pdbx_TLS_residual_ADP_flag               ? 
_refine.pdbx_overall_SU_R_free_Cruickshank_DPI   ? 
_refine.pdbx_overall_SU_R_Blow_DPI               ? 
_refine.pdbx_overall_SU_R_free_Blow_DPI          ? 
# 
_refine_analyze.entry_id                        4KG9 
_refine_analyze.Luzzati_coordinate_error_obs    0.20 
_refine_analyze.Luzzati_sigma_a_obs             0.13 
_refine_analyze.Luzzati_d_res_low_obs           5.00 
_refine_analyze.Luzzati_coordinate_error_free   0.23 
_refine_analyze.Luzzati_sigma_a_free            0.12 
_refine_analyze.Luzzati_d_res_low_free          ? 
_refine_analyze.number_disordered_residues      ? 
_refine_analyze.occupancy_sum_hydrogen          ? 
_refine_analyze.occupancy_sum_non_hydrogen      ? 
_refine_analyze.pdbx_Luzzati_d_res_high_obs     ? 
_refine_analyze.pdbx_refine_id                  'X-RAY DIFFRACTION' 
# 
_refine_hist.pdbx_refine_id                   'X-RAY DIFFRACTION' 
_refine_hist.cycle_id                         LAST 
_refine_hist.pdbx_number_atoms_protein        1197 
_refine_hist.pdbx_number_atoms_nucleic_acid   0 
_refine_hist.pdbx_number_atoms_ligand         0 
_refine_hist.number_atoms_solvent             132 
_refine_hist.number_atoms_total               1329 
_refine_hist.d_res_high                       1.70 
_refine_hist.d_res_low                        21.71 
# 
loop_
_refine_ls_restr.type 
_refine_ls_restr.dev_ideal 
_refine_ls_restr.dev_ideal_target 
_refine_ls_restr.weight 
_refine_ls_restr.number 
_refine_ls_restr.pdbx_restraint_function 
_refine_ls_restr.pdbx_refine_id 
c_bond_d                0.006 ?    ? ? ? 'X-RAY DIFFRACTION' 
c_bond_d_na             ?     ?    ? ? ? 'X-RAY DIFFRACTION' 
c_bond_d_prot           ?     ?    ? ? ? 'X-RAY DIFFRACTION' 
c_angle_d               ?     ?    ? ? ? 'X-RAY DIFFRACTION' 
c_angle_d_na            ?     ?    ? ? ? 'X-RAY DIFFRACTION' 
c_angle_d_prot          ?     ?    ? ? ? 'X-RAY DIFFRACTION' 
c_angle_deg             1.3   ?    ? ? ? 'X-RAY DIFFRACTION' 
c_angle_deg_na          ?     ?    ? ? ? 'X-RAY DIFFRACTION' 
c_angle_deg_prot        ?     ?    ? ? ? 'X-RAY DIFFRACTION' 
c_dihedral_angle_d      25.3  ?    ? ? ? 'X-RAY DIFFRACTION' 
c_dihedral_angle_d_na   ?     ?    ? ? ? 'X-RAY DIFFRACTION' 
c_dihedral_angle_d_prot ?     ?    ? ? ? 'X-RAY DIFFRACTION' 
c_improper_angle_d      0.87  ?    ? ? ? 'X-RAY DIFFRACTION' 
c_improper_angle_d_na   ?     ?    ? ? ? 'X-RAY DIFFRACTION' 
c_improper_angle_d_prot ?     ?    ? ? ? 'X-RAY DIFFRACTION' 
c_mcbond_it             1.28  1.50 ? ? ? 'X-RAY DIFFRACTION' 
c_mcangle_it            1.98  2.00 ? ? ? 'X-RAY DIFFRACTION' 
c_scbond_it             2.30  2.00 ? ? ? 'X-RAY DIFFRACTION' 
c_scangle_it            3.36  2.50 ? ? ? 'X-RAY DIFFRACTION' 
# 
_refine_ls_restr_ncs.pdbx_refine_id      'X-RAY DIFFRACTION' 
_refine_ls_restr_ncs.dom_id              1 
_refine_ls_restr_ncs.ncs_model_details   NONE 
_refine_ls_restr_ncs.rms_dev_position    ? 
_refine_ls_restr_ncs.weight_position     ? 
_refine_ls_restr_ncs.rms_dev_B_iso       ? 
_refine_ls_restr_ncs.weight_B_iso        ? 
_refine_ls_restr_ncs.pdbx_ordinal        1 
_refine_ls_restr_ncs.pdbx_type           . 
_refine_ls_restr_ncs.pdbx_auth_asym_id   . 
_refine_ls_restr_ncs.pdbx_ens_id         1 
_refine_ls_restr_ncs.pdbx_number         ? 
_refine_ls_restr_ncs.pdbx_asym_id        ? 
_refine_ls_restr_ncs.pdbx_rms            ? 
_refine_ls_restr_ncs.pdbx_weight         ? 
# 
_refine_ls_shell.pdbx_total_number_of_bins_used   6 
_refine_ls_shell.d_res_high                       1.70 
_refine_ls_shell.d_res_low                        1.81 
_refine_ls_shell.number_reflns_R_work             2369 
_refine_ls_shell.R_factor_R_work                  0.275 
_refine_ls_shell.percent_reflns_obs               64.1 
_refine_ls_shell.R_factor_R_free                  0.280 
_refine_ls_shell.R_factor_R_free_error            0.019 
_refine_ls_shell.percent_reflns_R_free            8.0 
_refine_ls_shell.number_reflns_R_free             207 
_refine_ls_shell.number_reflns_all                ? 
_refine_ls_shell.R_factor_all                     ? 
_refine_ls_shell.number_reflns_obs                ? 
_refine_ls_shell.redundancy_reflns_obs            ? 
_refine_ls_shell.pdbx_refine_id                   'X-RAY DIFFRACTION' 
# 
loop_
_pdbx_xplor_file.serial_no 
_pdbx_xplor_file.param_file 
_pdbx_xplor_file.topol_file 
_pdbx_xplor_file.pdbx_refine_id 
1 protein_rep.param  protein.top      'X-RAY DIFFRACTION' 
2 dna-rna_rep.param  dna-rna.top      'X-RAY DIFFRACTION' 
3 water_rep.param    water.top        'X-RAY DIFFRACTION' 
4 ion.param          ion.top          'X-RAY DIFFRACTION' 
5 carbohydrate.param carbohydrate.top 'X-RAY DIFFRACTION' 
# 
_struct_ncs_dom.id            1 
_struct_ncs_dom.details       ? 
_struct_ncs_dom.pdbx_ens_id   1 
# 
_struct_ncs_ens.id        1 
_struct_ncs_ens.details   ? 
# 
_struct.entry_id                  4KG9 
_struct.title                     'Crystal Structure Of USP7-NTD with MCM-BP' 
_struct.pdbx_model_details        ? 
_struct.pdbx_CASP_flag            ? 
_struct.pdbx_model_type_details   ? 
# 
_struct_keywords.entry_id        4KG9 
_struct_keywords.pdbx_keywords   HYDROLASE 
_struct_keywords.text            'TRAF domain, deubiquitination, Hydrolase' 
# 
loop_
_struct_asym.id 
_struct_asym.pdbx_blank_PDB_chainid_flag 
_struct_asym.pdbx_modified 
_struct_asym.entity_id 
_struct_asym.details 
A N N 1 ? 
B N N 2 ? 
C N N 3 ? 
D N N 3 ? 
# 
_struct_biol.id        1 
_struct_biol.details   ? 
# 
loop_
_struct_conf.conf_type_id 
_struct_conf.id 
_struct_conf.pdbx_PDB_helix_id 
_struct_conf.beg_label_comp_id 
_struct_conf.beg_label_asym_id 
_struct_conf.beg_label_seq_id 
_struct_conf.pdbx_beg_PDB_ins_code 
_struct_conf.end_label_comp_id 
_struct_conf.end_label_asym_id 
_struct_conf.end_label_seq_id 
_struct_conf.pdbx_end_PDB_ins_code 
_struct_conf.beg_auth_comp_id 
_struct_conf.beg_auth_asym_id 
_struct_conf.beg_auth_seq_id 
_struct_conf.end_auth_comp_id 
_struct_conf.end_auth_asym_id 
_struct_conf.end_auth_seq_id 
_struct_conf.pdbx_PDB_helix_class 
_struct_conf.details 
_struct_conf.pdbx_PDB_helix_length 
HELX_P HELX_P1 1 ARG A 24  ? LEU A 28  ? ARG A 77  LEU A 81  5 ? 5 
HELX_P HELX_P2 2 ASP A 92  ? SER A 96  ? ASP A 145 SER A 149 5 ? 5 
HELX_P HELX_P3 3 TRP A 120 ? THR A 124 ? TRP A 173 THR A 177 1 ? 5 
# 
_struct_conf_type.id          HELX_P 
_struct_conf_type.criteria    ? 
_struct_conf_type.reference   ? 
# 
loop_
_struct_sheet.id 
_struct_sheet.type 
_struct_sheet.number_strands 
_struct_sheet.details 
A ? 4 ? 
B ? 3 ? 
C ? 4 ? 
# 
loop_
_struct_sheet_order.sheet_id 
_struct_sheet_order.range_id_1 
_struct_sheet_order.range_id_2 
_struct_sheet_order.offset 
_struct_sheet_order.sense 
A 1 2 ? anti-parallel 
A 2 3 ? anti-parallel 
A 3 4 ? anti-parallel 
B 1 2 ? anti-parallel 
B 2 3 ? anti-parallel 
C 1 2 ? anti-parallel 
C 2 3 ? anti-parallel 
C 3 4 ? anti-parallel 
# 
loop_
_struct_sheet_range.sheet_id 
_struct_sheet_range.id 
_struct_sheet_range.beg_label_comp_id 
_struct_sheet_range.beg_label_asym_id 
_struct_sheet_range.beg_label_seq_id 
_struct_sheet_range.pdbx_beg_PDB_ins_code 
_struct_sheet_range.end_label_comp_id 
_struct_sheet_range.end_label_asym_id 
_struct_sheet_range.end_label_seq_id 
_struct_sheet_range.pdbx_end_PDB_ins_code 
_struct_sheet_range.beg_auth_comp_id 
_struct_sheet_range.beg_auth_asym_id 
_struct_sheet_range.beg_auth_seq_id 
_struct_sheet_range.end_auth_comp_id 
_struct_sheet_range.end_auth_asym_id 
_struct_sheet_range.end_auth_seq_id 
A 1 GLU A 15  ? VAL A 22  ? GLU A 68  VAL A 75  
A 2 VAL A 136 ? ALA A 144 ? VAL A 189 ALA A 197 
A 3 SER A 78  ? ILE A 87  ? SER A 131 ILE A 140 
A 4 PHE A 97  ? PHE A 106 ? PHE A 150 PHE A 159 
B 1 VAL A 32  ? LEU A 33  ? VAL A 85  LEU A 86  
B 2 LEU A 42  ? ARG A 51  ? LEU A 95  ARG A 104 
B 3 CYS A 37  ? VAL A 39  ? CYS A 90  VAL A 92  
C 1 VAL A 32  ? LEU A 33  ? VAL A 85  LEU A 86  
C 2 LEU A 42  ? ARG A 51  ? LEU A 95  ARG A 104 
C 3 SER A 61  ? CYS A 68  ? SER A 114 CYS A 121 
C 4 ASP A 111 ? ALA A 119 ? ASP A 164 ALA A 172 
# 
loop_
_pdbx_struct_sheet_hbond.sheet_id 
_pdbx_struct_sheet_hbond.range_id_1 
_pdbx_struct_sheet_hbond.range_id_2 
_pdbx_struct_sheet_hbond.range_1_label_atom_id 
_pdbx_struct_sheet_hbond.range_1_label_comp_id 
_pdbx_struct_sheet_hbond.range_1_label_asym_id 
_pdbx_struct_sheet_hbond.range_1_label_seq_id 
_pdbx_struct_sheet_hbond.range_1_PDB_ins_code 
_pdbx_struct_sheet_hbond.range_1_auth_atom_id 
_pdbx_struct_sheet_hbond.range_1_auth_comp_id 
_pdbx_struct_sheet_hbond.range_1_auth_asym_id 
_pdbx_struct_sheet_hbond.range_1_auth_seq_id 
_pdbx_struct_sheet_hbond.range_2_label_atom_id 
_pdbx_struct_sheet_hbond.range_2_label_comp_id 
_pdbx_struct_sheet_hbond.range_2_label_asym_id 
_pdbx_struct_sheet_hbond.range_2_label_seq_id 
_pdbx_struct_sheet_hbond.range_2_PDB_ins_code 
_pdbx_struct_sheet_hbond.range_2_auth_atom_id 
_pdbx_struct_sheet_hbond.range_2_auth_comp_id 
_pdbx_struct_sheet_hbond.range_2_auth_asym_id 
_pdbx_struct_sheet_hbond.range_2_auth_seq_id 
A 1 2 N PHE A 20  ? N PHE A 73  O PHE A 138 ? O PHE A 191 
A 2 3 O GLU A 139 ? O GLU A 192 N LYS A 86  ? N LYS A 139 
A 3 4 N LEU A 85  ? N LEU A 138 O ARG A 99  ? O ARG A 152 
B 1 2 N VAL A 32  ? N VAL A 85  O VAL A 48  ? O VAL A 101 
B 2 3 O TRP A 44  ? O TRP A 97  N CYS A 37  ? N CYS A 90  
C 1 2 N VAL A 32  ? N VAL A 85  O VAL A 48  ? O VAL A 101 
C 2 3 N LYS A 45  ? N LYS A 98  O GLN A 67  ? O GLN A 120 
C 3 4 N LEU A 66  ? N LEU A 119 O TRP A 112 ? O TRP A 165 
# 
_struct_site.id                   AC1 
_struct_site.pdbx_evidence_code   Software 
_struct_site.pdbx_auth_asym_id    ? 
_struct_site.pdbx_auth_comp_id    ? 
_struct_site.pdbx_auth_seq_id     ? 
_struct_site.pdbx_auth_ins_code   ? 
_struct_site.pdbx_num_residues    14 
_struct_site.details              'BINDING SITE FOR CHAIN B OF MINI-CHROMOSOME MAINTENANCE COMPLEX-BINDING PROTEIN' 
# 
loop_
_struct_site_gen.id 
_struct_site_gen.site_id 
_struct_site_gen.pdbx_num_res 
_struct_site_gen.label_comp_id 
_struct_site_gen.label_asym_id 
_struct_site_gen.label_seq_id 
_struct_site_gen.pdbx_auth_ins_code 
_struct_site_gen.auth_comp_id 
_struct_site_gen.auth_asym_id 
_struct_site_gen.auth_seq_id 
_struct_site_gen.label_atom_id 
_struct_site_gen.label_alt_id 
_struct_site_gen.symmetry 
_struct_site_gen.details 
1  AC1 14 MET A 49  ? MET A 102  . ? 1_555 ? 
2  AC1 14 ARG A 51  ? ARG A 104  . ? 1_555 ? 
3  AC1 14 PHE A 65  ? PHE A 118  . ? 1_555 ? 
4  AC1 14 ASP A 111 ? ASP A 164  . ? 1_555 ? 
5  AC1 14 TRP A 112 ? TRP A 165  . ? 1_555 ? 
6  AC1 14 GLY A 113 ? GLY A 166  . ? 1_555 ? 
7  AC1 14 PHE A 114 ? PHE A 167  . ? 1_555 ? 
8  AC1 14 HOH C .   ? HOH A 1025 . ? 1_555 ? 
9  AC1 14 HOH C .   ? HOH A 1089 . ? 1_555 ? 
10 AC1 14 HOH C .   ? HOH A 1126 . ? 1_555 ? 
11 AC1 14 HOH D .   ? HOH B 201  . ? 1_555 ? 
12 AC1 14 HOH D .   ? HOH B 202  . ? 1_555 ? 
13 AC1 14 HOH D .   ? HOH B 204  . ? 1_555 ? 
14 AC1 14 HOH D .   ? HOH B 206  . ? 1_555 ? 
# 
_atom_sites.entry_id                    4KG9 
_atom_sites.fract_transf_matrix[1][1]   -0.01141050 
_atom_sites.fract_transf_matrix[1][2]   -0.00557847 
_atom_sites.fract_transf_matrix[1][3]   0.00662904 
_atom_sites.fract_transf_matrix[2][1]   -0.00030109 
_atom_sites.fract_transf_matrix[2][2]   0.01121074 
_atom_sites.fract_transf_matrix[2][3]   0.00891580 
_atom_sites.fract_transf_matrix[3][1]   -0.01322886 
_atom_sites.fract_transf_matrix[3][2]   0.01063592 
_atom_sites.fract_transf_matrix[3][3]   -0.01382037 
_atom_sites.fract_transf_vector[1]      0.416491 
_atom_sites.fract_transf_vector[2]      -0.146552 
_atom_sites.fract_transf_vector[3]      -0.401902 
# 
loop_
_atom_type.symbol 
C 
N 
O 
S 
# 
loop_
_atom_site.group_PDB 
_atom_site.id 
_atom_site.type_symbol 
_atom_site.label_atom_id 
_atom_site.label_alt_id 
_atom_site.label_comp_id 
_atom_site.label_asym_id 
_atom_site.label_entity_id 
_atom_site.label_seq_id 
_atom_site.pdbx_PDB_ins_code 
_atom_site.Cartn_x 
_atom_site.Cartn_y 
_atom_site.Cartn_z 
_atom_site.occupancy 
_atom_site.B_iso_or_equiv 
_atom_site.pdbx_formal_charge 
_atom_site.auth_seq_id 
_atom_site.auth_comp_id 
_atom_site.auth_asym_id 
_atom_site.auth_atom_id 
_atom_site.pdbx_PDB_model_num 
ATOM   1    N N   . THR A 1 10  ? 9.424   16.565  9.335   1.00 25.05 ? 63   THR A N   1 
ATOM   2    C CA  . THR A 1 10  ? 8.582   16.183  10.503  1.00 23.67 ? 63   THR A CA  1 
ATOM   3    C C   . THR A 1 10  ? 7.357   15.394  10.049  1.00 22.24 ? 63   THR A C   1 
ATOM   4    O O   . THR A 1 10  ? 7.154   15.174  8.854   1.00 21.96 ? 63   THR A O   1 
ATOM   5    C CB  . THR A 1 10  ? 8.097   17.428  11.269  1.00 24.42 ? 63   THR A CB  1 
ATOM   6    O OG1 . THR A 1 10  ? 7.248   18.212  10.421  1.00 26.13 ? 63   THR A OG1 1 
ATOM   7    C CG2 . THR A 1 10  ? 9.285   18.277  11.712  1.00 26.00 ? 63   THR A CG2 1 
ATOM   8    N N   . SER A 1 11  ? 6.544   14.975  11.012  1.00 21.15 ? 64   SER A N   1 
ATOM   9    C CA  . SER A 1 11  ? 5.338   14.211  10.718  1.00 20.35 ? 64   SER A CA  1 
ATOM   10   C C   . SER A 1 11  ? 4.334   15.026  9.909   1.00 19.69 ? 64   SER A C   1 
ATOM   11   O O   . SER A 1 11  ? 3.411   14.465  9.315   1.00 18.29 ? 64   SER A O   1 
ATOM   12   C CB  . SER A 1 11  ? 4.680   13.747  12.019  1.00 21.67 ? 64   SER A CB  1 
ATOM   13   O OG  . SER A 1 11  ? 4.260   14.854  12.799  1.00 24.14 ? 64   SER A OG  1 
ATOM   14   N N   . TRP A 1 12  ? 4.508   16.346  9.893   1.00 18.64 ? 65   TRP A N   1 
ATOM   15   C CA  . TRP A 1 12  ? 3.602   17.221  9.151   1.00 20.34 ? 65   TRP A CA  1 
ATOM   16   C C   . TRP A 1 12  ? 3.916   17.268  7.662   1.00 18.91 ? 65   TRP A C   1 
ATOM   17   O O   . TRP A 1 12  ? 3.188   17.886  6.885   1.00 18.98 ? 65   TRP A O   1 
ATOM   18   C CB  . TRP A 1 12  ? 3.637   18.639  9.726   1.00 22.78 ? 65   TRP A CB  1 
ATOM   19   C CG  . TRP A 1 12  ? 3.091   18.712  11.111  1.00 24.37 ? 65   TRP A CG  1 
ATOM   20   C CD1 . TRP A 1 12  ? 3.801   18.788  12.273  1.00 26.24 ? 65   TRP A CD1 1 
ATOM   21   C CD2 . TRP A 1 12  ? 1.711   18.660  11.486  1.00 25.95 ? 65   TRP A CD2 1 
ATOM   22   N NE1 . TRP A 1 12  ? 2.948   18.785  13.352  1.00 26.84 ? 65   TRP A NE1 1 
ATOM   23   C CE2 . TRP A 1 12  ? 1.658   18.706  12.895  1.00 26.25 ? 65   TRP A CE2 1 
ATOM   24   C CE3 . TRP A 1 12  ? 0.512   18.576  10.764  1.00 25.72 ? 65   TRP A CE3 1 
ATOM   25   C CZ2 . TRP A 1 12  ? 0.452   18.674  13.601  1.00 27.24 ? 65   TRP A CZ2 1 
ATOM   26   C CZ3 . TRP A 1 12  ? -0.687  18.543  11.465  1.00 27.29 ? 65   TRP A CZ3 1 
ATOM   27   C CH2 . TRP A 1 12  ? -0.706  18.591  12.871  1.00 26.48 ? 65   TRP A CH2 1 
ATOM   28   N N   . ARG A 1 13  ? 5.006   16.613  7.276   1.00 17.64 ? 66   ARG A N   1 
ATOM   29   C CA  . ARG A 1 13  ? 5.438   16.550  5.881   1.00 17.98 ? 66   ARG A CA  1 
ATOM   30   C C   . ARG A 1 13  ? 4.225   16.266  4.985   1.00 17.18 ? 66   ARG A C   1 
ATOM   31   O O   . ARG A 1 13  ? 3.313   15.546  5.391   1.00 16.72 ? 66   ARG A O   1 
ATOM   32   C CB  . ARG A 1 13  ? 6.456   15.417  5.724   1.00 20.54 ? 66   ARG A CB  1 
ATOM   33   C CG  . ARG A 1 13  ? 5.789   14.048  5.705   1.00 23.75 ? 66   ARG A CG  1 
ATOM   34   C CD  . ARG A 1 13  ? 6.415   13.036  6.648   1.00 27.61 ? 66   ARG A CD  1 
ATOM   35   N NE  . ARG A 1 13  ? 7.745   12.625  6.231   1.00 27.88 ? 66   ARG A NE  1 
ATOM   36   C CZ  . ARG A 1 13  ? 8.285   11.443  6.518   1.00 26.90 ? 66   ARG A CZ  1 
ATOM   37   N NH1 . ARG A 1 13  ? 7.605   10.548  7.222   1.00 27.66 ? 66   ARG A NH1 1 
ATOM   38   N NH2 . ARG A 1 13  ? 9.510   11.158  6.104   1.00 25.02 ? 66   ARG A NH2 1 
ATOM   39   N N   . SER A 1 14  ? 4.222   16.813  3.771   1.00 16.43 ? 67   SER A N   1 
ATOM   40   C CA  . SER A 1 14  ? 3.111   16.605  2.840   1.00 16.48 ? 67   SER A CA  1 
ATOM   41   C C   . SER A 1 14  ? 3.301   15.356  1.977   1.00 15.72 ? 67   SER A C   1 
ATOM   42   O O   . SER A 1 14  ? 2.388   14.937  1.266   1.00 15.51 ? 67   SER A O   1 
ATOM   43   C CB  . SER A 1 14  ? 2.952   17.824  1.928   1.00 18.35 ? 67   SER A CB  1 
ATOM   44   O OG  . SER A 1 14  ? 4.118   18.029  1.151   1.00 17.21 ? 67   SER A OG  1 
ATOM   45   N N   . GLU A 1 15  ? 4.490   14.773  2.025   1.00 15.79 ? 68   GLU A N   1 
ATOM   46   C CA  . GLU A 1 15  ? 4.767   13.576  1.244   1.00 15.10 ? 68   GLU A CA  1 
ATOM   47   C C   . GLU A 1 15  ? 5.914   12.779  1.834   1.00 15.87 ? 68   GLU A C   1 
ATOM   48   O O   . GLU A 1 15  ? 6.736   13.306  2.587   1.00 14.56 ? 68   GLU A O   1 
ATOM   49   C CB  . GLU A 1 15  ? 5.082   13.936  -0.213  1.00 17.71 ? 68   GLU A CB  1 
ATOM   50   C CG  . GLU A 1 15  ? 6.332   14.779  -0.413  1.00 20.48 ? 68   GLU A CG  1 
ATOM   51   C CD  . GLU A 1 15  ? 6.590   15.094  -1.879  1.00 23.24 ? 68   GLU A CD  1 
ATOM   52   O OE1 . GLU A 1 15  ? 5.697   15.670  -2.537  1.00 23.42 ? 68   GLU A OE1 1 
ATOM   53   O OE2 . GLU A 1 15  ? 7.688   14.766  -2.375  1.00 26.73 ? 68   GLU A OE2 1 
ATOM   54   N N   . ALA A 1 16  ? 5.960   11.498  1.492   1.00 14.27 ? 69   ALA A N   1 
ATOM   55   C CA  . ALA A 1 16  ? 7.010   10.619  1.976   1.00 15.95 ? 69   ALA A CA  1 
ATOM   56   C C   . ALA A 1 16  ? 6.983   9.323   1.185   1.00 15.23 ? 69   ALA A C   1 
ATOM   57   O O   . ALA A 1 16  ? 5.990   8.994   0.536   1.00 13.13 ? 69   ALA A O   1 
ATOM   58   C CB  . ALA A 1 16  ? 6.813   10.325  3.462   1.00 15.90 ? 69   ALA A CB  1 
ATOM   59   N N   . THR A 1 17  ? 8.091   8.601   1.239   1.00 15.26 ? 70   THR A N   1 
ATOM   60   C CA  . THR A 1 17  ? 8.212   7.315   0.568   1.00 14.72 ? 70   THR A CA  1 
ATOM   61   C C   . THR A 1 17  ? 8.607   6.349   1.670   1.00 14.62 ? 70   THR A C   1 
ATOM   62   O O   . THR A 1 17  ? 9.532   6.626   2.429   1.00 15.33 ? 70   THR A O   1 
ATOM   63   C CB  . THR A 1 17  ? 9.331   7.314   -0.495  1.00 15.32 ? 70   THR A CB  1 
ATOM   64   O OG1 . THR A 1 17  ? 9.011   8.242   -1.535  1.00 16.64 ? 70   THR A OG1 1 
ATOM   65   C CG2 . THR A 1 17  ? 9.487   5.916   -1.104  1.00 15.69 ? 70   THR A CG2 1 
ATOM   66   N N   . PHE A 1 18  ? 7.889   5.237   1.788   1.00 13.06 ? 71   PHE A N   1 
ATOM   67   C CA  . PHE A 1 18  ? 8.231   4.252   2.802   1.00 12.70 ? 71   PHE A CA  1 
ATOM   68   C C   . PHE A 1 18  ? 8.067   2.855   2.236   1.00 12.00 ? 71   PHE A C   1 
ATOM   69   O O   . PHE A 1 18  ? 7.319   2.648   1.281   1.00 12.32 ? 71   PHE A O   1 
ATOM   70   C CB  . PHE A 1 18  ? 7.389   4.434   4.082   1.00 11.82 ? 71   PHE A CB  1 
ATOM   71   C CG  . PHE A 1 18  ? 5.903   4.215   3.900   1.00 12.23 ? 71   PHE A CG  1 
ATOM   72   C CD1 . PHE A 1 18  ? 5.110   5.169   3.259   1.00 11.28 ? 71   PHE A CD1 1 
ATOM   73   C CD2 . PHE A 1 18  ? 5.293   3.074   4.416   1.00 12.13 ? 71   PHE A CD2 1 
ATOM   74   C CE1 . PHE A 1 18  ? 3.730   4.987   3.138   1.00 13.45 ? 71   PHE A CE1 1 
ATOM   75   C CE2 . PHE A 1 18  ? 3.913   2.883   4.299   1.00 12.85 ? 71   PHE A CE2 1 
ATOM   76   C CZ  . PHE A 1 18  ? 3.131   3.843   3.660   1.00 13.34 ? 71   PHE A CZ  1 
ATOM   77   N N   . GLN A 1 19  ? 8.794   1.905   2.811   1.00 11.60 ? 72   GLN A N   1 
ATOM   78   C CA  . GLN A 1 19  ? 8.728   0.527   2.351   1.00 13.02 ? 72   GLN A CA  1 
ATOM   79   C C   . GLN A 1 19  ? 8.412   -0.443  3.470   1.00 12.88 ? 72   GLN A C   1 
ATOM   80   O O   . GLN A 1 19  ? 8.619   -0.151  4.648   1.00 13.31 ? 72   GLN A O   1 
ATOM   81   C CB  . GLN A 1 19  ? 10.056  0.110   1.715   1.00 15.31 ? 72   GLN A CB  1 
ATOM   82   C CG  . GLN A 1 19  ? 10.556  1.039   0.630   1.00 18.94 ? 72   GLN A CG  1 
ATOM   83   C CD  . GLN A 1 19  ? 11.793  0.495   -0.057  1.00 20.47 ? 72   GLN A CD  1 
ATOM   84   O OE1 . GLN A 1 19  ? 12.644  -0.129  0.578   1.00 20.66 ? 72   GLN A OE1 1 
ATOM   85   N NE2 . GLN A 1 19  ? 11.902  0.737   -1.359  1.00 23.86 ? 72   GLN A NE2 1 
ATOM   86   N N   . PHE A 1 20  ? 7.924   -1.612  3.074   1.00 10.30 ? 73   PHE A N   1 
ATOM   87   C CA  . PHE A 1 20  ? 7.577   -2.678  3.998   1.00 11.27 ? 73   PHE A CA  1 
ATOM   88   C C   . PHE A 1 20  ? 7.916   -3.998  3.314   1.00 11.78 ? 73   PHE A C   1 
ATOM   89   O O   . PHE A 1 20  ? 7.441   -4.276  2.208   1.00 11.66 ? 73   PHE A O   1 
ATOM   90   C CB  . PHE A 1 20  ? 6.083   -2.633  4.326   1.00 10.70 ? 73   PHE A CB  1 
ATOM   91   C CG  . PHE A 1 20  ? 5.632   -3.725  5.259   1.00 12.19 ? 73   PHE A CG  1 
ATOM   92   C CD1 . PHE A 1 20  ? 6.197   -3.859  6.525   1.00 10.37 ? 73   PHE A CD1 1 
ATOM   93   C CD2 . PHE A 1 20  ? 4.604   -4.591  4.889   1.00 10.97 ? 73   PHE A CD2 1 
ATOM   94   C CE1 . PHE A 1 20  ? 5.743   -4.842  7.414   1.00 11.48 ? 73   PHE A CE1 1 
ATOM   95   C CE2 . PHE A 1 20  ? 4.144   -5.575  5.768   1.00 13.34 ? 73   PHE A CE2 1 
ATOM   96   C CZ  . PHE A 1 20  ? 4.715   -5.699  7.034   1.00 10.56 ? 73   PHE A CZ  1 
ATOM   97   N N   . THR A 1 21  ? 8.743   -4.807  3.966   1.00 11.20 ? 74   THR A N   1 
ATOM   98   C CA  . THR A 1 21  ? 9.134   -6.096  3.407   1.00 13.02 ? 74   THR A CA  1 
ATOM   99   C C   . THR A 1 21  ? 8.330   -7.217  4.059   1.00 13.69 ? 74   THR A C   1 
ATOM   100  O O   . THR A 1 21  ? 8.370   -7.398  5.278   1.00 12.39 ? 74   THR A O   1 
ATOM   101  C CB  . THR A 1 21  ? 10.642  -6.351  3.620   1.00 12.67 ? 74   THR A CB  1 
ATOM   102  O OG1 . THR A 1 21  ? 11.397  -5.326  2.959   1.00 12.65 ? 74   THR A OG1 1 
ATOM   103  C CG2 . THR A 1 21  ? 11.042  -7.714  3.050   1.00 14.23 ? 74   THR A CG2 1 
ATOM   104  N N   . VAL A 1 22  ? 7.594   -7.959  3.237   1.00 13.04 ? 75   VAL A N   1 
ATOM   105  C CA  . VAL A 1 22  ? 6.778   -9.070  3.716   1.00 13.88 ? 75   VAL A CA  1 
ATOM   106  C C   . VAL A 1 22  ? 7.609   -10.347 3.628   1.00 14.65 ? 75   VAL A C   1 
ATOM   107  O O   . VAL A 1 22  ? 8.098   -10.698 2.558   1.00 14.27 ? 75   VAL A O   1 
ATOM   108  C CB  . VAL A 1 22  ? 5.499   -9.228  2.849   1.00 13.96 ? 75   VAL A CB  1 
ATOM   109  C CG1 . VAL A 1 22  ? 4.674   -10.403 3.341   1.00 14.57 ? 75   VAL A CG1 1 
ATOM   110  C CG2 . VAL A 1 22  ? 4.673   -7.943  2.898   1.00 14.81 ? 75   VAL A CG2 1 
ATOM   111  N N   . GLU A 1 23  ? 7.772   -11.032 4.759   1.00 14.46 ? 76   GLU A N   1 
ATOM   112  C CA  . GLU A 1 23  ? 8.552   -12.265 4.809   1.00 14.94 ? 76   GLU A CA  1 
ATOM   113  C C   . GLU A 1 23  ? 7.664   -13.499 4.660   1.00 13.84 ? 76   GLU A C   1 
ATOM   114  O O   . GLU A 1 23  ? 6.444   -13.414 4.824   1.00 14.07 ? 76   GLU A O   1 
ATOM   115  C CB  . GLU A 1 23  ? 9.347   -12.312 6.119   1.00 16.57 ? 76   GLU A CB  1 
ATOM   116  C CG  . GLU A 1 23  ? 10.375  -11.184 6.213   1.00 20.10 ? 76   GLU A CG  1 
ATOM   117  C CD  . GLU A 1 23  ? 11.050  -11.087 7.569   1.00 24.63 ? 76   GLU A CD  1 
ATOM   118  O OE1 . GLU A 1 23  ? 11.476  -12.131 8.103   1.00 24.69 ? 76   GLU A OE1 1 
ATOM   119  O OE2 . GLU A 1 23  ? 11.164  -9.958  8.092   1.00 27.07 ? 76   GLU A OE2 1 
ATOM   120  N N   . ARG A 1 24  ? 8.277   -14.639 4.344   1.00 15.57 ? 77   ARG A N   1 
ATOM   121  C CA  . ARG A 1 24  ? 7.536   -15.885 4.139   1.00 15.65 ? 77   ARG A CA  1 
ATOM   122  C C   . ARG A 1 24  ? 6.366   -15.577 3.210   1.00 15.38 ? 77   ARG A C   1 
ATOM   123  O O   . ARG A 1 24  ? 5.265   -16.100 3.376   1.00 15.41 ? 77   ARG A O   1 
ATOM   124  C CB  . ARG A 1 24  ? 7.015   -16.426 5.477   1.00 17.13 ? 77   ARG A CB  1 
ATOM   125  C CG  . ARG A 1 24  ? 8.115   -16.864 6.431   1.00 20.31 ? 77   ARG A CG  1 
ATOM   126  C CD  . ARG A 1 24  ? 7.565   -17.195 7.813   1.00 26.26 ? 77   ARG A CD  1 
ATOM   127  N NE  . ARG A 1 24  ? 8.636   -17.464 8.768   1.00 30.84 ? 77   ARG A NE  1 
ATOM   128  C CZ  . ARG A 1 24  ? 8.483   -17.476 10.090  1.00 33.42 ? 77   ARG A CZ  1 
ATOM   129  N NH1 . ARG A 1 24  ? 7.296   -17.234 10.631  1.00 34.23 ? 77   ARG A NH1 1 
ATOM   130  N NH2 . ARG A 1 24  ? 9.525   -17.725 10.873  1.00 35.77 ? 77   ARG A NH2 1 
ATOM   131  N N   . PHE A 1 25  ? 6.628   -14.729 2.220   1.00 14.53 ? 78   PHE A N   1 
ATOM   132  C CA  . PHE A 1 25  ? 5.612   -14.295 1.271   1.00 13.52 ? 78   PHE A CA  1 
ATOM   133  C C   . PHE A 1 25  ? 4.837   -15.420 0.585   1.00 14.29 ? 78   PHE A C   1 
ATOM   134  O O   . PHE A 1 25  ? 3.613   -15.354 0.481   1.00 14.56 ? 78   PHE A O   1 
ATOM   135  C CB  . PHE A 1 25  ? 6.247   -13.398 0.203   1.00 13.45 ? 78   PHE A CB  1 
ATOM   136  C CG  . PHE A 1 25  ? 5.247   -12.693 -0.658  1.00 11.72 ? 78   PHE A CG  1 
ATOM   137  C CD1 . PHE A 1 25  ? 4.669   -11.496 -0.239  1.00 13.11 ? 78   PHE A CD1 1 
ATOM   138  C CD2 . PHE A 1 25  ? 4.850   -13.242 -1.873  1.00 12.66 ? 78   PHE A CD2 1 
ATOM   139  C CE1 . PHE A 1 25  ? 3.709   -10.859 -1.020  1.00 14.33 ? 78   PHE A CE1 1 
ATOM   140  C CE2 . PHE A 1 25  ? 3.894   -12.613 -2.659  1.00 13.99 ? 78   PHE A CE2 1 
ATOM   141  C CZ  . PHE A 1 25  ? 3.320   -11.418 -2.233  1.00 13.07 ? 78   PHE A CZ  1 
ATOM   142  N N   . SER A 1 26  ? 5.541   -16.446 0.113   1.00 14.54 ? 79   SER A N   1 
ATOM   143  C CA  . SER A 1 26  ? 4.883   -17.553 -0.577  1.00 16.69 ? 79   SER A CA  1 
ATOM   144  C C   . SER A 1 26  ? 3.822   -18.224 0.296   1.00 17.11 ? 79   SER A C   1 
ATOM   145  O O   . SER A 1 26  ? 2.931   -18.901 -0.216  1.00 17.23 ? 79   SER A O   1 
ATOM   146  C CB  . SER A 1 26  ? 5.912   -18.604 -1.015  1.00 16.23 ? 79   SER A CB  1 
ATOM   147  O OG  . SER A 1 26  ? 6.414   -19.324 0.097   1.00 18.55 ? 79   SER A OG  1 
ATOM   148  N N   . ARG A 1 27  ? 3.923   -18.018 1.608   1.00 16.89 ? 80   ARG A N   1 
ATOM   149  C CA  . ARG A 1 27  ? 3.003   -18.616 2.573   1.00 17.90 ? 80   ARG A CA  1 
ATOM   150  C C   . ARG A 1 27  ? 1.949   -17.658 3.130   1.00 17.34 ? 80   ARG A C   1 
ATOM   151  O O   . ARG A 1 27  ? 1.172   -18.031 4.012   1.00 16.10 ? 80   ARG A O   1 
ATOM   152  C CB  . ARG A 1 27  ? 3.806   -19.220 3.731   1.00 19.65 ? 80   ARG A CB  1 
ATOM   153  C CG  . ARG A 1 27  ? 4.750   -20.339 3.295   1.00 22.45 ? 80   ARG A CG  1 
ATOM   154  C CD  . ARG A 1 27  ? 6.021   -20.390 4.139   1.00 25.76 ? 80   ARG A CD  1 
ATOM   155  N NE  . ARG A 1 27  ? 5.767   -20.681 5.548   1.00 28.51 ? 80   ARG A NE  1 
ATOM   156  C CZ  . ARG A 1 27  ? 6.711   -20.706 6.486   1.00 30.79 ? 80   ARG A CZ  1 
ATOM   157  N NH1 . ARG A 1 27  ? 7.975   -20.457 6.163   1.00 32.62 ? 80   ARG A NH1 1 
ATOM   158  N NH2 . ARG A 1 27  ? 6.394   -20.968 7.747   1.00 29.83 ? 80   ARG A NH2 1 
ATOM   159  N N   . LEU A 1 28  ? 1.921   -16.430 2.621   1.00 16.87 ? 81   LEU A N   1 
ATOM   160  C CA  . LEU A 1 28  ? 0.955   -15.432 3.080   1.00 17.11 ? 81   LEU A CA  1 
ATOM   161  C C   . LEU A 1 28  ? -0.472  -15.978 2.945   1.00 17.47 ? 81   LEU A C   1 
ATOM   162  O O   . LEU A 1 28  ? -0.848  -16.511 1.899   1.00 16.30 ? 81   LEU A O   1 
ATOM   163  C CB  . LEU A 1 28  ? 1.112   -14.141 2.266   1.00 17.54 ? 81   LEU A CB  1 
ATOM   164  C CG  . LEU A 1 28  ? 0.362   -12.904 2.770   1.00 18.94 ? 81   LEU A CG  1 
ATOM   165  C CD1 . LEU A 1 28  ? 0.874   -12.497 4.146   1.00 20.60 ? 81   LEU A CD1 1 
ATOM   166  C CD2 . LEU A 1 28  ? 0.557   -11.767 1.782   1.00 20.02 ? 81   LEU A CD2 1 
ATOM   167  N N   . SER A 1 29  ? -1.264  -15.846 4.004   1.00 18.26 ? 82   SER A N   1 
ATOM   168  C CA  . SER A 1 29  ? -2.630  -16.360 3.987   1.00 20.58 ? 82   SER A CA  1 
ATOM   169  C C   . SER A 1 29  ? -3.663  -15.365 4.498   1.00 23.20 ? 82   SER A C   1 
ATOM   170  O O   . SER A 1 29  ? -4.865  -15.566 4.319   1.00 24.70 ? 82   SER A O   1 
ATOM   171  C CB  . SER A 1 29  ? -2.708  -17.643 4.818   1.00 21.15 ? 82   SER A CB  1 
ATOM   172  O OG  . SER A 1 29  ? -2.276  -17.401 6.146   1.00 24.03 ? 82   SER A OG  1 
ATOM   173  N N   . GLU A 1 30  ? -3.196  -14.304 5.146   1.00 22.68 ? 83   GLU A N   1 
ATOM   174  C CA  . GLU A 1 30  ? -4.081  -13.271 5.675   1.00 24.78 ? 83   GLU A CA  1 
ATOM   175  C C   . GLU A 1 30  ? -3.492  -11.919 5.314   1.00 22.30 ? 83   GLU A C   1 
ATOM   176  O O   . GLU A 1 30  ? -2.378  -11.842 4.796   1.00 22.19 ? 83   GLU A O   1 
ATOM   177  C CB  . GLU A 1 30  ? -4.200  -13.391 7.198   1.00 26.90 ? 83   GLU A CB  1 
ATOM   178  C CG  . GLU A 1 30  ? -5.017  -14.589 7.671   1.00 35.72 ? 83   GLU A CG  1 
ATOM   179  C CD  . GLU A 1 30  ? -6.488  -14.474 7.303   1.00 39.25 ? 83   GLU A CD  1 
ATOM   180  O OE1 . GLU A 1 30  ? -7.159  -13.549 7.810   1.00 41.08 ? 83   GLU A OE1 1 
ATOM   181  O OE2 . GLU A 1 30  ? -6.971  -15.307 6.505   1.00 41.74 ? 83   GLU A OE2 1 
ATOM   182  N N   . SER A 1 31  ? -4.236  -10.852 5.577   1.00 19.44 ? 84   SER A N   1 
ATOM   183  C CA  . SER A 1 31  ? -3.733  -9.524  5.270   1.00 18.30 ? 84   SER A CA  1 
ATOM   184  C C   . SER A 1 31  ? -2.660  -9.148  6.289   1.00 16.87 ? 84   SER A C   1 
ATOM   185  O O   . SER A 1 31  ? -2.761  -9.482  7.473   1.00 15.25 ? 84   SER A O   1 
ATOM   186  C CB  . SER A 1 31  ? -4.873  -8.498  5.298   1.00 20.62 ? 84   SER A CB  1 
ATOM   187  O OG  . SER A 1 31  ? -5.427  -8.392  6.593   1.00 27.83 ? 84   SER A OG  1 
ATOM   188  N N   . VAL A 1 32  ? -1.622  -8.470  5.817   1.00 14.23 ? 85   VAL A N   1 
ATOM   189  C CA  . VAL A 1 32  ? -0.539  -8.029  6.683   1.00 13.88 ? 85   VAL A CA  1 
ATOM   190  C C   . VAL A 1 32  ? -0.429  -6.513  6.558   1.00 13.49 ? 85   VAL A C   1 
ATOM   191  O O   . VAL A 1 32  ? -0.587  -5.955  5.469   1.00 12.95 ? 85   VAL A O   1 
ATOM   192  C CB  . VAL A 1 32  ? 0.809   -8.705  6.297   1.00 13.15 ? 85   VAL A CB  1 
ATOM   193  C CG1 . VAL A 1 32  ? 1.215   -8.316  4.888   1.00 13.50 ? 85   VAL A CG1 1 
ATOM   194  C CG2 . VAL A 1 32  ? 1.888   -8.322  7.296   1.00 17.70 ? 85   VAL A CG2 1 
ATOM   195  N N   . LEU A 1 33  ? -0.187  -5.852  7.685   1.00 13.54 ? 86   LEU A N   1 
ATOM   196  C CA  . LEU A 1 33  ? -0.068  -4.400  7.730   1.00 13.62 ? 86   LEU A CA  1 
ATOM   197  C C   . LEU A 1 33  ? 1.325   -3.969  8.162   1.00 12.47 ? 86   LEU A C   1 
ATOM   198  O O   . LEU A 1 33  ? 1.924   -4.576  9.051   1.00 12.44 ? 86   LEU A O   1 
ATOM   199  C CB  . LEU A 1 33  ? -1.079  -3.811  8.718   1.00 16.06 ? 86   LEU A CB  1 
ATOM   200  C CG  . LEU A 1 33  ? -2.561  -3.751  8.347   1.00 21.21 ? 86   LEU A CG  1 
ATOM   201  C CD1 . LEU A 1 33  ? -3.362  -3.248  9.549   1.00 21.79 ? 86   LEU A CD1 1 
ATOM   202  C CD2 . LEU A 1 33  ? -2.749  -2.822  7.152   1.00 22.03 ? 86   LEU A CD2 1 
ATOM   203  N N   . SER A 1 34  ? 1.827   -2.908  7.540   1.00 11.93 ? 87   SER A N   1 
ATOM   204  C CA  . SER A 1 34  ? 3.141   -2.373  7.874   1.00 9.84  ? 87   SER A CA  1 
ATOM   205  C C   . SER A 1 34  ? 3.011   -1.412  9.042   1.00 12.16 ? 87   SER A C   1 
ATOM   206  O O   . SER A 1 34  ? 1.903   -1.044  9.436   1.00 10.21 ? 87   SER A O   1 
ATOM   207  C CB  . SER A 1 34  ? 3.704   -1.566  6.704   1.00 11.88 ? 87   SER A CB  1 
ATOM   208  O OG  . SER A 1 34  ? 3.051   -0.299  6.603   1.00 11.56 ? 87   SER A OG  1 
ATOM   209  N N   . PRO A 1 35  ? 4.147   -1.021  9.639   1.00 11.71 ? 88   PRO A N   1 
ATOM   210  C CA  . PRO A 1 35  ? 4.089   -0.070  10.750  1.00 11.52 ? 88   PRO A CA  1 
ATOM   211  C C   . PRO A 1 35  ? 3.678   1.243   10.064  1.00 12.65 ? 88   PRO A C   1 
ATOM   212  O O   . PRO A 1 35  ? 3.746   1.346   8.837   1.00 11.74 ? 88   PRO A O   1 
ATOM   213  C CB  . PRO A 1 35  ? 5.529   -0.043  11.248  1.00 10.81 ? 88   PRO A CB  1 
ATOM   214  C CG  . PRO A 1 35  ? 5.969   -1.457  11.025  1.00 11.66 ? 88   PRO A CG  1 
ATOM   215  C CD  . PRO A 1 35  ? 5.440   -1.731  9.630   1.00 11.37 ? 88   PRO A CD  1 
ATOM   216  N N   . PRO A 1 36  ? 3.247   2.255   10.831  1.00 11.78 ? 89   PRO A N   1 
ATOM   217  C CA  . PRO A 1 36  ? 2.838   3.518   10.209  1.00 12.34 ? 89   PRO A CA  1 
ATOM   218  C C   . PRO A 1 36  ? 3.944   4.481   9.804   1.00 12.45 ? 89   PRO A C   1 
ATOM   219  O O   . PRO A 1 36  ? 4.980   4.568   10.456  1.00 14.79 ? 89   PRO A O   1 
ATOM   220  C CB  . PRO A 1 36  ? 1.947   4.145   11.271  1.00 10.45 ? 89   PRO A CB  1 
ATOM   221  C CG  . PRO A 1 36  ? 2.658   3.763   12.530  1.00 12.54 ? 89   PRO A CG  1 
ATOM   222  C CD  . PRO A 1 36  ? 3.019   2.291   12.288  1.00 11.91 ? 89   PRO A CD  1 
ATOM   223  N N   . CYS A 1 37  ? 3.693   5.198   8.714   1.00 12.37 ? 90   CYS A N   1 
ATOM   224  C CA  . CYS A 1 37  ? 4.583   6.241   8.218   1.00 12.67 ? 90   CYS A CA  1 
ATOM   225  C C   . CYS A 1 37  ? 3.702   7.477   8.346   1.00 13.59 ? 90   CYS A C   1 
ATOM   226  O O   . CYS A 1 37  ? 2.594   7.506   7.815   1.00 12.39 ? 90   CYS A O   1 
ATOM   227  C CB  . CYS A 1 37  ? 4.951   6.013   6.753   1.00 12.11 ? 90   CYS A CB  1 
ATOM   228  S SG  . CYS A 1 37  ? 5.820   7.421   6.011   1.00 14.31 ? 90   CYS A SG  1 
ATOM   229  N N   . PHE A 1 38  ? 4.173   8.490   9.063   1.00 12.13 ? 91   PHE A N   1 
ATOM   230  C CA  . PHE A 1 38  ? 3.361   9.682   9.246   1.00 13.34 ? 91   PHE A CA  1 
ATOM   231  C C   . PHE A 1 38  ? 3.561   10.745  8.181   1.00 12.48 ? 91   PHE A C   1 
ATOM   232  O O   . PHE A 1 38  ? 4.687   11.149  7.878   1.00 13.47 ? 91   PHE A O   1 
ATOM   233  C CB  . PHE A 1 38  ? 3.592   10.271  10.640  1.00 13.87 ? 91   PHE A CB  1 
ATOM   234  C CG  . PHE A 1 38  ? 3.246   9.324   11.752  1.00 16.03 ? 91   PHE A CG  1 
ATOM   235  C CD1 . PHE A 1 38  ? 4.195   8.442   12.252  1.00 19.42 ? 91   PHE A CD1 1 
ATOM   236  C CD2 . PHE A 1 38  ? 1.952   9.273   12.257  1.00 19.00 ? 91   PHE A CD2 1 
ATOM   237  C CE1 . PHE A 1 38  ? 3.863   7.515   13.241  1.00 21.26 ? 91   PHE A CE1 1 
ATOM   238  C CE2 . PHE A 1 38  ? 1.607   8.347   13.246  1.00 21.00 ? 91   PHE A CE2 1 
ATOM   239  C CZ  . PHE A 1 38  ? 2.568   7.467   13.736  1.00 20.28 ? 91   PHE A CZ  1 
ATOM   240  N N   . VAL A 1 39  ? 2.442   11.166  7.606   1.00 13.89 ? 92   VAL A N   1 
ATOM   241  C CA  . VAL A 1 39  ? 2.403   12.192  6.573   1.00 12.83 ? 92   VAL A CA  1 
ATOM   242  C C   . VAL A 1 39  ? 1.165   13.017  6.913   1.00 12.98 ? 92   VAL A C   1 
ATOM   243  O O   . VAL A 1 39  ? 0.093   12.456  7.150   1.00 11.45 ? 92   VAL A O   1 
ATOM   244  C CB  . VAL A 1 39  ? 2.274   11.559  5.177   1.00 13.80 ? 92   VAL A CB  1 
ATOM   245  C CG1 . VAL A 1 39  ? 2.108   12.640  4.121   1.00 13.53 ? 92   VAL A CG1 1 
ATOM   246  C CG2 . VAL A 1 39  ? 3.517   10.724  4.882   1.00 14.87 ? 92   VAL A CG2 1 
ATOM   247  N N   . ARG A 1 40  ? 1.325   14.338  6.954   1.00 12.89 ? 93   ARG A N   1 
ATOM   248  C CA  . ARG A 1 40  ? 0.239   15.245  7.326   1.00 14.55 ? 93   ARG A CA  1 
ATOM   249  C C   . ARG A 1 40  ? -0.240  14.853  8.725   1.00 14.61 ? 93   ARG A C   1 
ATOM   250  O O   . ARG A 1 40  ? -1.417  15.001  9.070   1.00 16.04 ? 93   ARG A O   1 
ATOM   251  C CB  . ARG A 1 40  ? -0.917  15.169  6.321   1.00 15.39 ? 93   ARG A CB  1 
ATOM   252  C CG  . ARG A 1 40  ? -0.581  15.688  4.921   1.00 15.57 ? 93   ARG A CG  1 
ATOM   253  C CD  . ARG A 1 40  ? -0.240  17.179  4.914   1.00 16.44 ? 93   ARG A CD  1 
ATOM   254  N NE  . ARG A 1 40  ? -0.247  17.728  3.556   1.00 15.95 ? 93   ARG A NE  1 
ATOM   255  C CZ  . ARG A 1 40  ? -0.203  19.028  3.273   1.00 17.76 ? 93   ARG A CZ  1 
ATOM   256  N NH1 . ARG A 1 40  ? -0.146  19.921  4.252   1.00 17.86 ? 93   ARG A NH1 1 
ATOM   257  N NH2 . ARG A 1 40  ? -0.231  19.439  2.011   1.00 15.89 ? 93   ARG A NH2 1 
ATOM   258  N N   . ASN A 1 41  ? 0.701   14.338  9.513   1.00 14.75 ? 94   ASN A N   1 
ATOM   259  C CA  . ASN A 1 41  ? 0.478   13.905  10.890  1.00 15.65 ? 94   ASN A CA  1 
ATOM   260  C C   . ASN A 1 41  ? -0.530  12.770  11.046  1.00 15.88 ? 94   ASN A C   1 
ATOM   261  O O   . ASN A 1 41  ? -1.086  12.573  12.128  1.00 16.37 ? 94   ASN A O   1 
ATOM   262  C CB  . ASN A 1 41  ? 0.050   15.082  11.770  1.00 18.59 ? 94   ASN A CB  1 
ATOM   263  C CG  . ASN A 1 41  ? 0.399   14.866  13.233  1.00 20.79 ? 94   ASN A CG  1 
ATOM   264  O OD1 . ASN A 1 41  ? -0.300  15.336  14.133  1.00 24.29 ? 94   ASN A OD1 1 
ATOM   265  N ND2 . ASN A 1 41  ? 1.497   14.161  13.477  1.00 20.39 ? 94   ASN A ND2 1 
ATOM   266  N N   . LEU A 1 42  ? -0.765  12.027  9.969   1.00 13.80 ? 95   LEU A N   1 
ATOM   267  C CA  . LEU A 1 42  ? -1.685  10.896  10.009  1.00 13.19 ? 95   LEU A CA  1 
ATOM   268  C C   . LEU A 1 42  ? -0.888  9.621   9.735   1.00 12.65 ? 95   LEU A C   1 
ATOM   269  O O   . LEU A 1 42  ? 0.127   9.659   9.046   1.00 12.43 ? 95   LEU A O   1 
ATOM   270  C CB  . LEU A 1 42  ? -2.777  11.051  8.947   1.00 13.45 ? 95   LEU A CB  1 
ATOM   271  C CG  . LEU A 1 42  ? -3.782  12.195  9.119   1.00 15.60 ? 95   LEU A CG  1 
ATOM   272  C CD1 . LEU A 1 42  ? -4.712  12.230  7.913   1.00 16.94 ? 95   LEU A CD1 1 
ATOM   273  C CD2 . LEU A 1 42  ? -4.579  12.003  10.409  1.00 16.02 ? 95   LEU A CD2 1 
ATOM   274  N N   . PRO A 1 43  ? -1.341  8.475   10.270  1.00 12.86 ? 96   PRO A N   1 
ATOM   275  C CA  . PRO A 1 43  ? -0.631  7.210   10.053  1.00 12.26 ? 96   PRO A CA  1 
ATOM   276  C C   . PRO A 1 43  ? -1.039  6.508   8.762   1.00 11.75 ? 96   PRO A C   1 
ATOM   277  O O   . PRO A 1 43  ? -2.208  6.162   8.576   1.00 10.50 ? 96   PRO A O   1 
ATOM   278  C CB  . PRO A 1 43  ? -1.002  6.400   11.289  1.00 11.80 ? 96   PRO A CB  1 
ATOM   279  C CG  . PRO A 1 43  ? -2.437  6.821   11.507  1.00 11.37 ? 96   PRO A CG  1 
ATOM   280  C CD  . PRO A 1 43  ? -2.355  8.329   11.329  1.00 12.39 ? 96   PRO A CD  1 
ATOM   281  N N   . TRP A 1 44  ? -0.072  6.303   7.872   1.00 10.57 ? 97   TRP A N   1 
ATOM   282  C CA  . TRP A 1 44  ? -0.331  5.627   6.608   1.00 9.33  ? 97   TRP A CA  1 
ATOM   283  C C   . TRP A 1 44  ? 0.348   4.267   6.665   1.00 8.96  ? 97   TRP A C   1 
ATOM   284  O O   . TRP A 1 44  ? 1.445   4.140   7.206   1.00 10.44 ? 97   TRP A O   1 
ATOM   285  C CB  . TRP A 1 44  ? 0.226   6.444   5.439   1.00 9.94  ? 97   TRP A CB  1 
ATOM   286  C CG  . TRP A 1 44  ? -0.367  7.816   5.338   1.00 10.27 ? 97   TRP A CG  1 
ATOM   287  C CD1 . TRP A 1 44  ? -0.047  8.910   6.097   1.00 10.95 ? 97   TRP A CD1 1 
ATOM   288  C CD2 . TRP A 1 44  ? -1.397  8.242   4.435   1.00 10.07 ? 97   TRP A CD2 1 
ATOM   289  N NE1 . TRP A 1 44  ? -0.815  9.989   5.719   1.00 9.92  ? 97   TRP A NE1 1 
ATOM   290  C CE2 . TRP A 1 44  ? -1.651  9.606   4.703   1.00 10.72 ? 97   TRP A CE2 1 
ATOM   291  C CE3 . TRP A 1 44  ? -2.131  7.602   3.426   1.00 10.92 ? 97   TRP A CE3 1 
ATOM   292  C CZ2 . TRP A 1 44  ? -2.610  10.344  3.995   1.00 12.52 ? 97   TRP A CZ2 1 
ATOM   293  C CZ3 . TRP A 1 44  ? -3.083  8.335   2.721   1.00 11.52 ? 97   TRP A CZ3 1 
ATOM   294  C CH2 . TRP A 1 44  ? -3.313  9.694   3.012   1.00 12.42 ? 97   TRP A CH2 1 
ATOM   295  N N   . LYS A 1 45  ? -0.300  3.248   6.108   1.00 10.55 ? 98   LYS A N   1 
ATOM   296  C CA  . LYS A 1 45  ? 0.264   1.905   6.147   1.00 9.53  ? 98   LYS A CA  1 
ATOM   297  C C   . LYS A 1 45  ? 0.067   1.147   4.848   1.00 9.61  ? 98   LYS A C   1 
ATOM   298  O O   . LYS A 1 45  ? -0.875  1.404   4.098   1.00 9.68  ? 98   LYS A O   1 
ATOM   299  C CB  . LYS A 1 45  ? -0.392  1.082   7.262   1.00 9.43  ? 98   LYS A CB  1 
ATOM   300  C CG  . LYS A 1 45  ? -0.276  1.653   8.675   1.00 9.45  ? 98   LYS A CG  1 
ATOM   301  C CD  . LYS A 1 45  ? -1.081  0.796   9.644   1.00 9.49  ? 98   LYS A CD  1 
ATOM   302  C CE  . LYS A 1 45  ? -1.047  1.367   11.052  1.00 11.04 ? 98   LYS A CE  1 
ATOM   303  N NZ  . LYS A 1 45  ? -1.766  0.482   12.014  1.00 11.75 ? 98   LYS A NZ  1 
ATOM   304  N N   . ILE A 1 46  ? 0.973   0.210   4.600   1.00 9.40  ? 99   ILE A N   1 
ATOM   305  C CA  . ILE A 1 46  ? 0.892   -0.653  3.434   1.00 9.63  ? 99   ILE A CA  1 
ATOM   306  C C   . ILE A 1 46  ? 0.120   -1.894  3.885   1.00 10.25 ? 99   ILE A C   1 
ATOM   307  O O   . ILE A 1 46  ? 0.385   -2.440  4.955   1.00 11.01 ? 99   ILE A O   1 
ATOM   308  C CB  . ILE A 1 46  ? 2.310   -1.066  2.953   1.00 10.33 ? 99   ILE A CB  1 
ATOM   309  C CG1 . ILE A 1 46  ? 2.952   0.103   2.200   1.00 9.94  ? 99   ILE A CG1 1 
ATOM   310  C CG2 . ILE A 1 46  ? 2.235   -2.313  2.060   1.00 11.73 ? 99   ILE A CG2 1 
ATOM   311  C CD1 . ILE A 1 46  ? 4.446   -0.077  1.921   1.00 10.78 ? 99   ILE A CD1 1 
ATOM   312  N N   . MET A 1 47  ? -0.852  -2.315  3.082   1.00 9.81  ? 100  MET A N   1 
ATOM   313  C CA  . MET A 1 47  ? -1.641  -3.503  3.381   1.00 11.45 ? 100  MET A CA  1 
ATOM   314  C C   . MET A 1 47  ? -1.482  -4.462  2.207   1.00 12.20 ? 100  MET A C   1 
ATOM   315  O O   . MET A 1 47  ? -1.713  -4.080  1.059   1.00 11.31 ? 100  MET A O   1 
ATOM   316  C CB  . MET A 1 47  ? -3.119  -3.144  3.544   1.00 13.63 ? 100  MET A CB  1 
ATOM   317  C CG  . MET A 1 47  ? -3.989  -4.310  4.000   1.00 17.97 ? 100  MET A CG  1 
ATOM   318  S SD  . MET A 1 47  ? -5.765  -3.984  3.834   1.00 27.01 ? 100  MET A SD  1 
ATOM   319  C CE  . MET A 1 47  ? -6.090  -3.069  5.333   1.00 22.04 ? 100  MET A CE  1 
ATOM   320  N N   . VAL A 1 48  ? -1.096  -5.702  2.498   1.00 11.53 ? 101  VAL A N   1 
ATOM   321  C CA  . VAL A 1 48  ? -0.894  -6.715  1.457   1.00 11.62 ? 101  VAL A CA  1 
ATOM   322  C C   . VAL A 1 48  ? -1.663  -7.978  1.806   1.00 12.92 ? 101  VAL A C   1 
ATOM   323  O O   . VAL A 1 48  ? -1.679  -8.394  2.962   1.00 12.34 ? 101  VAL A O   1 
ATOM   324  C CB  . VAL A 1 48  ? 0.605   -7.064  1.313   1.00 12.33 ? 101  VAL A CB  1 
ATOM   325  C CG1 . VAL A 1 48  ? 0.803   -8.123  0.239   1.00 11.83 ? 101  VAL A CG1 1 
ATOM   326  C CG2 . VAL A 1 48  ? 1.391   -5.810  0.964   1.00 13.35 ? 101  VAL A CG2 1 
ATOM   327  N N   . MET A 1 49  ? -2.296  -8.596  0.812   1.00 13.29 ? 102  MET A N   1 
ATOM   328  C CA  . MET A 1 49  ? -3.066  -9.809  1.065   1.00 15.70 ? 102  MET A CA  1 
ATOM   329  C C   . MET A 1 49  ? -3.266  -10.619 -0.211  1.00 16.43 ? 102  MET A C   1 
ATOM   330  O O   . MET A 1 49  ? -3.330  -10.065 -1.304  1.00 15.22 ? 102  MET A O   1 
ATOM   331  C CB  . MET A 1 49  ? -4.436  -9.445  1.631   1.00 19.17 ? 102  MET A CB  1 
ATOM   332  C CG  . MET A 1 49  ? -5.307  -8.677  0.638   1.00 24.05 ? 102  MET A CG  1 
ATOM   333  S SD  . MET A 1 49  ? -6.824  -8.061  1.370   1.00 38.21 ? 102  MET A SD  1 
ATOM   334  C CE  . MET A 1 49  ? -6.270  -6.478  1.924   1.00 29.77 ? 102  MET A CE  1 
ATOM   335  N N   . PRO A 1 50  ? -3.359  -11.952 -0.086  1.00 17.48 ? 103  PRO A N   1 
ATOM   336  C CA  . PRO A 1 50  ? -3.563  -12.759 -1.291  1.00 17.97 ? 103  PRO A CA  1 
ATOM   337  C C   . PRO A 1 50  ? -5.011  -12.607 -1.755  1.00 18.17 ? 103  PRO A C   1 
ATOM   338  O O   . PRO A 1 50  ? -5.924  -12.550 -0.931  1.00 17.72 ? 103  PRO A O   1 
ATOM   339  C CB  . PRO A 1 50  ? -3.238  -14.176 -0.814  1.00 18.38 ? 103  PRO A CB  1 
ATOM   340  C CG  . PRO A 1 50  ? -3.668  -14.153 0.620   1.00 21.17 ? 103  PRO A CG  1 
ATOM   341  C CD  . PRO A 1 50  ? -3.174  -12.803 1.104   1.00 17.67 ? 103  PRO A CD  1 
ATOM   342  N N   . ARG A 1 51  ? -5.211  -12.524 -3.068  1.00 19.24 ? 104  ARG A N   1 
ATOM   343  C CA  . ARG A 1 51  ? -6.547  -12.384 -3.653  1.00 21.54 ? 104  ARG A CA  1 
ATOM   344  C C   . ARG A 1 51  ? -6.652  -13.313 -4.866  1.00 23.84 ? 104  ARG A C   1 
ATOM   345  O O   . ARG A 1 51  ? -5.682  -13.984 -5.210  1.00 22.36 ? 104  ARG A O   1 
ATOM   346  C CB  . ARG A 1 51  ? -6.789  -10.930 -4.077  1.00 21.26 ? 104  ARG A CB  1 
ATOM   347  C CG  . ARG A 1 51  ? -6.712  -9.932  -2.924  1.00 24.61 ? 104  ARG A CG  1 
ATOM   348  C CD  . ARG A 1 51  ? -7.805  -10.193 -1.898  1.00 28.85 ? 104  ARG A CD  1 
ATOM   349  N NE  . ARG A 1 51  ? -9.114  -9.749  -2.367  1.00 31.39 ? 104  ARG A NE  1 
ATOM   350  C CZ  . ARG A 1 51  ? -9.691  -8.604  -2.011  1.00 33.49 ? 104  ARG A CZ  1 
ATOM   351  N NH1 . ARG A 1 51  ? -9.079  -7.777  -1.175  1.00 31.92 ? 104  ARG A NH1 1 
ATOM   352  N NH2 . ARG A 1 51  ? -10.884 -8.282  -2.495  1.00 34.66 ? 104  ARG A NH2 1 
ATOM   353  N N   . PHE A 1 52  ? -7.815  -13.356 -5.514  1.00 27.88 ? 105  PHE A N   1 
ATOM   354  C CA  . PHE A 1 52  ? -7.993  -14.236 -6.673  1.00 32.95 ? 105  PHE A CA  1 
ATOM   355  C C   . PHE A 1 52  ? -8.761  -13.632 -7.851  1.00 36.19 ? 105  PHE A C   1 
ATOM   356  O O   . PHE A 1 52  ? -9.761  -14.197 -8.293  1.00 39.33 ? 105  PHE A O   1 
ATOM   357  C CB  . PHE A 1 52  ? -8.700  -15.529 -6.252  1.00 32.78 ? 105  PHE A CB  1 
ATOM   358  C CG  . PHE A 1 52  ? -7.948  -16.330 -5.228  1.00 34.09 ? 105  PHE A CG  1 
ATOM   359  C CD1 . PHE A 1 52  ? -8.029  -16.009 -3.876  1.00 34.41 ? 105  PHE A CD1 1 
ATOM   360  C CD2 . PHE A 1 52  ? -7.152  -17.401 -5.616  1.00 34.27 ? 105  PHE A CD2 1 
ATOM   361  C CE1 . PHE A 1 52  ? -7.328  -16.744 -2.927  1.00 34.44 ? 105  PHE A CE1 1 
ATOM   362  C CE2 . PHE A 1 52  ? -6.445  -18.144 -4.675  1.00 34.38 ? 105  PHE A CE2 1 
ATOM   363  C CZ  . PHE A 1 52  ? -6.534  -17.815 -3.327  1.00 35.48 ? 105  PHE A CZ  1 
ATOM   364  N N   . TYR A 1 53  ? -8.285  -12.506 -8.370  1.00 38.00 ? 106  TYR A N   1 
ATOM   365  C CA  . TYR A 1 53  ? -8.935  -11.836 -9.495  1.00 38.98 ? 106  TYR A CA  1 
ATOM   366  C C   . TYR A 1 53  ? -10.458 -11.907 -9.425  1.00 40.22 ? 106  TYR A C   1 
ATOM   367  O O   . TYR A 1 53  ? -11.128 -12.122 -10.437 1.00 40.29 ? 106  TYR A O   1 
ATOM   368  C CB  . TYR A 1 53  ? -8.450  -12.423 -10.827 1.00 37.67 ? 106  TYR A CB  1 
ATOM   369  C CG  . TYR A 1 53  ? -7.035  -12.022 -11.183 1.00 36.34 ? 106  TYR A CG  1 
ATOM   370  C CD1 . TYR A 1 53  ? -5.946  -12.817 -10.822 1.00 35.35 ? 106  TYR A CD1 1 
ATOM   371  C CD2 . TYR A 1 53  ? -6.780  -10.809 -11.824 1.00 35.49 ? 106  TYR A CD2 1 
ATOM   372  C CE1 . TYR A 1 53  ? -4.634  -12.409 -11.088 1.00 34.13 ? 106  TYR A CE1 1 
ATOM   373  C CE2 . TYR A 1 53  ? -5.479  -10.392 -12.093 1.00 34.06 ? 106  TYR A CE2 1 
ATOM   374  C CZ  . TYR A 1 53  ? -4.411  -11.194 -11.720 1.00 34.07 ? 106  TYR A CZ  1 
ATOM   375  O OH  . TYR A 1 53  ? -3.126  -10.762 -11.961 1.00 32.22 ? 106  TYR A OH  1 
ATOM   376  N N   . GLN A 1 59  ? -7.229  -17.877 -10.370 1.00 31.08 ? 112  GLN A N   1 
ATOM   377  C CA  . GLN A 1 59  ? -5.966  -17.172 -10.561 1.00 30.51 ? 112  GLN A CA  1 
ATOM   378  C C   . GLN A 1 59  ? -5.686  -16.291 -9.348  1.00 27.75 ? 112  GLN A C   1 
ATOM   379  O O   . GLN A 1 59  ? -6.436  -15.361 -9.057  1.00 27.61 ? 112  GLN A O   1 
ATOM   380  C CB  . GLN A 1 59  ? -6.030  -16.312 -11.828 1.00 33.51 ? 112  GLN A CB  1 
ATOM   381  C CG  . GLN A 1 59  ? -4.903  -16.574 -12.822 1.00 39.00 ? 112  GLN A CG  1 
ATOM   382  C CD  . GLN A 1 59  ? -3.544  -16.136 -12.309 1.00 41.82 ? 112  GLN A CD  1 
ATOM   383  O OE1 . GLN A 1 59  ? -2.515  -16.405 -12.932 1.00 43.43 ? 112  GLN A OE1 1 
ATOM   384  N NE2 . GLN A 1 59  ? -3.533  -15.448 -11.172 1.00 43.79 ? 112  GLN A NE2 1 
ATOM   385  N N   . LYS A 1 60  ? -4.593  -16.590 -8.654  1.00 25.25 ? 113  LYS A N   1 
ATOM   386  C CA  . LYS A 1 60  ? -4.197  -15.861 -7.456  1.00 22.50 ? 113  LYS A CA  1 
ATOM   387  C C   . LYS A 1 60  ? -3.461  -14.567 -7.794  1.00 20.46 ? 113  LYS A C   1 
ATOM   388  O O   . LYS A 1 60  ? -2.685  -14.507 -8.751  1.00 19.35 ? 113  LYS A O   1 
ATOM   389  C CB  . LYS A 1 60  ? -3.307  -16.764 -6.599  1.00 23.94 ? 113  LYS A CB  1 
ATOM   390  C CG  . LYS A 1 60  ? -3.059  -16.291 -5.179  1.00 26.49 ? 113  LYS A CG  1 
ATOM   391  C CD  . LYS A 1 60  ? -2.317  -17.379 -4.416  1.00 28.45 ? 113  LYS A CD  1 
ATOM   392  C CE  . LYS A 1 60  ? -2.170  -17.061 -2.943  1.00 30.16 ? 113  LYS A CE  1 
ATOM   393  N NZ  . LYS A 1 60  ? -1.548  -18.210 -2.225  1.00 31.00 ? 113  LYS A NZ  1 
ATOM   394  N N   . SER A 1 61  ? -3.705  -13.525 -7.005  1.00 19.19 ? 114  SER A N   1 
ATOM   395  C CA  . SER A 1 61  ? -3.054  -12.246 -7.244  1.00 18.16 ? 114  SER A CA  1 
ATOM   396  C C   . SER A 1 61  ? -2.623  -11.602 -5.940  1.00 17.00 ? 114  SER A C   1 
ATOM   397  O O   . SER A 1 61  ? -3.023  -12.031 -4.859  1.00 16.76 ? 114  SER A O   1 
ATOM   398  C CB  . SER A 1 61  ? -3.997  -11.290 -7.981  1.00 20.37 ? 114  SER A CB  1 
ATOM   399  O OG  . SER A 1 61  ? -5.089  -10.914 -7.156  1.00 22.99 ? 114  SER A OG  1 
ATOM   400  N N   . VAL A 1 62  ? -1.803  -10.567 -6.053  1.00 16.28 ? 115  VAL A N   1 
ATOM   401  C CA  . VAL A 1 62  ? -1.329  -9.844  -4.886  1.00 16.98 ? 115  VAL A CA  1 
ATOM   402  C C   . VAL A 1 62  ? -2.225  -8.636  -4.654  1.00 16.66 ? 115  VAL A C   1 
ATOM   403  O O   . VAL A 1 62  ? -2.371  -7.797  -5.540  1.00 16.57 ? 115  VAL A O   1 
ATOM   404  C CB  . VAL A 1 62  ? 0.123   -9.335  -5.087  1.00 18.40 ? 115  VAL A CB  1 
ATOM   405  C CG1 . VAL A 1 62  ? 0.577   -8.540  -3.863  1.00 18.65 ? 115  VAL A CG1 1 
ATOM   406  C CG2 . VAL A 1 62  ? 1.055   -10.506 -5.330  1.00 17.77 ? 115  VAL A CG2 1 
ATOM   407  N N   . GLY A 1 63  ? -2.844  -8.575  -3.475  1.00 14.91 ? 116  GLY A N   1 
ATOM   408  C CA  . GLY A 1 63  ? -3.671  -7.436  -3.115  1.00 13.89 ? 116  GLY A CA  1 
ATOM   409  C C   . GLY A 1 63  ? -2.717  -6.437  -2.473  1.00 14.49 ? 116  GLY A C   1 
ATOM   410  O O   . GLY A 1 63  ? -1.965  -6.799  -1.566  1.00 14.35 ? 116  GLY A O   1 
ATOM   411  N N   . PHE A 1 64  ? -2.743  -5.189  -2.932  1.00 11.75 ? 117  PHE A N   1 
ATOM   412  C CA  . PHE A 1 64  ? -1.829  -4.155  -2.435  1.00 12.77 ? 117  PHE A CA  1 
ATOM   413  C C   . PHE A 1 64  ? -2.610  -2.858  -2.235  1.00 11.87 ? 117  PHE A C   1 
ATOM   414  O O   . PHE A 1 64  ? -3.098  -2.261  -3.200  1.00 11.42 ? 117  PHE A O   1 
ATOM   415  C CB  . PHE A 1 64  ? -0.707  -3.998  -3.477  1.00 11.93 ? 117  PHE A CB  1 
ATOM   416  C CG  . PHE A 1 64  ? 0.391   -3.022  -3.109  1.00 12.81 ? 117  PHE A CG  1 
ATOM   417  C CD1 . PHE A 1 64  ? 0.469   -2.425  -1.849  1.00 12.91 ? 117  PHE A CD1 1 
ATOM   418  C CD2 . PHE A 1 64  ? 1.371   -2.717  -4.053  1.00 12.89 ? 117  PHE A CD2 1 
ATOM   419  C CE1 . PHE A 1 64  ? 1.514   -1.538  -1.544  1.00 13.28 ? 117  PHE A CE1 1 
ATOM   420  C CE2 . PHE A 1 64  ? 2.413   -1.839  -3.762  1.00 13.40 ? 117  PHE A CE2 1 
ATOM   421  C CZ  . PHE A 1 64  ? 2.485   -1.245  -2.505  1.00 12.06 ? 117  PHE A CZ  1 
ATOM   422  N N   . PHE A 1 65  ? -2.737  -2.432  -0.978  1.00 12.00 ? 118  PHE A N   1 
ATOM   423  C CA  . PHE A 1 65  ? -3.481  -1.217  -0.658  1.00 11.09 ? 118  PHE A CA  1 
ATOM   424  C C   . PHE A 1 65  ? -2.749  -0.252  0.257   1.00 11.07 ? 118  PHE A C   1 
ATOM   425  O O   . PHE A 1 65  ? -1.857  -0.639  1.007   1.00 11.17 ? 118  PHE A O   1 
ATOM   426  C CB  . PHE A 1 65  ? -4.812  -1.560  0.022   1.00 13.27 ? 118  PHE A CB  1 
ATOM   427  C CG  . PHE A 1 65  ? -5.678  -2.497  -0.762  1.00 13.23 ? 118  PHE A CG  1 
ATOM   428  C CD1 . PHE A 1 65  ? -5.419  -3.865  -0.767  1.00 13.73 ? 118  PHE A CD1 1 
ATOM   429  C CD2 . PHE A 1 65  ? -6.755  -2.012  -1.497  1.00 13.68 ? 118  PHE A CD2 1 
ATOM   430  C CE1 . PHE A 1 65  ? -6.224  -4.743  -1.494  1.00 13.53 ? 118  PHE A CE1 1 
ATOM   431  C CE2 . PHE A 1 65  ? -7.568  -2.877  -2.231  1.00 14.58 ? 118  PHE A CE2 1 
ATOM   432  C CZ  . PHE A 1 65  ? -7.304  -4.246  -2.228  1.00 13.84 ? 118  PHE A CZ  1 
ATOM   433  N N   . LEU A 1 66  ? -3.156  1.013   0.190   1.00 10.78 ? 119  LEU A N   1 
ATOM   434  C CA  . LEU A 1 66  ? -2.598  2.049   1.044   1.00 10.85 ? 119  LEU A CA  1 
ATOM   435  C C   . LEU A 1 66  ? -3.707  2.399   2.034   1.00 10.37 ? 119  LEU A C   1 
ATOM   436  O O   . LEU A 1 66  ? -4.824  2.727   1.635   1.00 10.12 ? 119  LEU A O   1 
ATOM   437  C CB  . LEU A 1 66  ? -2.211  3.280   0.220   1.00 10.58 ? 119  LEU A CB  1 
ATOM   438  C CG  . LEU A 1 66  ? -1.787  4.521   1.024   1.00 10.65 ? 119  LEU A CG  1 
ATOM   439  C CD1 . LEU A 1 66  ? -0.590  4.192   1.924   1.00 9.50  ? 119  LEU A CD1 1 
ATOM   440  C CD2 . LEU A 1 66  ? -1.435  5.644   0.058   1.00 11.27 ? 119  LEU A CD2 1 
ATOM   441  N N   . GLN A 1 67  ? -3.402  2.319   3.324   1.00 10.91 ? 120  GLN A N   1 
ATOM   442  C CA  . GLN A 1 67  ? -4.386  2.613   4.361   1.00 11.60 ? 120  GLN A CA  1 
ATOM   443  C C   . GLN A 1 67  ? -4.045  3.899   5.104   1.00 11.40 ? 120  GLN A C   1 
ATOM   444  O O   . GLN A 1 67  ? -2.873  4.210   5.333   1.00 12.85 ? 120  GLN A O   1 
ATOM   445  C CB  . GLN A 1 67  ? -4.453  1.445   5.343   1.00 11.41 ? 120  GLN A CB  1 
ATOM   446  C CG  . GLN A 1 67  ? -5.440  1.615   6.485   1.00 11.70 ? 120  GLN A CG  1 
ATOM   447  C CD  . GLN A 1 67  ? -5.264  0.540   7.544   1.00 10.14 ? 120  GLN A CD  1 
ATOM   448  O OE1 . GLN A 1 67  ? -5.985  -0.469  7.566   1.00 14.15 ? 120  GLN A OE1 1 
ATOM   449  N NE2 . GLN A 1 67  ? -4.287  0.739   8.416   1.00 9.77  ? 120  GLN A NE2 1 
ATOM   450  N N   . CYS A 1 68  ? -5.076  4.643   5.485   1.00 11.27 ? 121  CYS A N   1 
ATOM   451  C CA  . CYS A 1 68  ? -4.883  5.905   6.188   1.00 11.35 ? 121  CYS A CA  1 
ATOM   452  C C   . CYS A 1 68  ? -5.754  6.079   7.426   1.00 11.55 ? 121  CYS A C   1 
ATOM   453  O O   . CYS A 1 68  ? -6.970  5.910   7.357   1.00 10.77 ? 121  CYS A O   1 
ATOM   454  C CB  . CYS A 1 68  ? -5.168  7.074   5.234   1.00 11.11 ? 121  CYS A CB  1 
ATOM   455  S SG  . CYS A 1 68  ? -5.147  8.717   6.030   1.00 13.59 ? 121  CYS A SG  1 
ATOM   456  N N   . ASN A 1 69  ? -5.120  6.386   8.556   1.00 11.23 ? 122  ASN A N   1 
ATOM   457  C CA  . ASN A 1 69  ? -5.843  6.682   9.794   1.00 11.86 ? 122  ASN A CA  1 
ATOM   458  C C   . ASN A 1 69  ? -6.953  5.673   10.143  1.00 12.92 ? 122  ASN A C   1 
ATOM   459  O O   . ASN A 1 69  ? -8.015  6.062   10.631  1.00 13.30 ? 122  ASN A O   1 
ATOM   460  C CB  . ASN A 1 69  ? -6.463  8.075   9.633   1.00 12.57 ? 122  ASN A CB  1 
ATOM   461  C CG  . ASN A 1 69  ? -6.745  8.761   10.950  1.00 12.19 ? 122  ASN A CG  1 
ATOM   462  O OD1 . ASN A 1 69  ? -7.655  9.591   11.044  1.00 15.70 ? 122  ASN A OD1 1 
ATOM   463  N ND2 . ASN A 1 69  ? -5.955  8.448   11.963  1.00 10.40 ? 122  ASN A ND2 1 
ATOM   464  N N   . ALA A 1 70  ? -6.705  4.387   9.918   1.00 12.36 ? 123  ALA A N   1 
ATOM   465  C CA  . ALA A 1 70  ? -7.722  3.366   10.158  1.00 13.41 ? 123  ALA A CA  1 
ATOM   466  C C   . ALA A 1 70  ? -8.083  3.061   11.607  1.00 15.06 ? 123  ALA A C   1 
ATOM   467  O O   . ALA A 1 70  ? -9.216  2.657   11.890  1.00 13.76 ? 123  ALA A O   1 
ATOM   468  C CB  . ALA A 1 70  ? -7.330  2.071   9.454   1.00 14.10 ? 123  ALA A CB  1 
ATOM   469  N N   . GLU A 1 71  ? -7.135  3.244   12.519  1.00 14.96 ? 124  GLU A N   1 
ATOM   470  C CA  . GLU A 1 71  ? -7.382  2.935   13.924  1.00 18.64 ? 124  GLU A CA  1 
ATOM   471  C C   . GLU A 1 71  ? -8.170  4.005   14.677  1.00 18.96 ? 124  GLU A C   1 
ATOM   472  O O   . GLU A 1 71  ? -8.793  3.715   15.703  1.00 21.17 ? 124  GLU A O   1 
ATOM   473  C CB  . GLU A 1 71  ? -6.051  2.656   14.632  1.00 19.71 ? 124  GLU A CB  1 
ATOM   474  C CG  . GLU A 1 71  ? -5.217  1.584   13.934  1.00 25.91 ? 124  GLU A CG  1 
ATOM   475  C CD  . GLU A 1 71  ? -4.060  1.074   14.779  1.00 30.18 ? 124  GLU A CD  1 
ATOM   476  O OE1 . GLU A 1 71  ? -3.389  1.897   15.436  1.00 35.65 ? 124  GLU A OE1 1 
ATOM   477  O OE2 . GLU A 1 71  ? -3.818  -0.150  14.779  1.00 27.98 ? 124  GLU A OE2 1 
ATOM   478  N N   . SER A 1 72  ? -8.167  5.230   14.163  1.00 18.40 ? 125  SER A N   1 
ATOM   479  C CA  . SER A 1 72  ? -8.897  6.325   14.806  1.00 19.53 ? 125  SER A CA  1 
ATOM   480  C C   . SER A 1 72  ? -10.402 6.077   14.850  1.00 19.31 ? 125  SER A C   1 
ATOM   481  O O   . SER A 1 72  ? -10.985 5.589   13.884  1.00 18.58 ? 125  SER A O   1 
ATOM   482  C CB  . SER A 1 72  ? -8.631  7.640   14.066  1.00 19.71 ? 125  SER A CB  1 
ATOM   483  O OG  . SER A 1 72  ? -9.409  8.692   14.612  1.00 21.72 ? 125  SER A OG  1 
ATOM   484  N N   . ASP A 1 73  ? -11.027 6.418   15.976  1.00 20.81 ? 126  ASP A N   1 
ATOM   485  C CA  . ASP A 1 73  ? -12.470 6.250   16.128  1.00 21.94 ? 126  ASP A CA  1 
ATOM   486  C C   . ASP A 1 73  ? -13.234 7.421   15.518  1.00 21.12 ? 126  ASP A C   1 
ATOM   487  O O   . ASP A 1 73  ? -14.465 7.420   15.481  1.00 21.13 ? 126  ASP A O   1 
ATOM   488  C CB  . ASP A 1 73  ? -12.851 6.121   17.608  1.00 27.27 ? 126  ASP A CB  1 
ATOM   489  C CG  . ASP A 1 73  ? -12.419 4.799   18.209  1.00 31.91 ? 126  ASP A CG  1 
ATOM   490  O OD1 . ASP A 1 73  ? -12.728 3.746   17.614  1.00 34.33 ? 126  ASP A OD1 1 
ATOM   491  O OD2 . ASP A 1 73  ? -11.781 4.813   19.285  1.00 37.25 ? 126  ASP A OD2 1 
ATOM   492  N N   . SER A 1 74  ? -12.506 8.424   15.039  1.00 19.03 ? 127  SER A N   1 
ATOM   493  C CA  . SER A 1 74  ? -13.134 9.595   14.432  1.00 17.83 ? 127  SER A CA  1 
ATOM   494  C C   . SER A 1 74  ? -13.850 9.274   13.125  1.00 17.12 ? 127  SER A C   1 
ATOM   495  O O   . SER A 1 74  ? -13.400 8.435   12.343  1.00 16.82 ? 127  SER A O   1 
ATOM   496  C CB  . SER A 1 74  ? -12.086 10.678  14.160  1.00 19.09 ? 127  SER A CB  1 
ATOM   497  O OG  . SER A 1 74  ? -12.640 11.737  13.392  1.00 17.89 ? 127  SER A OG  1 
ATOM   498  N N   . THR A 1 75  ? -14.970 9.951   12.897  1.00 16.53 ? 128  THR A N   1 
ATOM   499  C CA  . THR A 1 75  ? -15.734 9.775   11.670  1.00 16.18 ? 128  THR A CA  1 
ATOM   500  C C   . THR A 1 75  ? -15.847 11.137  10.982  1.00 15.97 ? 128  THR A C   1 
ATOM   501  O O   . THR A 1 75  ? -16.637 11.312  10.061  1.00 17.18 ? 128  THR A O   1 
ATOM   502  C CB  . THR A 1 75  ? -17.159 9.246   11.951  1.00 18.42 ? 128  THR A CB  1 
ATOM   503  O OG1 . THR A 1 75  ? -17.880 10.209  12.730  1.00 18.18 ? 128  THR A OG1 1 
ATOM   504  C CG2 . THR A 1 75  ? -17.099 7.932   12.715  1.00 18.39 ? 128  THR A CG2 1 
ATOM   505  N N   . SER A 1 76  ? -15.042 12.097  11.429  1.00 13.72 ? 129  SER A N   1 
ATOM   506  C CA  . SER A 1 76  ? -15.081 13.447  10.866  1.00 14.20 ? 129  SER A CA  1 
ATOM   507  C C   . SER A 1 76  ? -13.907 13.787  9.951   1.00 13.05 ? 129  SER A C   1 
ATOM   508  O O   . SER A 1 76  ? -13.930 14.799  9.251   1.00 12.98 ? 129  SER A O   1 
ATOM   509  C CB  . SER A 1 76  ? -15.117 14.476  12.000  1.00 15.10 ? 129  SER A CB  1 
ATOM   510  O OG  . SER A 1 76  ? -13.882 14.483  12.703  1.00 18.64 ? 129  SER A OG  1 
ATOM   511  N N   . TRP A 1 77  ? -12.888 12.938  9.952   1.00 11.63 ? 130  TRP A N   1 
ATOM   512  C CA  . TRP A 1 77  ? -11.688 13.191  9.165   1.00 10.81 ? 130  TRP A CA  1 
ATOM   513  C C   . TRP A 1 77  ? -11.738 12.795  7.694   1.00 10.11 ? 130  TRP A C   1 
ATOM   514  O O   . TRP A 1 77  ? -12.488 11.912  7.298   1.00 12.60 ? 130  TRP A O   1 
ATOM   515  C CB  . TRP A 1 77  ? -10.494 12.474  9.810   1.00 11.26 ? 130  TRP A CB  1 
ATOM   516  C CG  . TRP A 1 77  ? -10.535 10.974  9.654   1.00 12.08 ? 130  TRP A CG  1 
ATOM   517  C CD1 . TRP A 1 77  ? -11.188 10.072  10.453  1.00 13.42 ? 130  TRP A CD1 1 
ATOM   518  C CD2 . TRP A 1 77  ? -9.933  10.212  8.602   1.00 11.84 ? 130  TRP A CD2 1 
ATOM   519  N NE1 . TRP A 1 77  ? -11.030 8.795   9.957   1.00 12.05 ? 130  TRP A NE1 1 
ATOM   520  C CE2 . TRP A 1 77  ? -10.265 8.854   8.821   1.00 11.92 ? 130  TRP A CE2 1 
ATOM   521  C CE3 . TRP A 1 77  ? -9.146  10.545  7.490   1.00 11.67 ? 130  TRP A CE3 1 
ATOM   522  C CZ2 . TRP A 1 77  ? -9.836  7.830   7.967   1.00 12.56 ? 130  TRP A CZ2 1 
ATOM   523  C CZ3 . TRP A 1 77  ? -8.719  9.525   6.641   1.00 12.23 ? 130  TRP A CZ3 1 
ATOM   524  C CH2 . TRP A 1 77  ? -9.067  8.186   6.886   1.00 10.58 ? 130  TRP A CH2 1 
ATOM   525  N N   . SER A 1 78  ? -10.921 13.465  6.888   1.00 10.56 ? 131  SER A N   1 
ATOM   526  C CA  . SER A 1 78  ? -10.804 13.137  5.470   1.00 11.05 ? 131  SER A CA  1 
ATOM   527  C C   . SER A 1 78  ? -9.477  13.685  4.974   1.00 10.80 ? 131  SER A C   1 
ATOM   528  O O   . SER A 1 78  ? -8.972  14.680  5.492   1.00 11.79 ? 131  SER A O   1 
ATOM   529  C CB  . SER A 1 78  ? -11.969 13.713  4.647   1.00 11.53 ? 131  SER A CB  1 
ATOM   530  O OG  . SER A 1 78  ? -11.938 15.127  4.606   1.00 12.44 ? 131  SER A OG  1 
ATOM   531  N N   . CYS A 1 79  ? -8.894  13.010  3.993   1.00 11.33 ? 132  CYS A N   1 
ATOM   532  C CA  . CYS A 1 79  ? -7.623  13.440  3.436   1.00 10.75 ? 132  CYS A CA  1 
ATOM   533  C C   . CYS A 1 79  ? -7.476  12.923  2.022   1.00 11.08 ? 132  CYS A C   1 
ATOM   534  O O   . CYS A 1 79  ? -7.501  11.713  1.785   1.00 11.11 ? 132  CYS A O   1 
ATOM   535  C CB  . CYS A 1 79  ? -6.462  12.922  4.287   1.00 10.82 ? 132  CYS A CB  1 
ATOM   536  S SG  . CYS A 1 79  ? -4.817  13.393  3.654   1.00 14.14 ? 132  CYS A SG  1 
ATOM   537  N N   . HIS A 1 80  ? -7.339  13.840  1.073   1.00 10.68 ? 133  HIS A N   1 
ATOM   538  C CA  . HIS A 1 80  ? -7.167  13.429  -0.308  1.00 11.90 ? 133  HIS A CA  1 
ATOM   539  C C   . HIS A 1 80  ? -5.684  13.262  -0.573  1.00 12.32 ? 133  HIS A C   1 
ATOM   540  O O   . HIS A 1 80  ? -4.876  14.098  -0.177  1.00 11.60 ? 133  HIS A O   1 
ATOM   541  C CB  . HIS A 1 80  ? -7.733  14.467  -1.269  1.00 14.17 ? 133  HIS A CB  1 
ATOM   542  C CG  . HIS A 1 80  ? -7.961  13.927  -2.641  1.00 17.52 ? 133  HIS A CG  1 
ATOM   543  N ND1 . HIS A 1 80  ? -9.181  13.433  -3.051  1.00 22.29 ? 133  HIS A ND1 1 
ATOM   544  C CD2 . HIS A 1 80  ? -7.105  13.719  -3.669  1.00 19.35 ? 133  HIS A CD2 1 
ATOM   545  C CE1 . HIS A 1 80  ? -9.067  12.943  -4.272  1.00 20.35 ? 133  HIS A CE1 1 
ATOM   546  N NE2 . HIS A 1 80  ? -7.818  13.104  -4.669  1.00 20.93 ? 133  HIS A NE2 1 
ATOM   547  N N   . ALA A 1 81  ? -5.327  12.177  -1.247  1.00 11.51 ? 134  ALA A N   1 
ATOM   548  C CA  . ALA A 1 81  ? -3.935  11.914  -1.548  1.00 11.74 ? 134  ALA A CA  1 
ATOM   549  C C   . ALA A 1 81  ? -3.765  11.179  -2.863  1.00 11.90 ? 134  ALA A C   1 
ATOM   550  O O   . ALA A 1 81  ? -4.680  10.520  -3.346  1.00 13.24 ? 134  ALA A O   1 
ATOM   551  C CB  . ALA A 1 81  ? -3.307  11.088  -0.422  1.00 9.69  ? 134  ALA A CB  1 
ATOM   552  N N   . GLN A 1 82  ? -2.580  11.321  -3.438  1.00 12.91 ? 135  GLN A N   1 
ATOM   553  C CA  . GLN A 1 82  ? -2.221  10.623  -4.657  1.00 13.96 ? 135  GLN A CA  1 
ATOM   554  C C   . GLN A 1 82  ? -1.030  9.784   -4.221  1.00 13.63 ? 135  GLN A C   1 
ATOM   555  O O   . GLN A 1 82  ? -0.293  10.172  -3.312  1.00 13.70 ? 135  GLN A O   1 
ATOM   556  C CB  . GLN A 1 82  ? -1.797  11.598  -5.758  1.00 17.73 ? 135  GLN A CB  1 
ATOM   557  C CG  . GLN A 1 82  ? -2.946  12.400  -6.350  1.00 25.78 ? 135  GLN A CG  1 
ATOM   558  C CD  . GLN A 1 82  ? -2.512  13.232  -7.541  1.00 29.99 ? 135  GLN A CD  1 
ATOM   559  O OE1 . GLN A 1 82  ? -1.673  14.126  -7.417  1.00 33.35 ? 135  GLN A OE1 1 
ATOM   560  N NE2 . GLN A 1 82  ? -3.079  12.936  -8.707  1.00 33.76 ? 135  GLN A NE2 1 
ATOM   561  N N   . ALA A 1 83  ? -0.848  8.626   -4.834  1.00 13.01 ? 136  ALA A N   1 
ATOM   562  C CA  . ALA A 1 83  ? 0.277   7.796   -4.450  1.00 13.50 ? 136  ALA A CA  1 
ATOM   563  C C   . ALA A 1 83  ? 0.699   6.845   -5.545  1.00 13.56 ? 136  ALA A C   1 
ATOM   564  O O   . ALA A 1 83  ? -0.056  6.564   -6.478  1.00 13.77 ? 136  ALA A O   1 
ATOM   565  C CB  . ALA A 1 83  ? -0.063  6.998   -3.187  1.00 11.25 ? 136  ALA A CB  1 
ATOM   566  N N   . VAL A 1 84  ? 1.930   6.368   -5.418  1.00 13.16 ? 137  VAL A N   1 
ATOM   567  C CA  . VAL A 1 84  ? 2.487   5.400   -6.345  1.00 13.00 ? 137  VAL A CA  1 
ATOM   568  C C   . VAL A 1 84  ? 2.758   4.148   -5.513  1.00 13.27 ? 137  VAL A C   1 
ATOM   569  O O   . VAL A 1 84  ? 3.560   4.178   -4.578  1.00 13.60 ? 137  VAL A O   1 
ATOM   570  C CB  . VAL A 1 84  ? 3.816   5.904   -6.954  1.00 15.33 ? 137  VAL A CB  1 
ATOM   571  C CG1 . VAL A 1 84  ? 4.440   4.813   -7.824  1.00 14.85 ? 137  VAL A CG1 1 
ATOM   572  C CG2 . VAL A 1 84  ? 3.564   7.164   -7.780  1.00 15.35 ? 137  VAL A CG2 1 
ATOM   573  N N   . LEU A 1 85  ? 2.052   3.067   -5.825  1.00 12.82 ? 138  LEU A N   1 
ATOM   574  C CA  . LEU A 1 85  ? 2.240   1.801   -5.127  1.00 12.72 ? 138  LEU A CA  1 
ATOM   575  C C   . LEU A 1 85  ? 3.188   0.995   -5.997  1.00 13.10 ? 138  LEU A C   1 
ATOM   576  O O   . LEU A 1 85  ? 2.917   0.773   -7.175  1.00 12.88 ? 138  LEU A O   1 
ATOM   577  C CB  . LEU A 1 85  ? 0.907   1.066   -4.965  1.00 12.62 ? 138  LEU A CB  1 
ATOM   578  C CG  . LEU A 1 85  ? 0.076   1.487   -3.745  1.00 13.90 ? 138  LEU A CG  1 
ATOM   579  C CD1 . LEU A 1 85  ? -0.159  2.991   -3.759  1.00 14.93 ? 138  LEU A CD1 1 
ATOM   580  C CD2 . LEU A 1 85  ? -1.240  0.728   -3.744  1.00 14.02 ? 138  LEU A CD2 1 
ATOM   581  N N   . LYS A 1 86  ? 4.300   0.562   -5.415  1.00 12.76 ? 139  LYS A N   1 
ATOM   582  C CA  . LYS A 1 86  ? 5.298   -0.173  -6.175  1.00 13.94 ? 139  LYS A CA  1 
ATOM   583  C C   . LYS A 1 86  ? 5.835   -1.424  -5.495  1.00 13.84 ? 139  LYS A C   1 
ATOM   584  O O   . LYS A 1 86  ? 6.076   -1.435  -4.286  1.00 13.55 ? 139  LYS A O   1 
ATOM   585  C CB  . LYS A 1 86  ? 6.469   0.771   -6.495  1.00 16.82 ? 139  LYS A CB  1 
ATOM   586  C CG  . LYS A 1 86  ? 7.649   0.107   -7.194  1.00 17.83 ? 139  LYS A CG  1 
ATOM   587  C CD  . LYS A 1 86  ? 8.637   1.133   -7.749  1.00 22.98 ? 139  LYS A CD  1 
ATOM   588  C CE  . LYS A 1 86  ? 9.337   1.916   -6.659  1.00 26.45 ? 139  LYS A CE  1 
ATOM   589  N NZ  . LYS A 1 86  ? 10.397  2.809   -7.225  1.00 29.81 ? 139  LYS A NZ  1 
ATOM   590  N N   . ILE A 1 87  ? 5.992   -2.490  -6.273  1.00 11.90 ? 140  ILE A N   1 
ATOM   591  C CA  . ILE A 1 87  ? 6.574   -3.717  -5.749  1.00 12.93 ? 140  ILE A CA  1 
ATOM   592  C C   . ILE A 1 87  ? 7.991   -3.686  -6.309  1.00 13.03 ? 140  ILE A C   1 
ATOM   593  O O   . ILE A 1 87  ? 8.194   -3.714  -7.521  1.00 13.91 ? 140  ILE A O   1 
ATOM   594  C CB  . ILE A 1 87  ? 5.828   -4.983  -6.224  1.00 12.96 ? 140  ILE A CB  1 
ATOM   595  C CG1 . ILE A 1 87  ? 4.443   -5.035  -5.570  1.00 14.28 ? 140  ILE A CG1 1 
ATOM   596  C CG2 . ILE A 1 87  ? 6.631   -6.227  -5.840  1.00 13.66 ? 140  ILE A CG2 1 
ATOM   597  C CD1 . ILE A 1 87  ? 3.649   -6.308  -5.848  1.00 12.75 ? 140  ILE A CD1 1 
ATOM   598  N N   . ILE A 1 88  ? 8.960   -3.606  -5.407  1.00 13.07 ? 141  ILE A N   1 
ATOM   599  C CA  . ILE A 1 88  ? 10.366  -3.507  -5.771  1.00 13.31 ? 141  ILE A CA  1 
ATOM   600  C C   . ILE A 1 88  ? 10.973  -4.732  -6.436  1.00 12.38 ? 141  ILE A C   1 
ATOM   601  O O   . ILE A 1 88  ? 10.776  -5.855  -5.984  1.00 12.37 ? 141  ILE A O   1 
ATOM   602  C CB  . ILE A 1 88  ? 11.227  -3.182  -4.525  1.00 15.13 ? 141  ILE A CB  1 
ATOM   603  C CG1 . ILE A 1 88  ? 10.738  -1.885  -3.875  1.00 15.29 ? 141  ILE A CG1 1 
ATOM   604  C CG2 . ILE A 1 88  ? 12.700  -3.058  -4.919  1.00 15.62 ? 141  ILE A CG2 1 
ATOM   605  C CD1 . ILE A 1 88  ? 10.826  -0.667  -4.772  1.00 20.32 ? 141  ILE A CD1 1 
ATOM   606  N N   . ASN A 1 89  ? 11.696  -4.505  -7.526  1.00 12.77 ? 142  ASN A N   1 
ATOM   607  C CA  . ASN A 1 89  ? 12.403  -5.586  -8.198  1.00 14.64 ? 142  ASN A CA  1 
ATOM   608  C C   . ASN A 1 89  ? 13.836  -5.356  -7.728  1.00 15.64 ? 142  ASN A C   1 
ATOM   609  O O   . ASN A 1 89  ? 14.469  -4.360  -8.098  1.00 16.58 ? 142  ASN A O   1 
ATOM   610  C CB  . ASN A 1 89  ? 12.307  -5.461  -9.719  1.00 13.99 ? 142  ASN A CB  1 
ATOM   611  C CG  . ASN A 1 89  ? 12.907  -6.656  -10.429 1.00 15.26 ? 142  ASN A CG  1 
ATOM   612  O OD1 . ASN A 1 89  ? 14.121  -6.849  -10.421 1.00 14.38 ? 142  ASN A OD1 1 
ATOM   613  N ND2 . ASN A 1 89  ? 12.056  -7.480  -11.024 1.00 14.98 ? 142  ASN A ND2 1 
ATOM   614  N N   . TYR A 1 90  ? 14.337  -6.261  -6.892  1.00 16.90 ? 143  TYR A N   1 
ATOM   615  C CA  . TYR A 1 90  ? 15.674  -6.117  -6.328  1.00 20.66 ? 143  TYR A CA  1 
ATOM   616  C C   . TYR A 1 90  ? 16.817  -6.263  -7.326  1.00 21.63 ? 143  TYR A C   1 
ATOM   617  O O   . TYR A 1 90  ? 17.922  -5.783  -7.080  1.00 21.57 ? 143  TYR A O   1 
ATOM   618  C CB  . TYR A 1 90  ? 15.857  -7.098  -5.159  1.00 24.46 ? 143  TYR A CB  1 
ATOM   619  C CG  . TYR A 1 90  ? 16.298  -8.494  -5.543  1.00 28.28 ? 143  TYR A CG  1 
ATOM   620  C CD1 . TYR A 1 90  ? 17.644  -8.779  -5.781  1.00 30.31 ? 143  TYR A CD1 1 
ATOM   621  C CD2 . TYR A 1 90  ? 15.372  -9.530  -5.667  1.00 30.29 ? 143  TYR A CD2 1 
ATOM   622  C CE1 . TYR A 1 90  ? 18.057  -10.062 -6.132  1.00 31.58 ? 143  TYR A CE1 1 
ATOM   623  C CE2 . TYR A 1 90  ? 15.774  -10.816 -6.019  1.00 31.22 ? 143  TYR A CE2 1 
ATOM   624  C CZ  . TYR A 1 90  ? 17.117  -11.075 -6.250  1.00 32.45 ? 143  TYR A CZ  1 
ATOM   625  O OH  . TYR A 1 90  ? 17.517  -12.343 -6.600  1.00 32.65 ? 143  TYR A OH  1 
ATOM   626  N N   . ARG A 1 91  ? 16.557  -6.915  -8.453  1.00 21.96 ? 144  ARG A N   1 
ATOM   627  C CA  . ARG A 1 91  ? 17.596  -7.097  -9.458  1.00 24.21 ? 144  ARG A CA  1 
ATOM   628  C C   . ARG A 1 91  ? 17.735  -5.895  -10.382 1.00 25.00 ? 144  ARG A C   1 
ATOM   629  O O   . ARG A 1 91  ? 18.829  -5.599  -10.866 1.00 26.41 ? 144  ARG A O   1 
ATOM   630  C CB  . ARG A 1 91  ? 17.305  -8.335  -10.301 1.00 23.90 ? 144  ARG A CB  1 
ATOM   631  C CG  . ARG A 1 91  ? 17.256  -9.621  -9.510  1.00 25.93 ? 144  ARG A CG  1 
ATOM   632  C CD  . ARG A 1 91  ? 17.077  -10.804 -10.438 1.00 26.69 ? 144  ARG A CD  1 
ATOM   633  N NE  . ARG A 1 91  ? 17.067  -12.065 -9.709  1.00 28.29 ? 144  ARG A NE  1 
ATOM   634  C CZ  . ARG A 1 91  ? 16.865  -13.248 -10.276 1.00 29.43 ? 144  ARG A CZ  1 
ATOM   635  N NH1 . ARG A 1 91  ? 16.658  -13.332 -11.583 1.00 28.34 ? 144  ARG A NH1 1 
ATOM   636  N NH2 . ARG A 1 91  ? 16.870  -14.347 -9.535  1.00 31.08 ? 144  ARG A NH2 1 
ATOM   637  N N   . ASP A 1 92  ? 16.629  -5.202  -10.623 1.00 23.87 ? 145  ASP A N   1 
ATOM   638  C CA  . ASP A 1 92  ? 16.632  -4.050  -11.520 1.00 24.14 ? 145  ASP A CA  1 
ATOM   639  C C   . ASP A 1 92  ? 15.479  -3.110  -11.172 1.00 23.90 ? 145  ASP A C   1 
ATOM   640  O O   . ASP A 1 92  ? 14.319  -3.413  -11.445 1.00 22.43 ? 145  ASP A O   1 
ATOM   641  C CB  . ASP A 1 92  ? 16.497  -4.551  -12.960 1.00 23.96 ? 145  ASP A CB  1 
ATOM   642  C CG  . ASP A 1 92  ? 16.566  -3.438  -13.986 1.00 25.01 ? 145  ASP A CG  1 
ATOM   643  O OD1 . ASP A 1 92  ? 16.652  -3.764  -15.188 1.00 25.93 ? 145  ASP A OD1 1 
ATOM   644  O OD2 . ASP A 1 92  ? 16.530  -2.252  -13.602 1.00 24.20 ? 145  ASP A OD2 1 
ATOM   645  N N   . ASP A 1 93  ? 15.808  -1.970  -10.570 1.00 24.19 ? 146  ASP A N   1 
ATOM   646  C CA  . ASP A 1 93  ? 14.793  -0.998  -10.168 1.00 26.39 ? 146  ASP A CA  1 
ATOM   647  C C   . ASP A 1 93  ? 13.873  -0.585  -11.314 1.00 26.54 ? 146  ASP A C   1 
ATOM   648  O O   . ASP A 1 93  ? 12.708  -0.257  -11.093 1.00 25.89 ? 146  ASP A O   1 
ATOM   649  C CB  . ASP A 1 93  ? 15.451  0.253   -9.582  1.00 29.63 ? 146  ASP A CB  1 
ATOM   650  C CG  . ASP A 1 93  ? 14.446  1.180   -8.912  1.00 33.59 ? 146  ASP A CG  1 
ATOM   651  O OD1 . ASP A 1 93  ? 14.784  2.364   -8.697  1.00 37.42 ? 146  ASP A OD1 1 
ATOM   652  O OD2 . ASP A 1 93  ? 13.326  0.725   -8.589  1.00 35.15 ? 146  ASP A OD2 1 
ATOM   653  N N   . GLU A 1 94  ? 14.394  -0.593  -12.538 1.00 25.88 ? 147  GLU A N   1 
ATOM   654  C CA  . GLU A 1 94  ? 13.583  -0.213  -13.685 1.00 25.82 ? 147  GLU A CA  1 
ATOM   655  C C   . GLU A 1 94  ? 12.508  -1.247  -13.976 1.00 24.49 ? 147  GLU A C   1 
ATOM   656  O O   . GLU A 1 94  ? 11.590  -0.991  -14.755 1.00 23.76 ? 147  GLU A O   1 
ATOM   657  C CB  . GLU A 1 94  ? 14.452  -0.015  -14.930 1.00 28.04 ? 147  GLU A CB  1 
ATOM   658  C CG  . GLU A 1 94  ? 15.350  1.203   -14.868 1.00 32.83 ? 147  GLU A CG  1 
ATOM   659  C CD  . GLU A 1 94  ? 15.952  1.540   -16.217 1.00 36.26 ? 147  GLU A CD  1 
ATOM   660  O OE1 . GLU A 1 94  ? 16.666  0.685   -16.783 1.00 37.99 ? 147  GLU A OE1 1 
ATOM   661  O OE2 . GLU A 1 94  ? 15.707  2.659   -16.715 1.00 38.39 ? 147  GLU A OE2 1 
ATOM   662  N N   . LYS A 1 95  ? 12.621  -2.417  -13.351 1.00 21.22 ? 148  LYS A N   1 
ATOM   663  C CA  . LYS A 1 95  ? 11.635  -3.468  -13.551 1.00 20.07 ? 148  LYS A CA  1 
ATOM   664  C C   . LYS A 1 95  ? 10.657  -3.579  -12.383 1.00 18.32 ? 148  LYS A C   1 
ATOM   665  O O   . LYS A 1 95  ? 9.877   -4.528  -12.305 1.00 19.08 ? 148  LYS A O   1 
ATOM   666  C CB  . LYS A 1 95  ? 12.325  -4.810  -13.804 1.00 21.23 ? 148  LYS A CB  1 
ATOM   667  C CG  . LYS A 1 95  ? 12.941  -4.902  -15.199 1.00 23.11 ? 148  LYS A CG  1 
ATOM   668  C CD  . LYS A 1 95  ? 13.492  -6.290  -15.488 1.00 26.42 ? 148  LYS A CD  1 
ATOM   669  C CE  . LYS A 1 95  ? 14.063  -6.368  -16.900 1.00 27.03 ? 148  LYS A CE  1 
ATOM   670  N NZ  . LYS A 1 95  ? 14.671  -7.698  -17.183 1.00 27.94 ? 148  LYS A NZ  1 
ATOM   671  N N   . SER A 1 96  ? 10.711  -2.615  -11.473 1.00 18.29 ? 149  SER A N   1 
ATOM   672  C CA  . SER A 1 96  ? 9.780   -2.597  -10.347 1.00 18.28 ? 149  SER A CA  1 
ATOM   673  C C   . SER A 1 96  ? 8.400   -2.371  -10.967 1.00 18.80 ? 149  SER A C   1 
ATOM   674  O O   . SER A 1 96  ? 8.277   -1.650  -11.958 1.00 20.14 ? 149  SER A O   1 
ATOM   675  C CB  . SER A 1 96  ? 10.127  -1.461  -9.385  1.00 16.32 ? 149  SER A CB  1 
ATOM   676  O OG  . SER A 1 96  ? 11.363  -1.708  -8.734  1.00 17.04 ? 149  SER A OG  1 
ATOM   677  N N   . PHE A 1 97  ? 7.376   -2.996  -10.395 1.00 18.15 ? 150  PHE A N   1 
ATOM   678  C CA  . PHE A 1 97  ? 6.006   -2.894  -10.905 1.00 19.39 ? 150  PHE A CA  1 
ATOM   679  C C   . PHE A 1 97  ? 5.244   -1.819  -10.129 1.00 18.54 ? 150  PHE A C   1 
ATOM   680  O O   . PHE A 1 97  ? 5.087   -1.933  -8.914  1.00 16.58 ? 150  PHE A O   1 
ATOM   681  C CB  . PHE A 1 97  ? 5.304   -4.247  -10.740 1.00 22.04 ? 150  PHE A CB  1 
ATOM   682  C CG  . PHE A 1 97  ? 4.068   -4.405  -11.583 1.00 26.32 ? 150  PHE A CG  1 
ATOM   683  C CD1 . PHE A 1 97  ? 4.146   -4.965  -12.855 1.00 29.95 ? 150  PHE A CD1 1 
ATOM   684  C CD2 . PHE A 1 97  ? 2.828   -3.997  -11.107 1.00 26.87 ? 150  PHE A CD2 1 
ATOM   685  C CE1 . PHE A 1 97  ? 3.004   -5.118  -13.641 1.00 30.94 ? 150  PHE A CE1 1 
ATOM   686  C CE2 . PHE A 1 97  ? 1.680   -4.144  -11.885 1.00 29.34 ? 150  PHE A CE2 1 
ATOM   687  C CZ  . PHE A 1 97  ? 1.768   -4.706  -13.154 1.00 31.03 ? 150  PHE A CZ  1 
ATOM   688  N N   . SER A 1 98  ? 4.752   -0.796  -10.825 1.00 18.02 ? 151  SER A N   1 
ATOM   689  C CA  . SER A 1 98  ? 4.038   0.294   -10.156 1.00 18.89 ? 151  SER A CA  1 
ATOM   690  C C   . SER A 1 98  ? 2.684   0.679   -10.751 1.00 18.24 ? 151  SER A C   1 
ATOM   691  O O   . SER A 1 98  ? 2.438   0.507   -11.946 1.00 18.50 ? 151  SER A O   1 
ATOM   692  C CB  . SER A 1 98  ? 4.919   1.547   -10.124 1.00 20.76 ? 151  SER A CB  1 
ATOM   693  O OG  . SER A 1 98  ? 6.162   1.291   -9.495  1.00 27.51 ? 151  SER A OG  1 
ATOM   694  N N   . ARG A 1 99  ? 1.812   1.199   -9.893  1.00 15.71 ? 152  ARG A N   1 
ATOM   695  C CA  . ARG A 1 99  ? 0.489   1.668   -10.293 1.00 15.22 ? 152  ARG A CA  1 
ATOM   696  C C   . ARG A 1 99  ? 0.207   2.912   -9.465  1.00 15.90 ? 152  ARG A C   1 
ATOM   697  O O   . ARG A 1 99  ? 0.630   3.010   -8.311  1.00 15.60 ? 152  ARG A O   1 
ATOM   698  C CB  . ARG A 1 99  ? -0.597  0.624   -10.015 1.00 14.40 ? 152  ARG A CB  1 
ATOM   699  C CG  . ARG A 1 99  ? -0.507  -0.659  -10.840 1.00 15.50 ? 152  ARG A CG  1 
ATOM   700  C CD  . ARG A 1 99  ? -1.708  -1.540  -10.530 1.00 16.79 ? 152  ARG A CD  1 
ATOM   701  N NE  . ARG A 1 99  ? -1.631  -2.871  -11.129 1.00 17.98 ? 152  ARG A NE  1 
ATOM   702  C CZ  . ARG A 1 99  ? -1.840  -3.140  -12.415 1.00 19.50 ? 152  ARG A CZ  1 
ATOM   703  N NH1 . ARG A 1 99  ? -2.143  -2.165  -13.263 1.00 19.15 ? 152  ARG A NH1 1 
ATOM   704  N NH2 . ARG A 1 99  ? -1.761  -4.394  -12.848 1.00 17.63 ? 152  ARG A NH2 1 
ATOM   705  N N   . ARG A 1 100 ? -0.504  3.864   -10.054 1.00 15.85 ? 153  ARG A N   1 
ATOM   706  C CA  . ARG A 1 100 ? -0.827  5.105   -9.365  1.00 16.40 ? 153  ARG A CA  1 
ATOM   707  C C   . ARG A 1 100 ? -2.277  5.126   -8.902  1.00 14.28 ? 153  ARG A C   1 
ATOM   708  O O   . ARG A 1 100 ? -3.142  4.474   -9.492  1.00 14.24 ? 153  ARG A O   1 
ATOM   709  C CB  . ARG A 1 100 ? -0.586  6.298   -10.294 1.00 19.84 ? 153  ARG A CB  1 
ATOM   710  C CG  . ARG A 1 100 ? 0.863   6.503   -10.708 1.00 26.82 ? 153  ARG A CG  1 
ATOM   711  C CD  . ARG A 1 100 ? 0.963   7.542   -11.817 1.00 31.90 ? 153  ARG A CD  1 
ATOM   712  N NE  . ARG A 1 100 ? 2.346   7.886   -12.136 1.00 37.24 ? 153  ARG A NE  1 
ATOM   713  C CZ  . ARG A 1 100 ? 3.151   8.582   -11.336 1.00 39.21 ? 153  ARG A CZ  1 
ATOM   714  N NH1 . ARG A 1 100 ? 2.715   9.015   -10.161 1.00 39.86 ? 153  ARG A NH1 1 
ATOM   715  N NH2 . ARG A 1 100 ? 4.394   8.846   -11.715 1.00 40.51 ? 153  ARG A NH2 1 
ATOM   716  N N   . ILE A 1 101 ? -2.535  5.877   -7.837  1.00 13.44 ? 154  ILE A N   1 
ATOM   717  C CA  . ILE A 1 101 ? -3.885  6.020   -7.303  1.00 12.71 ? 154  ILE A CA  1 
ATOM   718  C C   . ILE A 1 101 ? -4.121  7.460   -6.861  1.00 13.26 ? 154  ILE A C   1 
ATOM   719  O O   . ILE A 1 101 ? -3.177  8.232   -6.677  1.00 12.01 ? 154  ILE A O   1 
ATOM   720  C CB  . ILE A 1 101 ? -4.141  5.098   -6.077  1.00 12.81 ? 154  ILE A CB  1 
ATOM   721  C CG1 . ILE A 1 101 ? -3.143  5.411   -4.959  1.00 11.54 ? 154  ILE A CG1 1 
ATOM   722  C CG2 . ILE A 1 101 ? -4.061  3.640   -6.493  1.00 13.28 ? 154  ILE A CG2 1 
ATOM   723  C CD1 . ILE A 1 101 ? -3.480  4.732   -3.636  1.00 13.37 ? 154  ILE A CD1 1 
ATOM   724  N N   . SER A 1 102 ? -5.393  7.807   -6.711  1.00 13.77 ? 155  SER A N   1 
ATOM   725  C CA  . SER A 1 102 ? -5.820  9.132   -6.269  1.00 15.28 ? 155  SER A CA  1 
ATOM   726  C C   . SER A 1 102 ? -7.111  8.825   -5.523  1.00 14.09 ? 155  SER A C   1 
ATOM   727  O O   . SER A 1 102 ? -8.026  8.227   -6.093  1.00 14.74 ? 155  SER A O   1 
ATOM   728  C CB  . SER A 1 102 ? -6.098  10.038  -7.470  1.00 16.67 ? 155  SER A CB  1 
ATOM   729  O OG  . SER A 1 102 ? -6.545  11.314  -7.047  1.00 20.78 ? 155  SER A OG  1 
ATOM   730  N N   . HIS A 1 103 ? -7.204  9.239   -4.265  1.00 13.36 ? 156  HIS A N   1 
ATOM   731  C CA  . HIS A 1 103 ? -8.382  8.894   -3.479  1.00 10.23 ? 156  HIS A CA  1 
ATOM   732  C C   . HIS A 1 103 ? -8.646  9.809   -2.287  1.00 11.82 ? 156  HIS A C   1 
ATOM   733  O O   . HIS A 1 103 ? -7.723  10.375  -1.704  1.00 10.71 ? 156  HIS A O   1 
ATOM   734  C CB  . HIS A 1 103 ? -8.198  7.449   -3.000  1.00 10.11 ? 156  HIS A CB  1 
ATOM   735  C CG  . HIS A 1 103 ? -9.259  6.958   -2.069  1.00 12.40 ? 156  HIS A CG  1 
ATOM   736  N ND1 . HIS A 1 103 ? -10.559 6.732   -2.468  1.00 12.28 ? 156  HIS A ND1 1 
ATOM   737  C CD2 . HIS A 1 103 ? -9.195  6.590   -0.767  1.00 11.71 ? 156  HIS A CD2 1 
ATOM   738  C CE1 . HIS A 1 103 ? -11.249 6.243   -1.454  1.00 14.28 ? 156  HIS A CE1 1 
ATOM   739  N NE2 . HIS A 1 103 ? -10.444 6.145   -0.411  1.00 13.63 ? 156  HIS A NE2 1 
ATOM   740  N N   . LEU A 1 104 ? -9.922  9.962   -1.943  1.00 10.19 ? 157  LEU A N   1 
ATOM   741  C CA  . LEU A 1 104 ? -10.300 10.767  -0.786  1.00 13.34 ? 157  LEU A CA  1 
ATOM   742  C C   . LEU A 1 104 ? -10.476 9.760   0.337   1.00 11.69 ? 157  LEU A C   1 
ATOM   743  O O   . LEU A 1 104 ? -11.469 9.029   0.384   1.00 11.18 ? 157  LEU A O   1 
ATOM   744  C CB  . LEU A 1 104 ? -11.618 11.519  -1.035  1.00 13.11 ? 157  LEU A CB  1 
ATOM   745  C CG  . LEU A 1 104 ? -12.164 12.457  0.056   1.00 17.04 ? 157  LEU A CG  1 
ATOM   746  C CD1 . LEU A 1 104 ? -12.780 11.655  1.186   1.00 17.57 ? 157  LEU A CD1 1 
ATOM   747  C CD2 . LEU A 1 104 ? -11.056 13.368  0.572   1.00 15.67 ? 157  LEU A CD2 1 
ATOM   748  N N   . PHE A 1 105 ? -9.493  9.705   1.225   1.00 11.15 ? 158  PHE A N   1 
ATOM   749  C CA  . PHE A 1 105 ? -9.542  8.783   2.348   1.00 11.64 ? 158  PHE A CA  1 
ATOM   750  C C   . PHE A 1 105 ? -10.414 9.339   3.471   1.00 10.83 ? 158  PHE A C   1 
ATOM   751  O O   . PHE A 1 105 ? -10.325 10.521  3.799   1.00 11.54 ? 158  PHE A O   1 
ATOM   752  C CB  . PHE A 1 105 ? -8.135  8.532   2.916   1.00 10.73 ? 158  PHE A CB  1 
ATOM   753  C CG  . PHE A 1 105 ? -7.202  7.829   1.971   1.00 10.46 ? 158  PHE A CG  1 
ATOM   754  C CD1 . PHE A 1 105 ? -6.585  8.520   0.934   1.00 9.91  ? 158  PHE A CD1 1 
ATOM   755  C CD2 . PHE A 1 105 ? -6.947  6.465   2.118   1.00 11.02 ? 158  PHE A CD2 1 
ATOM   756  C CE1 . PHE A 1 105 ? -5.721  7.864   0.050   1.00 11.69 ? 158  PHE A CE1 1 
ATOM   757  C CE2 . PHE A 1 105 ? -6.089  5.801   1.243   1.00 12.42 ? 158  PHE A CE2 1 
ATOM   758  C CZ  . PHE A 1 105 ? -5.475  6.504   0.207   1.00 11.25 ? 158  PHE A CZ  1 
ATOM   759  N N   . PHE A 1 106 ? -11.274 8.490   4.034   1.00 11.15 ? 159  PHE A N   1 
ATOM   760  C CA  . PHE A 1 106 ? -12.102 8.862   5.181   1.00 11.03 ? 159  PHE A CA  1 
ATOM   761  C C   . PHE A 1 106 ? -12.524 7.584   5.914   1.00 12.41 ? 159  PHE A C   1 
ATOM   762  O O   . PHE A 1 106 ? -12.226 6.482   5.443   1.00 10.15 ? 159  PHE A O   1 
ATOM   763  C CB  . PHE A 1 106 ? -13.302 9.753   4.790   1.00 10.62 ? 159  PHE A CB  1 
ATOM   764  C CG  . PHE A 1 106 ? -14.400 9.057   4.030   1.00 11.81 ? 159  PHE A CG  1 
ATOM   765  C CD1 . PHE A 1 106 ? -14.228 8.683   2.699   1.00 11.79 ? 159  PHE A CD1 1 
ATOM   766  C CD2 . PHE A 1 106 ? -15.643 8.856   4.628   1.00 12.11 ? 159  PHE A CD2 1 
ATOM   767  C CE1 . PHE A 1 106 ? -15.280 8.125   1.975   1.00 13.85 ? 159  PHE A CE1 1 
ATOM   768  C CE2 . PHE A 1 106 ? -16.704 8.296   3.909   1.00 12.44 ? 159  PHE A CE2 1 
ATOM   769  C CZ  . PHE A 1 106 ? -16.522 7.933   2.583   1.00 13.43 ? 159  PHE A CZ  1 
ATOM   770  N N   . HIS A 1 107 ? -13.197 7.714   7.056   1.00 11.60 ? 160  HIS A N   1 
ATOM   771  C CA  . HIS A 1 107 ? -13.542 6.524   7.836   1.00 14.32 ? 160  HIS A CA  1 
ATOM   772  C C   . HIS A 1 107 ? -14.218 5.362   7.108   1.00 15.16 ? 160  HIS A C   1 
ATOM   773  O O   . HIS A 1 107 ? -13.949 4.205   7.426   1.00 15.65 ? 160  HIS A O   1 
ATOM   774  C CB  . HIS A 1 107 ? -14.349 6.901   9.095   1.00 17.48 ? 160  HIS A CB  1 
ATOM   775  C CG  . HIS A 1 107 ? -15.779 7.258   8.832   1.00 20.55 ? 160  HIS A CG  1 
ATOM   776  N ND1 . HIS A 1 107 ? -16.154 8.409   8.175   1.00 23.02 ? 160  HIS A ND1 1 
ATOM   777  C CD2 . HIS A 1 107 ? -16.930 6.632   9.179   1.00 24.39 ? 160  HIS A CD2 1 
ATOM   778  C CE1 . HIS A 1 107 ? -17.473 8.480   8.130   1.00 24.27 ? 160  HIS A CE1 1 
ATOM   779  N NE2 . HIS A 1 107 ? -17.967 7.413   8.733   1.00 23.48 ? 160  HIS A NE2 1 
ATOM   780  N N   . LYS A 1 108 ? -15.071 5.650   6.127   1.00 15.54 ? 161  LYS A N   1 
ATOM   781  C CA  . LYS A 1 108 ? -15.756 4.587   5.390   1.00 16.31 ? 161  LYS A CA  1 
ATOM   782  C C   . LYS A 1 108 ? -14.949 4.001   4.225   1.00 15.48 ? 161  LYS A C   1 
ATOM   783  O O   . LYS A 1 108 ? -15.255 2.910   3.741   1.00 14.65 ? 161  LYS A O   1 
ATOM   784  C CB  . LYS A 1 108 ? -17.106 5.088   4.878   1.00 19.11 ? 161  LYS A CB  1 
ATOM   785  C CG  . LYS A 1 108 ? -18.135 5.311   5.975   1.00 24.74 ? 161  LYS A CG  1 
ATOM   786  C CD  . LYS A 1 108 ? -19.466 5.752   5.390   1.00 28.38 ? 161  LYS A CD  1 
ATOM   787  C CE  . LYS A 1 108 ? -20.524 5.905   6.471   1.00 30.51 ? 161  LYS A CE  1 
ATOM   788  N NZ  . LYS A 1 108 ? -21.829 6.361   5.907   1.00 33.32 ? 161  LYS A NZ  1 
ATOM   789  N N   . GLU A 1 109 ? -13.935 4.732   3.770   1.00 13.27 ? 162  GLU A N   1 
ATOM   790  C CA  . GLU A 1 109 ? -13.065 4.275   2.686   1.00 13.28 ? 162  GLU A CA  1 
ATOM   791  C C   . GLU A 1 109 ? -11.649 4.643   3.122   1.00 11.72 ? 162  GLU A C   1 
ATOM   792  O O   . GLU A 1 109 ? -10.997 5.502   2.519   1.00 11.66 ? 162  GLU A O   1 
ATOM   793  C CB  . GLU A 1 109 ? -13.429 4.973   1.360   1.00 13.98 ? 162  GLU A CB  1 
ATOM   794  C CG  . GLU A 1 109 ? -14.838 4.617   0.860   1.00 16.62 ? 162  GLU A CG  1 
ATOM   795  C CD  . GLU A 1 109 ? -15.162 5.144   -0.534  1.00 20.54 ? 162  GLU A CD  1 
ATOM   796  O OE1 . GLU A 1 109 ? -16.215 4.741   -1.076  1.00 24.21 ? 162  GLU A OE1 1 
ATOM   797  O OE2 . GLU A 1 109 ? -14.390 5.951   -1.092  1.00 19.77 ? 162  GLU A OE2 1 
ATOM   798  N N   . ASN A 1 110 ? -11.177 3.988   4.181   1.00 11.55 ? 163  ASN A N   1 
ATOM   799  C CA  . ASN A 1 110 ? -9.862  4.300   4.726   1.00 11.60 ? 163  ASN A CA  1 
ATOM   800  C C   . ASN A 1 110 ? -8.651  3.656   4.059   1.00 11.46 ? 163  ASN A C   1 
ATOM   801  O O   . ASN A 1 110 ? -7.521  3.865   4.501   1.00 11.28 ? 163  ASN A O   1 
ATOM   802  C CB  . ASN A 1 110 ? -9.827  4.045   6.240   1.00 12.64 ? 163  ASN A CB  1 
ATOM   803  C CG  . ASN A 1 110 ? -9.931  2.579   6.602   1.00 15.24 ? 163  ASN A CG  1 
ATOM   804  O OD1 . ASN A 1 110 ? -9.505  1.707   5.849   1.00 13.32 ? 163  ASN A OD1 1 
ATOM   805  N ND2 . ASN A 1 110 ? -10.469 2.304   7.786   1.00 14.77 ? 163  ASN A ND2 1 
ATOM   806  N N   . ASP A 1 111 ? -8.880  2.856   3.020   1.00 10.86 ? 164  ASP A N   1 
ATOM   807  C CA  . ASP A 1 111 ? -7.771  2.277   2.270   1.00 11.70 ? 164  ASP A CA  1 
ATOM   808  C C   . ASP A 1 111 ? -8.158  2.256   0.797   1.00 12.70 ? 164  ASP A C   1 
ATOM   809  O O   . ASP A 1 111 ? -9.336  2.338   0.452   1.00 13.52 ? 164  ASP A O   1 
ATOM   810  C CB  . ASP A 1 111 ? -7.364  0.875   2.773   1.00 13.42 ? 164  ASP A CB  1 
ATOM   811  C CG  . ASP A 1 111 ? -8.412  -0.195  2.526   1.00 15.46 ? 164  ASP A CG  1 
ATOM   812  O OD1 . ASP A 1 111 ? -9.113  -0.155  1.497   1.00 19.51 ? 164  ASP A OD1 1 
ATOM   813  O OD2 . ASP A 1 111 ? -8.504  -1.116  3.363   1.00 17.53 ? 164  ASP A OD2 1 
ATOM   814  N N   . TRP A 1 112 ? -7.159  2.169   -0.068  1.00 12.38 ? 165  TRP A N   1 
ATOM   815  C CA  . TRP A 1 112 ? -7.406  2.184   -1.500  1.00 13.39 ? 165  TRP A CA  1 
ATOM   816  C C   . TRP A 1 112 ? -6.210  1.558   -2.199  1.00 12.20 ? 165  TRP A C   1 
ATOM   817  O O   . TRP A 1 112 ? -5.065  1.773   -1.798  1.00 11.04 ? 165  TRP A O   1 
ATOM   818  C CB  . TRP A 1 112 ? -7.591  3.632   -1.950  1.00 12.28 ? 165  TRP A CB  1 
ATOM   819  C CG  . TRP A 1 112 ? -8.160  3.811   -3.324  1.00 13.04 ? 165  TRP A CG  1 
ATOM   820  C CD1 . TRP A 1 112 ? -7.501  4.249   -4.436  1.00 14.01 ? 165  TRP A CD1 1 
ATOM   821  C CD2 . TRP A 1 112 ? -9.529  3.642   -3.708  1.00 13.34 ? 165  TRP A CD2 1 
ATOM   822  N NE1 . TRP A 1 112 ? -8.379  4.376   -5.489  1.00 13.75 ? 165  TRP A NE1 1 
ATOM   823  C CE2 . TRP A 1 112 ? -9.631  4.009   -5.069  1.00 14.62 ? 165  TRP A CE2 1 
ATOM   824  C CE3 . TRP A 1 112 ? -10.683 3.221   -3.032  1.00 12.60 ? 165  TRP A CE3 1 
ATOM   825  C CZ2 . TRP A 1 112 ? -10.842 3.969   -5.768  1.00 17.55 ? 165  TRP A CZ2 1 
ATOM   826  C CZ3 . TRP A 1 112 ? -11.887 3.182   -3.728  1.00 15.23 ? 165  TRP A CZ3 1 
ATOM   827  C CH2 . TRP A 1 112 ? -11.956 3.555   -5.082  1.00 16.25 ? 165  TRP A CH2 1 
ATOM   828  N N   . GLY A 1 113 ? -6.480  0.792   -3.248  1.00 11.69 ? 166  GLY A N   1 
ATOM   829  C CA  . GLY A 1 113 ? -5.408  0.137   -3.972  1.00 11.51 ? 166  GLY A CA  1 
ATOM   830  C C   . GLY A 1 113 ? -5.976  -0.870  -4.949  1.00 12.67 ? 166  GLY A C   1 
ATOM   831  O O   . GLY A 1 113 ? -7.078  -0.677  -5.466  1.00 13.86 ? 166  GLY A O   1 
ATOM   832  N N   . PHE A 1 114 ? -5.238  -1.948  -5.199  1.00 12.24 ? 167  PHE A N   1 
ATOM   833  C CA  . PHE A 1 114 ? -5.698  -2.963  -6.137  1.00 13.58 ? 167  PHE A CA  1 
ATOM   834  C C   . PHE A 1 114 ? -5.732  -4.373  -5.560  1.00 13.91 ? 167  PHE A C   1 
ATOM   835  O O   . PHE A 1 114 ? -4.735  -4.873  -5.030  1.00 13.31 ? 167  PHE A O   1 
ATOM   836  C CB  . PHE A 1 114 ? -4.823  -2.956  -7.394  1.00 14.99 ? 167  PHE A CB  1 
ATOM   837  C CG  . PHE A 1 114 ? -4.736  -1.615  -8.068  1.00 16.66 ? 167  PHE A CG  1 
ATOM   838  C CD1 . PHE A 1 114 ? -3.902  -0.621  -7.566  1.00 16.57 ? 167  PHE A CD1 1 
ATOM   839  C CD2 . PHE A 1 114 ? -5.489  -1.348  -9.207  1.00 16.67 ? 167  PHE A CD2 1 
ATOM   840  C CE1 . PHE A 1 114 ? -3.819  0.625   -8.192  1.00 18.78 ? 167  PHE A CE1 1 
ATOM   841  C CE2 . PHE A 1 114 ? -5.413  -0.108  -9.840  1.00 17.84 ? 167  PHE A CE2 1 
ATOM   842  C CZ  . PHE A 1 114 ? -4.576  0.880   -9.330  1.00 16.60 ? 167  PHE A CZ  1 
ATOM   843  N N   . SER A 1 115 ? -6.892  -5.009  -5.668  1.00 14.31 ? 168  SER A N   1 
ATOM   844  C CA  . SER A 1 115 ? -7.067  -6.370  -5.185  1.00 16.85 ? 168  SER A CA  1 
ATOM   845  C C   . SER A 1 115 ? -6.251  -7.291  -6.091  1.00 16.80 ? 168  SER A C   1 
ATOM   846  O O   . SER A 1 115 ? -5.766  -8.342  -5.664  1.00 17.43 ? 168  SER A O   1 
ATOM   847  C CB  . SER A 1 115 ? -8.551  -6.753  -5.240  1.00 19.79 ? 168  SER A CB  1 
ATOM   848  O OG  . SER A 1 115 ? -8.763  -8.066  -4.753  1.00 26.92 ? 168  SER A OG  1 
ATOM   849  N N   . ASN A 1 116 ? -6.098  -6.874  -7.345  1.00 17.17 ? 169  ASN A N   1 
ATOM   850  C CA  . ASN A 1 116 ? -5.344  -7.632  -8.338  1.00 18.38 ? 169  ASN A CA  1 
ATOM   851  C C   . ASN A 1 116 ? -4.195  -6.759  -8.848  1.00 17.77 ? 169  ASN A C   1 
ATOM   852  O O   . ASN A 1 116 ? -4.123  -6.447  -10.041 1.00 18.01 ? 169  ASN A O   1 
ATOM   853  C CB  . ASN A 1 116 ? -6.263  -8.012  -9.506  1.00 22.22 ? 169  ASN A CB  1 
ATOM   854  C CG  . ASN A 1 116 ? -7.513  -8.748  -9.051  1.00 26.81 ? 169  ASN A CG  1 
ATOM   855  O OD1 . ASN A 1 116 ? -8.583  -8.600  -9.646  1.00 30.93 ? 169  ASN A OD1 1 
ATOM   856  N ND2 . ASN A 1 116 ? -7.381  -9.554  -8.004  1.00 27.60 ? 169  ASN A ND2 1 
ATOM   857  N N   . PHE A 1 117 ? -3.307  -6.360  -7.938  1.00 14.71 ? 170  PHE A N   1 
ATOM   858  C CA  . PHE A 1 117 ? -2.170  -5.503  -8.278  1.00 14.80 ? 170  PHE A CA  1 
ATOM   859  C C   . PHE A 1 117 ? -1.274  -6.161  -9.322  1.00 14.77 ? 170  PHE A C   1 
ATOM   860  O O   . PHE A 1 117 ? -0.841  -5.514  -10.277 1.00 14.65 ? 170  PHE A O   1 
ATOM   861  C CB  . PHE A 1 117 ? -1.365  -5.161  -7.014  1.00 13.05 ? 170  PHE A CB  1 
ATOM   862  C CG  . PHE A 1 117 ? -0.275  -4.156  -7.244  1.00 14.30 ? 170  PHE A CG  1 
ATOM   863  C CD1 . PHE A 1 117 ? 1.002   -4.568  -7.613  1.00 13.54 ? 170  PHE A CD1 1 
ATOM   864  C CD2 . PHE A 1 117 ? -0.530  -2.792  -7.109  1.00 15.19 ? 170  PHE A CD2 1 
ATOM   865  C CE1 . PHE A 1 117 ? 2.013   -3.637  -7.844  1.00 14.04 ? 170  PHE A CE1 1 
ATOM   866  C CE2 . PHE A 1 117 ? 0.476   -1.852  -7.340  1.00 15.64 ? 170  PHE A CE2 1 
ATOM   867  C CZ  . PHE A 1 117 ? 1.750   -2.276  -7.708  1.00 15.08 ? 170  PHE A CZ  1 
ATOM   868  N N   . MET A 1 118 ? -0.980  -7.440  -9.122  1.00 16.02 ? 171  MET A N   1 
ATOM   869  C CA  . MET A 1 118 ? -0.190  -8.204  -10.082 1.00 16.04 ? 171  MET A CA  1 
ATOM   870  C C   . MET A 1 118 ? -0.373  -9.691  -9.812  1.00 15.80 ? 171  MET A C   1 
ATOM   871  O O   . MET A 1 118 ? -0.802  -10.086 -8.729  1.00 13.91 ? 171  MET A O   1 
ATOM   872  C CB  . MET A 1 118 ? 1.296   -7.807  -10.045 1.00 18.90 ? 171  MET A CB  1 
ATOM   873  C CG  . MET A 1 118 ? 2.104   -8.252  -8.845  1.00 20.40 ? 171  MET A CG  1 
ATOM   874  S SD  . MET A 1 118 ? 3.852   -7.738  -9.039  1.00 27.58 ? 171  MET A SD  1 
ATOM   875  C CE  . MET A 1 118 ? 4.450   -8.985  -10.184 1.00 25.41 ? 171  MET A CE  1 
ATOM   876  N N   . ALA A 1 119 ? -0.074  -10.518 -10.810 1.00 14.17 ? 172  ALA A N   1 
ATOM   877  C CA  . ALA A 1 119 ? -0.235  -11.958 -10.665 1.00 15.31 ? 172  ALA A CA  1 
ATOM   878  C C   . ALA A 1 119 ? 0.673   -12.536 -9.590  1.00 14.49 ? 172  ALA A C   1 
ATOM   879  O O   . ALA A 1 119 ? 1.859   -12.215 -9.517  1.00 14.87 ? 172  ALA A O   1 
ATOM   880  C CB  . ALA A 1 119 ? 0.029   -12.656 -12.001 1.00 14.66 ? 172  ALA A CB  1 
ATOM   881  N N   . TRP A 1 120 ? 0.104   -13.396 -8.755  1.00 15.35 ? 173  TRP A N   1 
ATOM   882  C CA  . TRP A 1 120 ? 0.859   -14.030 -7.687  1.00 16.10 ? 173  TRP A CA  1 
ATOM   883  C C   . TRP A 1 120 ? 1.990   -14.874 -8.277  1.00 17.57 ? 173  TRP A C   1 
ATOM   884  O O   . TRP A 1 120 ? 3.103   -14.898 -7.750  1.00 16.73 ? 173  TRP A O   1 
ATOM   885  C CB  . TRP A 1 120 ? -0.076  -14.902 -6.849  1.00 16.21 ? 173  TRP A CB  1 
ATOM   886  C CG  . TRP A 1 120 ? 0.548   -15.461 -5.612  1.00 18.08 ? 173  TRP A CG  1 
ATOM   887  C CD1 . TRP A 1 120 ? 1.212   -16.648 -5.489  1.00 18.30 ? 173  TRP A CD1 1 
ATOM   888  C CD2 . TRP A 1 120 ? 0.562   -14.855 -4.315  1.00 17.39 ? 173  TRP A CD2 1 
ATOM   889  N NE1 . TRP A 1 120 ? 1.638   -16.821 -4.192  1.00 18.16 ? 173  TRP A NE1 1 
ATOM   890  C CE2 . TRP A 1 120 ? 1.252   -15.736 -3.451  1.00 19.15 ? 173  TRP A CE2 1 
ATOM   891  C CE3 . TRP A 1 120 ? 0.059   -13.654 -3.798  1.00 19.34 ? 173  TRP A CE3 1 
ATOM   892  C CZ2 . TRP A 1 120 ? 1.450   -15.453 -2.095  1.00 18.09 ? 173  TRP A CZ2 1 
ATOM   893  C CZ3 . TRP A 1 120 ? 0.257   -13.374 -2.444  1.00 19.83 ? 173  TRP A CZ3 1 
ATOM   894  C CH2 . TRP A 1 120 ? 0.946   -14.271 -1.612  1.00 17.59 ? 173  TRP A CH2 1 
ATOM   895  N N   . SER A 1 121 ? 1.708   -15.550 -9.386  1.00 17.07 ? 174  SER A N   1 
ATOM   896  C CA  . SER A 1 121 ? 2.714   -16.397 -10.023 1.00 17.81 ? 174  SER A CA  1 
ATOM   897  C C   . SER A 1 121 ? 3.922   -15.594 -10.501 1.00 17.64 ? 174  SER A C   1 
ATOM   898  O O   . SER A 1 121 ? 5.046   -16.102 -10.516 1.00 19.40 ? 174  SER A O   1 
ATOM   899  C CB  . SER A 1 121 ? 2.099   -17.152 -11.202 1.00 17.14 ? 174  SER A CB  1 
ATOM   900  O OG  . SER A 1 121 ? 1.600   -16.254 -12.176 1.00 18.39 ? 174  SER A OG  1 
ATOM   901  N N   . GLU A 1 122 ? 3.690   -14.346 -10.890 1.00 16.12 ? 175  GLU A N   1 
ATOM   902  C CA  . GLU A 1 122 ? 4.774   -13.491 -11.364 1.00 16.17 ? 175  GLU A CA  1 
ATOM   903  C C   . GLU A 1 122 ? 5.645   -12.964 -10.225 1.00 16.38 ? 175  GLU A C   1 
ATOM   904  O O   . GLU A 1 122 ? 6.871   -13.039 -10.285 1.00 15.94 ? 175  GLU A O   1 
ATOM   905  C CB  . GLU A 1 122 ? 4.214   -12.314 -12.174 1.00 16.90 ? 175  GLU A CB  1 
ATOM   906  C CG  . GLU A 1 122 ? 5.283   -11.344 -12.677 1.00 19.26 ? 175  GLU A CG  1 
ATOM   907  C CD  . GLU A 1 122 ? 4.725   -10.209 -13.519 1.00 23.57 ? 175  GLU A CD  1 
ATOM   908  O OE1 . GLU A 1 122 ? 5.482   -9.253  -13.796 1.00 25.58 ? 175  GLU A OE1 1 
ATOM   909  O OE2 . GLU A 1 122 ? 3.540   -10.270 -13.915 1.00 26.12 ? 175  GLU A OE2 1 
ATOM   910  N N   . VAL A 1 123 ? 5.018   -12.436 -9.181  1.00 15.37 ? 176  VAL A N   1 
ATOM   911  C CA  . VAL A 1 123 ? 5.783   -11.897 -8.065  1.00 15.50 ? 176  VAL A CA  1 
ATOM   912  C C   . VAL A 1 123 ? 6.579   -12.978 -7.327  1.00 14.17 ? 176  VAL A C   1 
ATOM   913  O O   . VAL A 1 123 ? 7.672   -12.709 -6.829  1.00 14.87 ? 176  VAL A O   1 
ATOM   914  C CB  . VAL A 1 123 ? 4.865   -11.149 -7.058  1.00 15.49 ? 176  VAL A CB  1 
ATOM   915  C CG1 . VAL A 1 123 ? 3.968   -12.129 -6.334  1.00 19.92 ? 176  VAL A CG1 1 
ATOM   916  C CG2 . VAL A 1 123 ? 5.715   -10.357 -6.068  1.00 18.93 ? 176  VAL A CG2 1 
ATOM   917  N N   . THR A 1 124 ? 6.050   -14.200 -7.271  1.00 13.70 ? 177  THR A N   1 
ATOM   918  C CA  . THR A 1 124 ? 6.744   -15.279 -6.570  1.00 14.43 ? 177  THR A CA  1 
ATOM   919  C C   . THR A 1 124 ? 7.685   -16.092 -7.461  1.00 16.05 ? 177  THR A C   1 
ATOM   920  O O   . THR A 1 124 ? 8.304   -17.047 -7.000  1.00 16.14 ? 177  THR A O   1 
ATOM   921  C CB  . THR A 1 124 ? 5.750   -16.258 -5.903  1.00 15.44 ? 177  THR A CB  1 
ATOM   922  O OG1 . THR A 1 124 ? 4.931   -16.872 -6.908  1.00 13.52 ? 177  THR A OG1 1 
ATOM   923  C CG2 . THR A 1 124 ? 4.863   -15.520 -4.899  1.00 15.34 ? 177  THR A CG2 1 
ATOM   924  N N   . ASP A 1 125 ? 7.790   -15.711 -8.730  1.00 16.69 ? 178  ASP A N   1 
ATOM   925  C CA  . ASP A 1 125 ? 8.670   -16.416 -9.665  1.00 18.13 ? 178  ASP A CA  1 
ATOM   926  C C   . ASP A 1 125 ? 10.114  -16.068 -9.305  1.00 19.27 ? 178  ASP A C   1 
ATOM   927  O O   . ASP A 1 125 ? 10.535  -14.923 -9.448  1.00 17.28 ? 178  ASP A O   1 
ATOM   928  C CB  . ASP A 1 125 ? 8.373   -15.968 -11.098 1.00 19.41 ? 178  ASP A CB  1 
ATOM   929  C CG  . ASP A 1 125 ? 9.104   -16.803 -12.141 1.00 21.36 ? 178  ASP A CG  1 
ATOM   930  O OD1 . ASP A 1 125 ? 10.248  -17.230 -11.881 1.00 19.58 ? 178  ASP A OD1 1 
ATOM   931  O OD2 . ASP A 1 125 ? 8.531   -17.015 -13.231 1.00 20.71 ? 178  ASP A OD2 1 
ATOM   932  N N   . PRO A 1 126 ? 10.899  -17.056 -8.844  1.00 20.78 ? 179  PRO A N   1 
ATOM   933  C CA  . PRO A 1 126 ? 12.293  -16.792 -8.472  1.00 22.59 ? 179  PRO A CA  1 
ATOM   934  C C   . PRO A 1 126 ? 13.178  -16.209 -9.570  1.00 22.94 ? 179  PRO A C   1 
ATOM   935  O O   . PRO A 1 126 ? 14.256  -15.694 -9.289  1.00 24.73 ? 179  PRO A O   1 
ATOM   936  C CB  . PRO A 1 126 ? 12.784  -18.156 -7.983  1.00 24.28 ? 179  PRO A CB  1 
ATOM   937  C CG  . PRO A 1 126 ? 11.967  -19.117 -8.786  1.00 25.14 ? 179  PRO A CG  1 
ATOM   938  C CD  . PRO A 1 126 ? 10.591  -18.492 -8.739  1.00 22.66 ? 179  PRO A CD  1 
ATOM   939  N N   . GLU A 1 127 ? 12.722  -16.274 -10.816 1.00 23.64 ? 180  GLU A N   1 
ATOM   940  C CA  . GLU A 1 127 ? 13.515  -15.756 -11.925 1.00 24.28 ? 180  GLU A CA  1 
ATOM   941  C C   . GLU A 1 127 ? 13.135  -14.340 -12.348 1.00 23.67 ? 180  GLU A C   1 
ATOM   942  O O   . GLU A 1 127 ? 13.780  -13.766 -13.224 1.00 23.36 ? 180  GLU A O   1 
ATOM   943  C CB  . GLU A 1 127 ? 13.391  -16.689 -13.135 1.00 26.91 ? 180  GLU A CB  1 
ATOM   944  C CG  . GLU A 1 127 ? 13.740  -18.140 -12.840 1.00 32.18 ? 180  GLU A CG  1 
ATOM   945  C CD  . GLU A 1 127 ? 15.175  -18.317 -12.381 1.00 35.20 ? 180  GLU A CD  1 
ATOM   946  O OE1 . GLU A 1 127 ? 16.093  -17.950 -13.144 1.00 36.47 ? 180  GLU A OE1 1 
ATOM   947  O OE2 . GLU A 1 127 ? 15.384  -18.824 -11.258 1.00 37.28 ? 180  GLU A OE2 1 
ATOM   948  N N   . LYS A 1 128 ? 12.104  -13.771 -11.726 1.00 20.65 ? 181  LYS A N   1 
ATOM   949  C CA  . LYS A 1 128 ? 11.654  -12.428 -12.092 1.00 20.62 ? 181  LYS A CA  1 
ATOM   950  C C   . LYS A 1 128 ? 12.358  -11.291 -11.359 1.00 18.85 ? 181  LYS A C   1 
ATOM   951  O O   . LYS A 1 128 ? 12.432  -10.175 -11.870 1.00 19.90 ? 181  LYS A O   1 
ATOM   952  C CB  . LYS A 1 128 ? 10.142  -12.303 -11.894 1.00 20.56 ? 181  LYS A CB  1 
ATOM   953  C CG  . LYS A 1 128 ? 9.322   -13.252 -12.762 1.00 25.21 ? 181  LYS A CG  1 
ATOM   954  C CD  . LYS A 1 128 ? 9.595   -13.041 -14.245 1.00 27.99 ? 181  LYS A CD  1 
ATOM   955  C CE  . LYS A 1 128 ? 8.719   -13.949 -15.095 1.00 27.42 ? 181  LYS A CE  1 
ATOM   956  N NZ  . LYS A 1 128 ? 8.938   -13.731 -16.546 1.00 30.55 ? 181  LYS A NZ  1 
ATOM   957  N N   . GLY A 1 129 ? 12.854  -11.567 -10.157 1.00 18.16 ? 182  GLY A N   1 
ATOM   958  C CA  . GLY A 1 129 ? 13.558  -10.540 -9.412  1.00 15.60 ? 182  GLY A CA  1 
ATOM   959  C C   . GLY A 1 129 ? 12.777  -9.779  -8.357  1.00 17.22 ? 182  GLY A C   1 
ATOM   960  O O   . GLY A 1 129 ? 13.281  -8.792  -7.825  1.00 17.35 ? 182  GLY A O   1 
ATOM   961  N N   . PHE A 1 130 ? 11.557  -10.214 -8.048  1.00 16.15 ? 183  PHE A N   1 
ATOM   962  C CA  . PHE A 1 130 ? 10.764  -9.532  -7.022  1.00 16.85 ? 183  PHE A CA  1 
ATOM   963  C C   . PHE A 1 130 ? 10.869  -10.224 -5.673  1.00 17.79 ? 183  PHE A C   1 
ATOM   964  O O   . PHE A 1 130 ? 10.635  -9.608  -4.633  1.00 18.88 ? 183  PHE A O   1 
ATOM   965  C CB  . PHE A 1 130 ? 9.280   -9.481  -7.397  1.00 15.17 ? 183  PHE A CB  1 
ATOM   966  C CG  . PHE A 1 130 ? 8.997   -8.742  -8.665  1.00 16.40 ? 183  PHE A CG  1 
ATOM   967  C CD1 . PHE A 1 130 ? 8.801   -9.434  -9.856  1.00 16.66 ? 183  PHE A CD1 1 
ATOM   968  C CD2 . PHE A 1 130 ? 8.918   -7.353  -8.674  1.00 15.96 ? 183  PHE A CD2 1 
ATOM   969  C CE1 . PHE A 1 130 ? 8.526   -8.751  -11.037 1.00 18.38 ? 183  PHE A CE1 1 
ATOM   970  C CE2 . PHE A 1 130 ? 8.644   -6.661  -9.849  1.00 17.38 ? 183  PHE A CE2 1 
ATOM   971  C CZ  . PHE A 1 130 ? 8.447   -7.364  -11.035 1.00 17.81 ? 183  PHE A CZ  1 
ATOM   972  N N   . ILE A 1 131 ? 11.208  -11.506 -5.691  1.00 16.64 ? 184  ILE A N   1 
ATOM   973  C CA  . ILE A 1 131 ? 11.291  -12.268 -4.456  1.00 16.31 ? 184  ILE A CA  1 
ATOM   974  C C   . ILE A 1 131 ? 12.686  -12.832 -4.185  1.00 17.28 ? 184  ILE A C   1 
ATOM   975  O O   . ILE A 1 131 ? 13.365  -13.313 -5.092  1.00 16.67 ? 184  ILE A O   1 
ATOM   976  C CB  . ILE A 1 131 ? 10.245  -13.417 -4.478  1.00 16.51 ? 184  ILE A CB  1 
ATOM   977  C CG1 . ILE A 1 131 ? 10.123  -14.053 -3.094  1.00 15.48 ? 184  ILE A CG1 1 
ATOM   978  C CG2 . ILE A 1 131 ? 10.637  -14.464 -5.522  1.00 15.86 ? 184  ILE A CG2 1 
ATOM   979  C CD1 . ILE A 1 131 ? 8.882   -14.921 -2.942  1.00 18.58 ? 184  ILE A CD1 1 
ATOM   980  N N   . ASP A 1 132 ? 13.111  -12.750 -2.928  1.00 17.00 ? 185  ASP A N   1 
ATOM   981  C CA  . ASP A 1 132 ? 14.416  -13.260 -2.518  1.00 19.16 ? 185  ASP A CA  1 
ATOM   982  C C   . ASP A 1 132 ? 14.308  -13.757 -1.081  1.00 18.73 ? 185  ASP A C   1 
ATOM   983  O O   . ASP A 1 132 ? 13.908  -13.008 -0.190  1.00 17.44 ? 185  ASP A O   1 
ATOM   984  C CB  . ASP A 1 132 ? 15.474  -12.153 -2.627  1.00 22.89 ? 185  ASP A CB  1 
ATOM   985  C CG  . ASP A 1 132 ? 16.864  -12.632 -2.251  1.00 26.24 ? 185  ASP A CG  1 
ATOM   986  O OD1 . ASP A 1 132 ? 17.319  -13.657 -2.805  1.00 26.78 ? 185  ASP A OD1 1 
ATOM   987  O OD2 . ASP A 1 132 ? 17.507  -11.979 -1.407  1.00 29.81 ? 185  ASP A OD2 1 
ATOM   988  N N   . ASP A 1 133 ? 14.656  -15.023 -0.863  1.00 18.20 ? 186  ASP A N   1 
ATOM   989  C CA  . ASP A 1 133 ? 14.582  -15.625 0.468   1.00 19.65 ? 186  ASP A CA  1 
ATOM   990  C C   . ASP A 1 133 ? 13.141  -15.517 0.965   1.00 17.70 ? 186  ASP A C   1 
ATOM   991  O O   . ASP A 1 133 ? 12.886  -15.323 2.157   1.00 16.84 ? 186  ASP A O   1 
ATOM   992  C CB  . ASP A 1 133 ? 15.522  -14.898 1.433   1.00 23.08 ? 186  ASP A CB  1 
ATOM   993  C CG  . ASP A 1 133 ? 15.766  -15.678 2.714   1.00 25.77 ? 186  ASP A CG  1 
ATOM   994  O OD1 . ASP A 1 133 ? 16.308  -15.087 3.672   1.00 28.91 ? 186  ASP A OD1 1 
ATOM   995  O OD2 . ASP A 1 133 ? 15.430  -16.881 2.763   1.00 28.89 ? 186  ASP A OD2 1 
ATOM   996  N N   . ASP A 1 134 ? 12.210  -15.646 0.024   1.00 16.93 ? 187  ASP A N   1 
ATOM   997  C CA  . ASP A 1 134 ? 10.771  -15.567 0.274   1.00 16.00 ? 187  ASP A CA  1 
ATOM   998  C C   . ASP A 1 134 ? 10.327  -14.228 0.863   1.00 15.84 ? 187  ASP A C   1 
ATOM   999  O O   . ASP A 1 134 ? 9.384   -14.169 1.656   1.00 15.61 ? 187  ASP A O   1 
ATOM   1000 C CB  . ASP A 1 134 ? 10.305  -16.713 1.182   1.00 16.88 ? 187  ASP A CB  1 
ATOM   1001 C CG  . ASP A 1 134 ? 8.883   -17.164 0.864   1.00 18.60 ? 187  ASP A CG  1 
ATOM   1002 O OD1 . ASP A 1 134 ? 8.319   -17.980 1.623   1.00 18.16 ? 187  ASP A OD1 1 
ATOM   1003 O OD2 . ASP A 1 134 ? 8.330   -16.710 -0.159  1.00 19.23 ? 187  ASP A OD2 1 
ATOM   1004 N N   . LYS A 1 135 ? 11.014  -13.158 0.470   1.00 13.58 ? 188  LYS A N   1 
ATOM   1005 C CA  . LYS A 1 135 ? 10.679  -11.811 0.923   1.00 13.59 ? 188  LYS A CA  1 
ATOM   1006 C C   . LYS A 1 135 ? 10.394  -10.932 -0.291  1.00 13.74 ? 188  LYS A C   1 
ATOM   1007 O O   . LYS A 1 135 ? 11.084  -11.021 -1.308  1.00 13.32 ? 188  LYS A O   1 
ATOM   1008 C CB  . LYS A 1 135 ? 11.839  -11.197 1.718   1.00 14.42 ? 188  LYS A CB  1 
ATOM   1009 C CG  . LYS A 1 135 ? 12.260  -11.992 2.943   1.00 14.34 ? 188  LYS A CG  1 
ATOM   1010 C CD  . LYS A 1 135 ? 13.419  -11.319 3.659   1.00 21.05 ? 188  LYS A CD  1 
ATOM   1011 C CE  . LYS A 1 135 ? 13.884  -12.145 4.849   1.00 24.31 ? 188  LYS A CE  1 
ATOM   1012 N NZ  . LYS A 1 135 ? 15.004  -11.480 5.574   1.00 27.04 ? 188  LYS A NZ  1 
ATOM   1013 N N   . VAL A 1 136 ? 9.370   -10.092 -0.183  1.00 11.49 ? 189  VAL A N   1 
ATOM   1014 C CA  . VAL A 1 136 ? 9.006   -9.172  -1.256  1.00 10.75 ? 189  VAL A CA  1 
ATOM   1015 C C   . VAL A 1 136 ? 8.878   -7.796  -0.611  1.00 12.53 ? 189  VAL A C   1 
ATOM   1016 O O   . VAL A 1 136 ? 8.276   -7.663  0.454   1.00 13.14 ? 189  VAL A O   1 
ATOM   1017 C CB  . VAL A 1 136 ? 7.658   -9.571  -1.912  1.00 11.82 ? 189  VAL A CB  1 
ATOM   1018 C CG1 . VAL A 1 136 ? 7.250   -8.543  -2.960  1.00 9.67  ? 189  VAL A CG1 1 
ATOM   1019 C CG2 . VAL A 1 136 ? 7.791   -10.944 -2.558  1.00 10.48 ? 189  VAL A CG2 1 
ATOM   1020 N N   . THR A 1 137 ? 9.457   -6.776  -1.237  1.00 12.71 ? 190  THR A N   1 
ATOM   1021 C CA  . THR A 1 137 ? 9.391   -5.435  -0.671  1.00 12.70 ? 190  THR A CA  1 
ATOM   1022 C C   . THR A 1 137 ? 8.397   -4.553  -1.410  1.00 13.26 ? 190  THR A C   1 
ATOM   1023 O O   . THR A 1 137 ? 8.419   -4.452  -2.642  1.00 13.03 ? 190  THR A O   1 
ATOM   1024 C CB  . THR A 1 137 ? 10.781  -4.756  -0.661  1.00 13.09 ? 190  THR A CB  1 
ATOM   1025 O OG1 . THR A 1 137 ? 11.685  -5.544  0.125   1.00 15.51 ? 190  THR A OG1 1 
ATOM   1026 C CG2 . THR A 1 137 ? 10.695  -3.363  -0.045  1.00 13.89 ? 190  THR A CG2 1 
ATOM   1027 N N   . PHE A 1 138 ? 7.518   -3.931  -0.630  1.00 12.55 ? 191  PHE A N   1 
ATOM   1028 C CA  . PHE A 1 138 ? 6.486   -3.044  -1.141  1.00 10.99 ? 191  PHE A CA  1 
ATOM   1029 C C   . PHE A 1 138 ? 6.874   -1.616  -0.805  1.00 11.58 ? 191  PHE A C   1 
ATOM   1030 O O   . PHE A 1 138 ? 7.479   -1.360  0.238   1.00 11.84 ? 191  PHE A O   1 
ATOM   1031 C CB  . PHE A 1 138 ? 5.141   -3.391  -0.494  1.00 10.93 ? 191  PHE A CB  1 
ATOM   1032 C CG  . PHE A 1 138 ? 4.631   -4.747  -0.876  1.00 11.52 ? 191  PHE A CG  1 
ATOM   1033 C CD1 . PHE A 1 138 ? 3.677   -4.885  -1.878  1.00 11.88 ? 191  PHE A CD1 1 
ATOM   1034 C CD2 . PHE A 1 138 ? 5.158   -5.895  -0.287  1.00 10.60 ? 191  PHE A CD2 1 
ATOM   1035 C CE1 . PHE A 1 138 ? 3.255   -6.146  -2.293  1.00 13.52 ? 191  PHE A CE1 1 
ATOM   1036 C CE2 . PHE A 1 138 ? 4.741   -7.160  -0.696  1.00 13.94 ? 191  PHE A CE2 1 
ATOM   1037 C CZ  . PHE A 1 138 ? 3.791   -7.286  -1.702  1.00 12.93 ? 191  PHE A CZ  1 
ATOM   1038 N N   . GLU A 1 139 ? 6.533   -0.690  -1.695  1.00 11.66 ? 192  GLU A N   1 
ATOM   1039 C CA  . GLU A 1 139 ? 6.862   0.714   -1.485  1.00 12.20 ? 192  GLU A CA  1 
ATOM   1040 C C   . GLU A 1 139 ? 5.715   1.634   -1.871  1.00 12.26 ? 192  GLU A C   1 
ATOM   1041 O O   . GLU A 1 139 ? 5.008   1.391   -2.847  1.00 12.76 ? 192  GLU A O   1 
ATOM   1042 C CB  . GLU A 1 139 ? 8.101   1.107   -2.300  1.00 13.32 ? 192  GLU A CB  1 
ATOM   1043 C CG  . GLU A 1 139 ? 8.429   2.602   -2.211  1.00 13.94 ? 192  GLU A CG  1 
ATOM   1044 C CD  . GLU A 1 139 ? 9.536   3.030   -3.164  1.00 16.65 ? 192  GLU A CD  1 
ATOM   1045 O OE1 . GLU A 1 139 ? 10.712  2.722   -2.897  1.00 18.73 ? 192  GLU A OE1 1 
ATOM   1046 O OE2 . GLU A 1 139 ? 9.223   3.672   -4.186  1.00 19.44 ? 192  GLU A OE2 1 
ATOM   1047 N N   . VAL A 1 140 ? 5.540   2.693   -1.091  1.00 11.57 ? 193  VAL A N   1 
ATOM   1048 C CA  . VAL A 1 140 ? 4.507   3.680   -1.359  1.00 10.66 ? 193  VAL A CA  1 
ATOM   1049 C C   . VAL A 1 140 ? 5.089   5.085   -1.296  1.00 12.12 ? 193  VAL A C   1 
ATOM   1050 O O   . VAL A 1 140 ? 5.788   5.431   -0.344  1.00 13.82 ? 193  VAL A O   1 
ATOM   1051 C CB  . VAL A 1 140 ? 3.354   3.607   -0.324  1.00 12.13 ? 193  VAL A CB  1 
ATOM   1052 C CG1 . VAL A 1 140 ? 2.466   4.855   -0.436  1.00 12.12 ? 193  VAL A CG1 1 
ATOM   1053 C CG2 . VAL A 1 140 ? 2.519   2.365   -0.569  1.00 9.22  ? 193  VAL A CG2 1 
ATOM   1054 N N   . PHE A 1 141 ? 4.821   5.875   -2.333  1.00 12.69 ? 194  PHE A N   1 
ATOM   1055 C CA  . PHE A 1 141 ? 5.235   7.270   -2.365  1.00 13.35 ? 194  PHE A CA  1 
ATOM   1056 C C   . PHE A 1 141 ? 3.897   7.981   -2.274  1.00 13.77 ? 194  PHE A C   1 
ATOM   1057 O O   . PHE A 1 141 ? 3.096   7.922   -3.205  1.00 13.42 ? 194  PHE A O   1 
ATOM   1058 C CB  . PHE A 1 141 ? 5.931   7.636   -3.681  1.00 14.55 ? 194  PHE A CB  1 
ATOM   1059 C CG  . PHE A 1 141 ? 6.114   9.125   -3.870  1.00 17.02 ? 194  PHE A CG  1 
ATOM   1060 C CD1 . PHE A 1 141 ? 6.641   9.910   -2.846  1.00 16.00 ? 194  PHE A CD1 1 
ATOM   1061 C CD2 . PHE A 1 141 ? 5.750   9.738   -5.064  1.00 18.41 ? 194  PHE A CD2 1 
ATOM   1062 C CE1 . PHE A 1 141 ? 6.798   11.290  -3.007  1.00 18.09 ? 194  PHE A CE1 1 
ATOM   1063 C CE2 . PHE A 1 141 ? 5.904   11.121  -5.238  1.00 19.64 ? 194  PHE A CE2 1 
ATOM   1064 C CZ  . PHE A 1 141 ? 6.427   11.895  -4.208  1.00 18.45 ? 194  PHE A CZ  1 
ATOM   1065 N N   . VAL A 1 142 ? 3.635   8.619   -1.140  1.00 12.52 ? 195  VAL A N   1 
ATOM   1066 C CA  . VAL A 1 142 ? 2.361   9.297   -0.966  1.00 13.25 ? 195  VAL A CA  1 
ATOM   1067 C C   . VAL A 1 142 ? 2.505   10.811  -0.874  1.00 12.99 ? 195  VAL A C   1 
ATOM   1068 O O   . VAL A 1 142 ? 3.426   11.323  -0.244  1.00 14.11 ? 195  VAL A O   1 
ATOM   1069 C CB  . VAL A 1 142 ? 1.614   8.760   0.289   1.00 13.54 ? 195  VAL A CB  1 
ATOM   1070 C CG1 . VAL A 1 142 ? 2.450   8.992   1.546   1.00 13.34 ? 195  VAL A CG1 1 
ATOM   1071 C CG2 . VAL A 1 142 ? 0.254   9.428   0.416   1.00 13.55 ? 195  VAL A CG2 1 
ATOM   1072 N N   . GLN A 1 143 ? 1.597   11.512  -1.547  1.00 13.21 ? 196  GLN A N   1 
ATOM   1073 C CA  . GLN A 1 143 ? 1.564   12.970  -1.551  1.00 13.47 ? 196  GLN A CA  1 
ATOM   1074 C C   . GLN A 1 143 ? 0.142   13.308  -1.130  1.00 12.69 ? 196  GLN A C   1 
ATOM   1075 O O   . GLN A 1 143 ? -0.797  13.169  -1.911  1.00 12.52 ? 196  GLN A O   1 
ATOM   1076 C CB  . GLN A 1 143 ? 1.836   13.519  -2.952  1.00 15.97 ? 196  GLN A CB  1 
ATOM   1077 C CG  . GLN A 1 143 ? 3.156   13.077  -3.548  1.00 18.19 ? 196  GLN A CG  1 
ATOM   1078 C CD  . GLN A 1 143 ? 3.367   13.635  -4.940  1.00 20.86 ? 196  GLN A CD  1 
ATOM   1079 O OE1 . GLN A 1 143 ? 3.994   14.683  -5.118  1.00 24.32 ? 196  GLN A OE1 1 
ATOM   1080 N NE2 . GLN A 1 143 ? 2.830   12.946  -5.936  1.00 19.92 ? 196  GLN A NE2 1 
ATOM   1081 N N   . ALA A 1 144 ? -0.012  13.752  0.110   1.00 14.12 ? 197  ALA A N   1 
ATOM   1082 C CA  . ALA A 1 144 ? -1.334  14.052  0.640   1.00 13.39 ? 197  ALA A CA  1 
ATOM   1083 C C   . ALA A 1 144 ? -1.614  15.529  0.871   1.00 13.48 ? 197  ALA A C   1 
ATOM   1084 O O   . ALA A 1 144 ? -0.714  16.294  1.216   1.00 12.34 ? 197  ALA A O   1 
ATOM   1085 C CB  . ALA A 1 144 ? -1.532  13.290  1.943   1.00 13.28 ? 197  ALA A CB  1 
ATOM   1086 N N   . ASP A 1 145 ? -2.872  15.921  0.677   1.00 13.97 ? 198  ASP A N   1 
ATOM   1087 C CA  . ASP A 1 145 ? -3.275  17.307  0.909   1.00 13.92 ? 198  ASP A CA  1 
ATOM   1088 C C   . ASP A 1 145 ? -3.507  17.474  2.401   1.00 14.41 ? 198  ASP A C   1 
ATOM   1089 O O   . ASP A 1 145 ? -3.508  16.495  3.152   1.00 13.85 ? 198  ASP A O   1 
ATOM   1090 C CB  . ASP A 1 145 ? -4.582  17.641  0.188   1.00 15.62 ? 198  ASP A CB  1 
ATOM   1091 C CG  . ASP A 1 145 ? -4.461  17.562  -1.315  1.00 19.44 ? 198  ASP A CG  1 
ATOM   1092 O OD1 . ASP A 1 145 ? -3.326  17.637  -1.828  1.00 20.72 ? 198  ASP A OD1 1 
ATOM   1093 O OD2 . ASP A 1 145 ? -5.509  17.437  -1.983  1.00 20.87 ? 198  ASP A OD2 1 
ATOM   1094 N N   . ALA A 1 146 ? -3.698  18.716  2.833   1.00 14.03 ? 199  ALA A N   1 
ATOM   1095 C CA  . ALA A 1 146 ? -3.969  18.987  4.238   1.00 13.91 ? 199  ALA A CA  1 
ATOM   1096 C C   . ALA A 1 146 ? -5.289  18.299  4.566   1.00 13.79 ? 199  ALA A C   1 
ATOM   1097 O O   . ALA A 1 146 ? -6.268  18.441  3.830   1.00 12.58 ? 199  ALA A O   1 
ATOM   1098 C CB  . ALA A 1 146 ? -4.090  20.486  4.469   1.00 15.65 ? 199  ALA A CB  1 
ATOM   1099 N N   . PRO A 1 147 ? -5.328  17.527  5.662   1.00 13.08 ? 200  PRO A N   1 
ATOM   1100 C CA  . PRO A 1 147 ? -6.557  16.826  6.050   1.00 14.09 ? 200  PRO A CA  1 
ATOM   1101 C C   . PRO A 1 147 ? -7.593  17.787  6.606   1.00 14.26 ? 200  PRO A C   1 
ATOM   1102 O O   . PRO A 1 147 ? -7.269  18.912  6.995   1.00 13.61 ? 200  PRO A O   1 
ATOM   1103 C CB  . PRO A 1 147 ? -6.090  15.860  7.137   1.00 14.39 ? 200  PRO A CB  1 
ATOM   1104 C CG  . PRO A 1 147 ? -4.615  15.714  6.897   1.00 18.49 ? 200  PRO A CG  1 
ATOM   1105 C CD  . PRO A 1 147 ? -4.199  17.104  6.506   1.00 15.13 ? 200  PRO A CD  1 
ATOM   1106 N N   . HIS A 1 148 ? -8.840  17.330  6.632   1.00 14.69 ? 201  HIS A N   1 
ATOM   1107 C CA  . HIS A 1 148 ? -9.943  18.098  7.191   1.00 14.64 ? 201  HIS A CA  1 
ATOM   1108 C C   . HIS A 1 148 ? -10.509 17.278  8.345   1.00 14.22 ? 201  HIS A C   1 
ATOM   1109 O O   . HIS A 1 148 ? -10.383 16.055  8.359   1.00 12.74 ? 201  HIS A O   1 
ATOM   1110 C CB  . HIS A 1 148 ? -11.053 18.321  6.158   1.00 14.66 ? 201  HIS A CB  1 
ATOM   1111 C CG  . HIS A 1 148 ? -10.823 19.497  5.263   1.00 16.10 ? 201  HIS A CG  1 
ATOM   1112 N ND1 . HIS A 1 148 ? -10.251 19.388  4.015   1.00 18.85 ? 201  HIS A ND1 1 
ATOM   1113 C CD2 . HIS A 1 148 ? -11.090 20.813  5.441   1.00 14.80 ? 201  HIS A CD2 1 
ATOM   1114 C CE1 . HIS A 1 148 ? -10.175 20.585  3.460   1.00 16.13 ? 201  HIS A CE1 1 
ATOM   1115 N NE2 . HIS A 1 148 ? -10.678 21.468  4.306   1.00 18.93 ? 201  HIS A NE2 1 
ATOM   1116 N N   . GLY A 1 149 ? -11.117 17.957  9.313   1.00 15.21 ? 202  GLY A N   1 
ATOM   1117 C CA  . GLY A 1 149 ? -11.721 17.267  10.441  1.00 16.80 ? 202  GLY A CA  1 
ATOM   1118 C C   . GLY A 1 149 ? -10.778 16.531  11.371  1.00 19.56 ? 202  GLY A C   1 
ATOM   1119 O O   . GLY A 1 149 ? -11.170 15.541  11.990  1.00 19.25 ? 202  GLY A O   1 
ATOM   1120 N N   . VAL A 1 150 ? -9.542  17.010  11.476  1.00 20.64 ? 203  VAL A N   1 
ATOM   1121 C CA  . VAL A 1 150 ? -8.550  16.390  12.345  1.00 27.67 ? 203  VAL A CA  1 
ATOM   1122 C C   . VAL A 1 150 ? -8.054  17.394  13.379  1.00 31.57 ? 203  VAL A C   1 
ATOM   1123 O O   . VAL A 1 150 ? -8.546  17.433  14.507  1.00 33.82 ? 203  VAL A O   1 
ATOM   1124 C CB  . VAL A 1 150 ? -7.336  15.884  11.538  1.00 26.92 ? 203  VAL A CB  1 
ATOM   1125 C CG1 . VAL A 1 150 ? -6.362  15.163  12.458  1.00 28.48 ? 203  VAL A CG1 1 
ATOM   1126 C CG2 . VAL A 1 150 ? -7.802  14.964  10.424  1.00 25.61 ? 203  VAL A CG2 1 
ATOM   1127 N N   . ALA A 1 151 ? -7.077  18.202  12.984  1.00 35.77 ? 204  ALA A N   1 
ATOM   1128 C CA  . ALA A 1 151 ? -6.506  19.214  13.867  1.00 39.26 ? 204  ALA A CA  1 
ATOM   1129 C C   . ALA A 1 151 ? -7.248  20.527  13.666  1.00 40.49 ? 204  ALA A C   1 
ATOM   1130 O O   . ALA A 1 151 ? -6.735  21.451  13.036  1.00 43.34 ? 204  ALA A O   1 
ATOM   1131 C CB  . ALA A 1 151 ? -5.023  19.396  13.561  1.00 39.57 ? 204  ALA A CB  1 
ATOM   1132 N N   . TRP A 1 152 ? -8.460  20.601  14.204  1.00 41.06 ? 205  TRP A N   1 
ATOM   1133 C CA  . TRP A 1 152 ? -9.284  21.797  14.079  1.00 41.29 ? 205  TRP A CA  1 
ATOM   1134 C C   . TRP A 1 152 ? -8.532  23.026  14.585  1.00 42.31 ? 205  TRP A C   1 
ATOM   1135 O O   . TRP A 1 152 ? -8.252  23.927  13.765  1.00 42.94 ? 205  TRP A O   1 
ATOM   1136 C CB  . TRP A 1 152 ? -10.585 21.627  14.873  1.00 38.58 ? 205  TRP A CB  1 
ATOM   1137 C CG  . TRP A 1 152 ? -11.167 20.244  14.808  1.00 36.91 ? 205  TRP A CG  1 
ATOM   1138 C CD1 . TRP A 1 152 ? -10.755 19.146  15.512  1.00 36.75 ? 205  TRP A CD1 1 
ATOM   1139 C CD2 . TRP A 1 152 ? -12.269 19.809  13.999  1.00 35.17 ? 205  TRP A CD2 1 
ATOM   1140 N NE1 . TRP A 1 152 ? -11.533 18.058  15.194  1.00 35.94 ? 205  TRP A NE1 1 
ATOM   1141 C CE2 . TRP A 1 152 ? -12.471 18.436  14.268  1.00 35.30 ? 205  TRP A CE2 1 
ATOM   1142 C CE3 . TRP A 1 152 ? -13.106 20.447  13.073  1.00 33.05 ? 205  TRP A CE3 1 
ATOM   1143 C CZ2 . TRP A 1 152 ? -13.479 17.688  13.646  1.00 33.49 ? 205  TRP A CZ2 1 
ATOM   1144 C CZ3 . TRP A 1 152 ? -14.109 19.703  12.454  1.00 32.66 ? 205  TRP A CZ3 1 
ATOM   1145 C CH2 . TRP A 1 152 ? -14.285 18.338  12.744  1.00 31.62 ? 205  TRP A CH2 1 
ATOM   1146 O OXT . TRP A 1 152 ? -8.223  23.068  15.795  1.00 44.26 ? 205  TRP A OXT 1 
ATOM   1147 N N   . VAL B 2 2   ? -7.045  -4.644  -12.130 1.00 34.52 ? 153  VAL B N   1 
ATOM   1148 C CA  . VAL B 2 2   ? -7.256  -3.721  -13.279 1.00 34.29 ? 153  VAL B CA  1 
ATOM   1149 C C   . VAL B 2 2   ? -7.849  -2.400  -12.799 1.00 31.74 ? 153  VAL B C   1 
ATOM   1150 O O   . VAL B 2 2   ? -7.494  -1.335  -13.299 1.00 31.76 ? 153  VAL B O   1 
ATOM   1151 C CB  . VAL B 2 2   ? -8.214  -4.340  -14.327 1.00 36.17 ? 153  VAL B CB  1 
ATOM   1152 C CG1 . VAL B 2 2   ? -8.289  -3.448  -15.556 1.00 38.39 ? 153  VAL B CG1 1 
ATOM   1153 C CG2 . VAL B 2 2   ? -7.741  -5.730  -14.708 1.00 38.03 ? 153  VAL B CG2 1 
ATOM   1154 N N   . SER B 2 3   ? -8.751  -2.478  -11.825 1.00 29.08 ? 154  SER B N   1 
ATOM   1155 C CA  . SER B 2 3   ? -9.395  -1.288  -11.278 1.00 26.04 ? 154  SER B CA  1 
ATOM   1156 C C   . SER B 2 3   ? -9.162  -1.161  -9.775  1.00 23.17 ? 154  SER B C   1 
ATOM   1157 O O   . SER B 2 3   ? -9.144  -2.159  -9.056  1.00 21.43 ? 154  SER B O   1 
ATOM   1158 C CB  . SER B 2 3   ? -10.900 -1.323  -11.555 1.00 27.48 ? 154  SER B CB  1 
ATOM   1159 O OG  . SER B 2 3   ? -11.166 -1.166  -12.939 1.00 30.72 ? 154  SER B OG  1 
ATOM   1160 N N   . PRO B 2 4   ? -8.980  0.077   -9.285  1.00 20.34 ? 155  PRO B N   1 
ATOM   1161 C CA  . PRO B 2 4   ? -8.747  0.332   -7.859  1.00 19.30 ? 155  PRO B CA  1 
ATOM   1162 C C   . PRO B 2 4   ? -10.031 0.256   -7.043  1.00 18.36 ? 155  PRO B C   1 
ATOM   1163 O O   . PRO B 2 4   ? -11.129 0.385   -7.585  1.00 18.57 ? 155  PRO B O   1 
ATOM   1164 C CB  . PRO B 2 4   ? -8.149  1.734   -7.858  1.00 17.99 ? 155  PRO B CB  1 
ATOM   1165 C CG  . PRO B 2 4   ? -8.902  2.394   -8.973  1.00 20.29 ? 155  PRO B CG  1 
ATOM   1166 C CD  . PRO B 2 4   ? -8.891  1.328   -10.061 1.00 20.15 ? 155  PRO B CD  1 
ATOM   1167 N N   . SER B 2 5   ? -9.880  0.057   -5.737  1.00 15.80 ? 156  SER B N   1 
ATOM   1168 C CA  . SER B 2 5   ? -11.016 -0.039  -4.829  1.00 16.58 ? 156  SER B CA  1 
ATOM   1169 C C   . SER B 2 5   ? -10.485 -0.147  -3.411  1.00 15.87 ? 156  SER B C   1 
ATOM   1170 O O   . SER B 2 5   ? -9.272  -0.141  -3.192  1.00 15.60 ? 156  SER B O   1 
ATOM   1171 C CB  . SER B 2 5   ? -11.833 -1.297  -5.129  1.00 16.81 ? 156  SER B CB  1 
ATOM   1172 O OG  . SER B 2 5   ? -11.128 -2.458  -4.717  1.00 16.65 ? 156  SER B OG  1 
ATOM   1173 N N   . THR B 2 6   ? -11.398 -0.238  -2.449  1.00 16.26 ? 157  THR B N   1 
ATOM   1174 C CA  . THR B 2 6   ? -11.010 -0.409  -1.059  1.00 15.91 ? 157  THR B CA  1 
ATOM   1175 C C   . THR B 2 6   ? -10.735 -1.905  -0.938  1.00 16.14 ? 157  THR B C   1 
ATOM   1176 O O   . THR B 2 6   ? -11.061 -2.673  -1.850  1.00 15.69 ? 157  THR B O   1 
ATOM   1177 C CB  . THR B 2 6   ? -12.149 -0.035  -0.086  1.00 18.18 ? 157  THR B CB  1 
ATOM   1178 O OG1 . THR B 2 6   ? -13.270 -0.902  -0.307  1.00 15.90 ? 157  THR B OG1 1 
ATOM   1179 C CG2 . THR B 2 6   ? -12.572 1.411   -0.284  1.00 16.96 ? 157  THR B CG2 1 
ATOM   1180 N N   . SER B 2 7   ? -10.142 -2.322  0.173   1.00 15.14 ? 158  SER B N   1 
ATOM   1181 C CA  . SER B 2 7   ? -9.836  -3.734  0.378   1.00 18.36 ? 158  SER B CA  1 
ATOM   1182 C C   . SER B 2 7   ? -11.096 -4.521  0.726   1.00 20.96 ? 158  SER B C   1 
ATOM   1183 O O   . SER B 2 7   ? -11.060 -5.747  0.846   1.00 20.92 ? 158  SER B O   1 
ATOM   1184 C CB  . SER B 2 7   ? -8.808  -3.894  1.499   1.00 15.79 ? 158  SER B CB  1 
ATOM   1185 O OG  . SER B 2 7   ? -9.341  -3.465  2.739   1.00 17.90 ? 158  SER B OG  1 
ATOM   1186 N N   . TYR B 2 8   ? -12.207 -3.811  0.887   1.00 23.40 ? 159  TYR B N   1 
ATOM   1187 C CA  . TYR B 2 8   ? -13.479 -4.444  1.226   1.00 28.83 ? 159  TYR B CA  1 
ATOM   1188 C C   . TYR B 2 8   ? -14.021 -5.243  0.046   1.00 30.09 ? 159  TYR B C   1 
ATOM   1189 O O   . TYR B 2 8   ? -14.357 -6.425  0.273   1.00 33.46 ? 159  TYR B O   1 
ATOM   1190 C CB  . TYR B 2 8   ? -14.504 -3.385  1.638   1.00 32.38 ? 159  TYR B CB  1 
ATOM   1191 C CG  . TYR B 2 8   ? -15.796 -3.965  2.171   1.00 36.58 ? 159  TYR B CG  1 
ATOM   1192 C CD1 . TYR B 2 8   ? -15.832 -4.619  3.402   1.00 38.09 ? 159  TYR B CD1 1 
ATOM   1193 C CD2 . TYR B 2 8   ? -16.980 -3.871  1.440   1.00 38.67 ? 159  TYR B CD2 1 
ATOM   1194 C CE1 . TYR B 2 8   ? -17.015 -5.165  3.895   1.00 40.09 ? 159  TYR B CE1 1 
ATOM   1195 C CE2 . TYR B 2 8   ? -18.169 -4.415  1.922   1.00 40.79 ? 159  TYR B CE2 1 
ATOM   1196 C CZ  . TYR B 2 8   ? -18.178 -5.059  3.149   1.00 41.05 ? 159  TYR B CZ  1 
ATOM   1197 O OH  . TYR B 2 8   ? -19.350 -5.598  3.631   1.00 43.66 ? 159  TYR B OH  1 
HETATM 1198 O O   . HOH C 3 .   ? 0.640   -1.178  11.988  1.00 11.99 ? 1001 HOH A O   1 
HETATM 1199 O O   . HOH C 3 .   ? -7.166  5.649   -7.921  1.00 12.46 ? 1002 HOH A O   1 
HETATM 1200 O O   . HOH C 3 .   ? -14.011 10.074  8.376   1.00 13.75 ? 1003 HOH A O   1 
HETATM 1201 O O   . HOH C 3 .   ? -4.162  3.813   11.963  1.00 14.21 ? 1004 HOH A O   1 
HETATM 1202 O O   . HOH C 3 .   ? 3.543   -4.171  11.147  1.00 12.54 ? 1005 HOH A O   1 
HETATM 1203 O O   . HOH C 3 .   ? -8.312  -0.682  5.881   1.00 15.99 ? 1006 HOH A O   1 
HETATM 1204 O O   . HOH C 3 .   ? -13.770 8.716   -1.142  1.00 14.05 ? 1007 HOH A O   1 
HETATM 1205 O O   . HOH C 3 .   ? -15.942 11.873  14.969  1.00 17.65 ? 1008 HOH A O   1 
HETATM 1206 O O   . HOH C 3 .   ? 6.899   8.452   9.930   1.00 15.38 ? 1009 HOH A O   1 
HETATM 1207 O O   . HOH C 3 .   ? -5.467  6.037   13.116  1.00 18.11 ? 1010 HOH A O   1 
HETATM 1208 O O   . HOH C 3 .   ? -7.627  16.740  2.108   1.00 13.41 ? 1011 HOH A O   1 
HETATM 1209 O O   . HOH C 3 .   ? 9.935   -12.558 -8.455  1.00 15.64 ? 1012 HOH A O   1 
HETATM 1210 O O   . HOH C 3 .   ? -3.794  3.358   9.193   1.00 11.76 ? 1013 HOH A O   1 
HETATM 1211 O O   . HOH C 3 .   ? 7.179   -0.287  6.938   1.00 15.28 ? 1014 HOH A O   1 
HETATM 1212 O O   . HOH C 3 .   ? -8.485  11.211  13.611  1.00 20.52 ? 1015 HOH A O   1 
HETATM 1213 O O   . HOH C 3 .   ? -1.024  -15.979 -10.332 1.00 18.37 ? 1016 HOH A O   1 
HETATM 1214 O O   . HOH C 3 .   ? -10.267 16.186  2.662   1.00 17.58 ? 1017 HOH A O   1 
HETATM 1215 O O   . HOH C 3 .   ? 11.174  -15.189 4.428   1.00 17.19 ? 1018 HOH A O   1 
HETATM 1216 O O   . HOH C 3 .   ? -4.253  0.137   11.024  1.00 14.60 ? 1019 HOH A O   1 
HETATM 1217 O O   . HOH C 3 .   ? -10.666 6.039   11.096  1.00 20.79 ? 1020 HOH A O   1 
HETATM 1218 O O   . HOH C 3 .   ? -11.679 7.003   -4.839  1.00 24.82 ? 1021 HOH A O   1 
HETATM 1219 O O   . HOH C 3 .   ? -5.887  4.141   -9.824  1.00 21.36 ? 1022 HOH A O   1 
HETATM 1220 O O   . HOH C 3 .   ? -12.098 9.597   -3.884  1.00 17.94 ? 1023 HOH A O   1 
HETATM 1221 O O   . HOH C 3 .   ? 9.997   -3.748  6.450   1.00 16.96 ? 1024 HOH A O   1 
HETATM 1222 O O   . HOH C 3 .   ? -7.580  -4.806  -9.018  1.00 22.26 ? 1025 HOH A O   1 
HETATM 1223 O O   . HOH C 3 .   ? -2.620  -2.153  13.400  1.00 17.26 ? 1026 HOH A O   1 
HETATM 1224 O O   . HOH C 3 .   ? 10.422  -7.327  7.096   1.00 22.17 ? 1027 HOH A O   1 
HETATM 1225 O O   . HOH C 3 .   ? 3.406   -16.158 5.401   1.00 20.03 ? 1028 HOH A O   1 
HETATM 1226 O O   . HOH C 3 .   ? 10.404  9.970   2.374   1.00 21.78 ? 1029 HOH A O   1 
HETATM 1227 O O   . HOH C 3 .   ? 12.399  -16.800 -2.639  1.00 21.73 ? 1030 HOH A O   1 
HETATM 1228 O O   . HOH C 3 .   ? 0.993   -9.445  -13.243 1.00 22.41 ? 1031 HOH A O   1 
HETATM 1229 O O   . HOH C 3 .   ? 13.445  -13.343 -7.927  1.00 23.54 ? 1032 HOH A O   1 
HETATM 1230 O O   . HOH C 3 .   ? 9.145   -19.578 3.530   1.00 22.39 ? 1033 HOH A O   1 
HETATM 1231 O O   . HOH C 3 .   ? 10.808  -7.098  -3.644  1.00 17.84 ? 1034 HOH A O   1 
HETATM 1232 O O   . HOH C 3 .   ? 3.822   17.278  -1.350  1.00 27.99 ? 1035 HOH A O   1 
HETATM 1233 O O   . HOH C 3 .   ? -13.591 5.757   12.757  1.00 23.84 ? 1036 HOH A O   1 
HETATM 1234 O O   . HOH C 3 .   ? 10.604  2.811   5.011   1.00 27.53 ? 1037 HOH A O   1 
HETATM 1235 O O   . HOH C 3 .   ? -6.917  20.460  2.181   1.00 23.92 ? 1038 HOH A O   1 
HETATM 1236 O O   . HOH C 3 .   ? 15.937  -2.412  -17.223 1.00 26.10 ? 1039 HOH A O   1 
HETATM 1237 O O   . HOH C 3 .   ? 2.715   -19.230 -3.031  1.00 28.54 ? 1040 HOH A O   1 
HETATM 1238 O O   . HOH C 3 .   ? 1.245   16.771  -1.262  1.00 20.87 ? 1041 HOH A O   1 
HETATM 1239 O O   . HOH C 3 .   ? -2.878  -7.722  -12.176 1.00 21.71 ? 1042 HOH A O   1 
HETATM 1240 O O   . HOH C 3 .   ? 6.391   2.243   7.910   1.00 23.79 ? 1043 HOH A O   1 
HETATM 1241 O O   . HOH C 3 .   ? -3.552  20.830  0.805   1.00 20.72 ? 1044 HOH A O   1 
HETATM 1242 O O   . HOH C 3 .   ? 20.174  -6.552  -13.160 1.00 21.74 ? 1045 HOH A O   1 
HETATM 1243 O O   . HOH C 3 .   ? 8.173   -9.409  -14.499 1.00 28.08 ? 1046 HOH A O   1 
HETATM 1244 O O   . HOH C 3 .   ? -4.381  14.668  -3.914  1.00 28.50 ? 1047 HOH A O   1 
HETATM 1245 O O   . HOH C 3 .   ? 0.342   22.040  1.401   1.00 28.20 ? 1048 HOH A O   1 
HETATM 1246 O O   . HOH C 3 .   ? 9.288   -12.194 -18.845 1.00 25.86 ? 1049 HOH A O   1 
HETATM 1247 O O   . HOH C 3 .   ? 6.525   4.249   -5.060  1.00 26.02 ? 1050 HOH A O   1 
HETATM 1248 O O   . HOH C 3 .   ? -3.546  15.953  10.841  1.00 23.66 ? 1051 HOH A O   1 
HETATM 1249 O O   . HOH C 3 .   ? 9.450   -18.076 -2.243  1.00 25.63 ? 1052 HOH A O   1 
HETATM 1250 O O   . HOH C 3 .   ? -7.200  21.870  6.247   1.00 28.04 ? 1053 HOH A O   1 
HETATM 1251 O O   . HOH C 3 .   ? 5.334   -0.455  -13.510 1.00 27.42 ? 1054 HOH A O   1 
HETATM 1252 O O   . HOH C 3 .   ? -9.767  7.392   18.118  1.00 33.14 ? 1055 HOH A O   1 
HETATM 1253 O O   . HOH C 3 .   ? -2.784  0.707   -12.968 1.00 26.65 ? 1056 HOH A O   1 
HETATM 1254 O O   . HOH C 3 .   ? -7.891  18.262  -0.128  1.00 24.88 ? 1057 HOH A O   1 
HETATM 1255 O O   . HOH C 3 .   ? -11.759 3.986   9.732   1.00 23.24 ? 1058 HOH A O   1 
HETATM 1256 O O   . HOH C 3 .   ? -10.596 13.320  13.478  1.00 25.62 ? 1059 HOH A O   1 
HETATM 1257 O O   . HOH C 3 .   ? 16.055  -2.528  -6.750  1.00 26.88 ? 1060 HOH A O   1 
HETATM 1258 O O   . HOH C 3 .   ? 11.556  -2.742  4.289   1.00 26.90 ? 1061 HOH A O   1 
HETATM 1259 O O   . HOH C 3 .   ? 0.124   -18.044 -0.095  1.00 28.90 ? 1062 HOH A O   1 
HETATM 1260 O O   . HOH C 3 .   ? -5.351  20.412  7.997   1.00 29.07 ? 1063 HOH A O   1 
HETATM 1261 O O   . HOH C 3 .   ? 7.058   5.744   11.332  1.00 22.81 ? 1064 HOH A O   1 
HETATM 1262 O O   . HOH C 3 .   ? 13.234  -1.248  2.893   1.00 29.16 ? 1065 HOH A O   1 
HETATM 1263 O O   . HOH C 3 .   ? 16.862  -12.379 3.889   1.00 37.93 ? 1066 HOH A O   1 
HETATM 1264 O O   . HOH C 3 .   ? -14.296 6.064   -3.982  1.00 33.00 ? 1067 HOH A O   1 
HETATM 1265 O O   . HOH C 3 .   ? 3.561   -16.447 -14.008 1.00 36.59 ? 1068 HOH A O   1 
HETATM 1266 O O   . HOH C 3 .   ? -10.800 -0.287  9.035   1.00 27.35 ? 1069 HOH A O   1 
HETATM 1267 O O   . HOH C 3 .   ? -2.134  15.403  -3.100  1.00 39.08 ? 1070 HOH A O   1 
HETATM 1268 O O   . HOH C 3 .   ? 17.060  -16.761 -10.942 1.00 50.14 ? 1071 HOH A O   1 
HETATM 1269 O O   . HOH C 3 .   ? 13.322  -18.598 2.556   1.00 42.42 ? 1072 HOH A O   1 
HETATM 1270 O O   . HOH C 3 .   ? 16.882  -6.411  -15.230 1.00 38.37 ? 1073 HOH A O   1 
HETATM 1271 O O   . HOH C 3 .   ? 11.283  -8.540  10.270  1.00 32.09 ? 1074 HOH A O   1 
HETATM 1272 O O   . HOH C 3 .   ? 12.224  -14.263 6.752   1.00 39.83 ? 1075 HOH A O   1 
HETATM 1273 O O   . HOH C 3 .   ? 19.478  -14.219 -0.979  1.00 42.24 ? 1076 HOH A O   1 
HETATM 1274 O O   . HOH C 3 .   ? 20.710  -4.542  -8.657  1.00 44.63 ? 1077 HOH A O   1 
HETATM 1275 O O   . HOH C 3 .   ? 5.631   -18.808 -10.033 1.00 33.15 ? 1078 HOH A O   1 
HETATM 1276 O O   . HOH C 3 .   ? -7.931  -17.546 9.092   1.00 43.00 ? 1079 HOH A O   1 
HETATM 1277 O O   . HOH C 3 .   ? -10.375 15.380  15.788  1.00 37.45 ? 1080 HOH A O   1 
HETATM 1278 O O   . HOH C 3 .   ? -6.863  16.509  16.412  1.00 53.22 ? 1081 HOH A O   1 
HETATM 1279 O O   . HOH C 3 .   ? 2.176   10.283  -5.961  1.00 35.59 ? 1082 HOH A O   1 
HETATM 1280 O O   . HOH C 3 .   ? -8.091  25.403  17.030  1.00 45.07 ? 1083 HOH A O   1 
HETATM 1281 O O   . HOH C 3 .   ? -12.002 2.226   11.741  1.00 44.62 ? 1084 HOH A O   1 
HETATM 1282 O O   . HOH C 3 .   ? 7.376   11.076  11.255  1.00 31.18 ? 1085 HOH A O   1 
HETATM 1283 O O   . HOH C 3 .   ? -7.001  24.095  11.430  1.00 40.18 ? 1086 HOH A O   1 
HETATM 1284 O O   . HOH C 3 .   ? 12.518  2.289   -5.385  1.00 35.47 ? 1087 HOH A O   1 
HETATM 1285 O O   . HOH C 3 .   ? -6.538  -2.764  9.553   1.00 32.47 ? 1088 HOH A O   1 
HETATM 1286 O O   . HOH C 3 .   ? -11.159 -5.499  -2.367  1.00 30.27 ? 1089 HOH A O   1 
HETATM 1287 O O   . HOH C 3 .   ? -4.855  -10.098 9.059   1.00 34.33 ? 1090 HOH A O   1 
HETATM 1288 O O   . HOH C 3 .   ? 14.852  -2.120  -0.467  1.00 43.70 ? 1091 HOH A O   1 
HETATM 1289 O O   . HOH C 3 .   ? 8.101   15.525  -5.162  1.00 40.54 ? 1092 HOH A O   1 
HETATM 1290 O O   . HOH C 3 .   ? 15.070  -7.952  -13.278 1.00 34.11 ? 1093 HOH A O   1 
HETATM 1291 O O   . HOH C 3 .   ? -2.099  3.316   13.868  1.00 37.80 ? 1094 HOH A O   1 
HETATM 1292 O O   . HOH C 3 .   ? -10.410 -12.332 -4.341  1.00 35.61 ? 1095 HOH A O   1 
HETATM 1293 O O   . HOH C 3 .   ? -14.474 1.442   7.378   1.00 33.57 ? 1096 HOH A O   1 
HETATM 1294 O O   . HOH C 3 .   ? 9.865   10.705  -0.774  1.00 29.44 ? 1097 HOH A O   1 
HETATM 1295 O O   . HOH C 3 .   ? 15.795  -16.887 -2.727  1.00 30.58 ? 1098 HOH A O   1 
HETATM 1296 O O   . HOH C 3 .   ? 16.011  -14.336 -5.633  1.00 41.72 ? 1099 HOH A O   1 
HETATM 1297 O O   . HOH C 3 .   ? 14.744  -15.315 6.249   1.00 40.55 ? 1100 HOH A O   1 
HETATM 1298 O O   . HOH C 3 .   ? -1.889  -22.521 -0.919  1.00 52.59 ? 1101 HOH A O   1 
HETATM 1299 O O   . HOH C 3 .   ? -8.030  19.031  9.993   1.00 39.54 ? 1102 HOH A O   1 
HETATM 1300 O O   . HOH C 3 .   ? 17.316  -18.794 1.004   1.00 41.84 ? 1103 HOH A O   1 
HETATM 1301 O O   . HOH C 3 .   ? -15.189 10.826  -2.469  1.00 20.30 ? 1104 HOH A O   1 
HETATM 1302 O O   . HOH C 3 .   ? 9.313   7.780   8.131   1.00 39.47 ? 1105 HOH A O   1 
HETATM 1303 O O   . HOH C 3 .   ? -4.340  6.347   15.659  1.00 28.71 ? 1106 HOH A O   1 
HETATM 1304 O O   . HOH C 3 .   ? -7.200  22.761  3.774   1.00 27.15 ? 1107 HOH A O   1 
HETATM 1305 O O   . HOH C 3 .   ? -9.720  22.399  7.692   1.00 30.12 ? 1108 HOH A O   1 
HETATM 1306 O O   . HOH C 3 .   ? -9.856  23.205  1.786   1.00 48.36 ? 1109 HOH A O   1 
HETATM 1307 O O   . HOH C 3 .   ? 11.070  -20.219 -5.454  1.00 47.61 ? 1110 HOH A O   1 
HETATM 1308 O O   . HOH C 3 .   ? 11.383  -17.857 4.712   1.00 25.35 ? 1111 HOH A O   1 
HETATM 1309 O O   . HOH C 3 .   ? 2.311   -11.848 7.518   1.00 30.73 ? 1112 HOH A O   1 
HETATM 1310 O O   . HOH C 3 .   ? 12.051  3.970   1.186   1.00 40.69 ? 1113 HOH A O   1 
HETATM 1311 O O   . HOH C 3 .   ? -19.829 4.964   -3.886  1.00 46.98 ? 1114 HOH A O   1 
HETATM 1312 O O   . HOH C 3 .   ? -6.956  3.337   -12.388 1.00 35.63 ? 1115 HOH A O   1 
HETATM 1313 O O   . HOH C 3 .   ? -9.476  6.919   -8.900  1.00 37.58 ? 1116 HOH A O   1 
HETATM 1314 O O   . HOH C 3 .   ? -9.771  4.626   -12.170 1.00 53.37 ? 1117 HOH A O   1 
HETATM 1315 O O   . HOH C 3 .   ? 12.003  -5.069  7.588   1.00 30.22 ? 1118 HOH A O   1 
HETATM 1316 O O   . HOH C 3 .   ? 9.654   8.006   -4.091  1.00 28.54 ? 1119 HOH A O   1 
HETATM 1317 O O   . HOH C 3 .   ? 0.305   -19.898 -3.704  1.00 33.97 ? 1120 HOH A O   1 
HETATM 1318 O O   . HOH C 3 .   ? -0.744  18.644  -1.106  1.00 46.71 ? 1121 HOH A O   1 
HETATM 1319 O O   . HOH C 3 .   ? 19.163  -7.821  -15.419 1.00 27.09 ? 1122 HOH A O   1 
HETATM 1320 O O   . HOH C 3 .   ? 7.447   14.679  13.649  1.00 34.27 ? 1123 HOH A O   1 
HETATM 1321 O O   . HOH C 3 .   ? 14.391  0.175   -3.258  1.00 33.56 ? 1124 HOH A O   1 
HETATM 1322 O O   . HOH C 3 .   ? -5.704  -5.475  8.222   1.00 33.72 ? 1125 HOH A O   1 
HETATM 1323 O O   . HOH C 3 .   ? -9.446  -5.534  4.474   1.00 36.99 ? 1126 HOH A O   1 
HETATM 1324 O O   . HOH D 3 .   ? -9.328  -3.418  -6.517  1.00 16.50 ? 201  HOH B O   1 
HETATM 1325 O O   . HOH D 3 .   ? -14.161 0.368   -3.520  1.00 23.68 ? 202  HOH B O   1 
HETATM 1326 O O   . HOH D 3 .   ? -9.818  -5.413  -10.840 1.00 38.32 ? 203  HOH B O   1 
HETATM 1327 O O   . HOH D 3 .   ? -12.511 2.302   -9.023  1.00 37.50 ? 204  HOH B O   1 
HETATM 1328 O O   . HOH D 3 .   ? -11.140 -5.353  -7.631  1.00 38.52 ? 205  HOH B O   1 
HETATM 1329 O O   . HOH D 3 .   ? -14.636 -2.800  -2.319  1.00 39.10 ? 206  HOH B O   1 
# 
loop_
_pdbx_poly_seq_scheme.asym_id 
_pdbx_poly_seq_scheme.entity_id 
_pdbx_poly_seq_scheme.seq_id 
_pdbx_poly_seq_scheme.mon_id 
_pdbx_poly_seq_scheme.ndb_seq_num 
_pdbx_poly_seq_scheme.pdb_seq_num 
_pdbx_poly_seq_scheme.auth_seq_num 
_pdbx_poly_seq_scheme.pdb_mon_id 
_pdbx_poly_seq_scheme.auth_mon_id 
_pdbx_poly_seq_scheme.pdb_strand_id 
_pdbx_poly_seq_scheme.pdb_ins_code 
_pdbx_poly_seq_scheme.hetero 
A 1 1   THR 1   54  ?   ?   ?   A . n 
A 1 2   ALA 2   55  ?   ?   ?   A . n 
A 1 3   GLU 3   56  ?   ?   ?   A . n 
A 1 4   GLU 4   57  ?   ?   ?   A . n 
A 1 5   ASP 5   58  ?   ?   ?   A . n 
A 1 6   MET 6   59  ?   ?   ?   A . n 
A 1 7   GLU 7   60  ?   ?   ?   A . n 
A 1 8   ASP 8   61  ?   ?   ?   A . n 
A 1 9   ASP 9   62  ?   ?   ?   A . n 
A 1 10  THR 10  63  63  THR THR A . n 
A 1 11  SER 11  64  64  SER SER A . n 
A 1 12  TRP 12  65  65  TRP TRP A . n 
A 1 13  ARG 13  66  66  ARG ARG A . n 
A 1 14  SER 14  67  67  SER SER A . n 
A 1 15  GLU 15  68  68  GLU GLU A . n 
A 1 16  ALA 16  69  69  ALA ALA A . n 
A 1 17  THR 17  70  70  THR THR A . n 
A 1 18  PHE 18  71  71  PHE PHE A . n 
A 1 19  GLN 19  72  72  GLN GLN A . n 
A 1 20  PHE 20  73  73  PHE PHE A . n 
A 1 21  THR 21  74  74  THR THR A . n 
A 1 22  VAL 22  75  75  VAL VAL A . n 
A 1 23  GLU 23  76  76  GLU GLU A . n 
A 1 24  ARG 24  77  77  ARG ARG A . n 
A 1 25  PHE 25  78  78  PHE PHE A . n 
A 1 26  SER 26  79  79  SER SER A . n 
A 1 27  ARG 27  80  80  ARG ARG A . n 
A 1 28  LEU 28  81  81  LEU LEU A . n 
A 1 29  SER 29  82  82  SER SER A . n 
A 1 30  GLU 30  83  83  GLU GLU A . n 
A 1 31  SER 31  84  84  SER SER A . n 
A 1 32  VAL 32  85  85  VAL VAL A . n 
A 1 33  LEU 33  86  86  LEU LEU A . n 
A 1 34  SER 34  87  87  SER SER A . n 
A 1 35  PRO 35  88  88  PRO PRO A . n 
A 1 36  PRO 36  89  89  PRO PRO A . n 
A 1 37  CYS 37  90  90  CYS CYS A . n 
A 1 38  PHE 38  91  91  PHE PHE A . n 
A 1 39  VAL 39  92  92  VAL VAL A . n 
A 1 40  ARG 40  93  93  ARG ARG A . n 
A 1 41  ASN 41  94  94  ASN ASN A . n 
A 1 42  LEU 42  95  95  LEU LEU A . n 
A 1 43  PRO 43  96  96  PRO PRO A . n 
A 1 44  TRP 44  97  97  TRP TRP A . n 
A 1 45  LYS 45  98  98  LYS LYS A . n 
A 1 46  ILE 46  99  99  ILE ILE A . n 
A 1 47  MET 47  100 100 MET MET A . n 
A 1 48  VAL 48  101 101 VAL VAL A . n 
A 1 49  MET 49  102 102 MET MET A . n 
A 1 50  PRO 50  103 103 PRO PRO A . n 
A 1 51  ARG 51  104 104 ARG ARG A . n 
A 1 52  PHE 52  105 105 PHE PHE A . n 
A 1 53  TYR 53  106 106 TYR TYR A . n 
A 1 54  PRO 54  107 ?   ?   ?   A . n 
A 1 55  ASP 55  108 ?   ?   ?   A . n 
A 1 56  ARG 56  109 ?   ?   ?   A . n 
A 1 57  PRO 57  110 ?   ?   ?   A . n 
A 1 58  HIS 58  111 ?   ?   ?   A . n 
A 1 59  GLN 59  112 112 GLN GLN A . n 
A 1 60  LYS 60  113 113 LYS LYS A . n 
A 1 61  SER 61  114 114 SER SER A . n 
A 1 62  VAL 62  115 115 VAL VAL A . n 
A 1 63  GLY 63  116 116 GLY GLY A . n 
A 1 64  PHE 64  117 117 PHE PHE A . n 
A 1 65  PHE 65  118 118 PHE PHE A . n 
A 1 66  LEU 66  119 119 LEU LEU A . n 
A 1 67  GLN 67  120 120 GLN GLN A . n 
A 1 68  CYS 68  121 121 CYS CYS A . n 
A 1 69  ASN 69  122 122 ASN ASN A . n 
A 1 70  ALA 70  123 123 ALA ALA A . n 
A 1 71  GLU 71  124 124 GLU GLU A . n 
A 1 72  SER 72  125 125 SER SER A . n 
A 1 73  ASP 73  126 126 ASP ASP A . n 
A 1 74  SER 74  127 127 SER SER A . n 
A 1 75  THR 75  128 128 THR THR A . n 
A 1 76  SER 76  129 129 SER SER A . n 
A 1 77  TRP 77  130 130 TRP TRP A . n 
A 1 78  SER 78  131 131 SER SER A . n 
A 1 79  CYS 79  132 132 CYS CYS A . n 
A 1 80  HIS 80  133 133 HIS HIS A . n 
A 1 81  ALA 81  134 134 ALA ALA A . n 
A 1 82  GLN 82  135 135 GLN GLN A . n 
A 1 83  ALA 83  136 136 ALA ALA A . n 
A 1 84  VAL 84  137 137 VAL VAL A . n 
A 1 85  LEU 85  138 138 LEU LEU A . n 
A 1 86  LYS 86  139 139 LYS LYS A . n 
A 1 87  ILE 87  140 140 ILE ILE A . n 
A 1 88  ILE 88  141 141 ILE ILE A . n 
A 1 89  ASN 89  142 142 ASN ASN A . n 
A 1 90  TYR 90  143 143 TYR TYR A . n 
A 1 91  ARG 91  144 144 ARG ARG A . n 
A 1 92  ASP 92  145 145 ASP ASP A . n 
A 1 93  ASP 93  146 146 ASP ASP A . n 
A 1 94  GLU 94  147 147 GLU GLU A . n 
A 1 95  LYS 95  148 148 LYS LYS A . n 
A 1 96  SER 96  149 149 SER SER A . n 
A 1 97  PHE 97  150 150 PHE PHE A . n 
A 1 98  SER 98  151 151 SER SER A . n 
A 1 99  ARG 99  152 152 ARG ARG A . n 
A 1 100 ARG 100 153 153 ARG ARG A . n 
A 1 101 ILE 101 154 154 ILE ILE A . n 
A 1 102 SER 102 155 155 SER SER A . n 
A 1 103 HIS 103 156 156 HIS HIS A . n 
A 1 104 LEU 104 157 157 LEU LEU A . n 
A 1 105 PHE 105 158 158 PHE PHE A . n 
A 1 106 PHE 106 159 159 PHE PHE A . n 
A 1 107 HIS 107 160 160 HIS HIS A . n 
A 1 108 LYS 108 161 161 LYS LYS A . n 
A 1 109 GLU 109 162 162 GLU GLU A . n 
A 1 110 ASN 110 163 163 ASN ASN A . n 
A 1 111 ASP 111 164 164 ASP ASP A . n 
A 1 112 TRP 112 165 165 TRP TRP A . n 
A 1 113 GLY 113 166 166 GLY GLY A . n 
A 1 114 PHE 114 167 167 PHE PHE A . n 
A 1 115 SER 115 168 168 SER SER A . n 
A 1 116 ASN 116 169 169 ASN ASN A . n 
A 1 117 PHE 117 170 170 PHE PHE A . n 
A 1 118 MET 118 171 171 MET MET A . n 
A 1 119 ALA 119 172 172 ALA ALA A . n 
A 1 120 TRP 120 173 173 TRP TRP A . n 
A 1 121 SER 121 174 174 SER SER A . n 
A 1 122 GLU 122 175 175 GLU GLU A . n 
A 1 123 VAL 123 176 176 VAL VAL A . n 
A 1 124 THR 124 177 177 THR THR A . n 
A 1 125 ASP 125 178 178 ASP ASP A . n 
A 1 126 PRO 126 179 179 PRO PRO A . n 
A 1 127 GLU 127 180 180 GLU GLU A . n 
A 1 128 LYS 128 181 181 LYS LYS A . n 
A 1 129 GLY 129 182 182 GLY GLY A . n 
A 1 130 PHE 130 183 183 PHE PHE A . n 
A 1 131 ILE 131 184 184 ILE ILE A . n 
A 1 132 ASP 132 185 185 ASP ASP A . n 
A 1 133 ASP 133 186 186 ASP ASP A . n 
A 1 134 ASP 134 187 187 ASP ASP A . n 
A 1 135 LYS 135 188 188 LYS LYS A . n 
A 1 136 VAL 136 189 189 VAL VAL A . n 
A 1 137 THR 137 190 190 THR THR A . n 
A 1 138 PHE 138 191 191 PHE PHE A . n 
A 1 139 GLU 139 192 192 GLU GLU A . n 
A 1 140 VAL 140 193 193 VAL VAL A . n 
A 1 141 PHE 141 194 194 PHE PHE A . n 
A 1 142 VAL 142 195 195 VAL VAL A . n 
A 1 143 GLN 143 196 196 GLN GLN A . n 
A 1 144 ALA 144 197 197 ALA ALA A . n 
A 1 145 ASP 145 198 198 ASP ASP A . n 
A 1 146 ALA 146 199 199 ALA ALA A . n 
A 1 147 PRO 147 200 200 PRO PRO A . n 
A 1 148 HIS 148 201 201 HIS HIS A . n 
A 1 149 GLY 149 202 202 GLY GLY A . n 
A 1 150 VAL 150 203 203 VAL VAL A . n 
A 1 151 ALA 151 204 204 ALA ALA A . n 
A 1 152 TRP 152 205 205 TRP TRP A . n 
B 2 1   ARG 1   152 ?   ?   ?   B . n 
B 2 2   VAL 2   153 153 VAL VAL B . n 
B 2 3   SER 3   154 154 SER SER B . n 
B 2 4   PRO 4   155 155 PRO PRO B . n 
B 2 5   SER 5   156 156 SER SER B . n 
B 2 6   THR 6   157 157 THR THR B . n 
B 2 7   SER 7   158 158 SER SER B . n 
B 2 8   TYR 8   159 159 TYR TYR B . n 
B 2 9   THR 9   160 ?   ?   ?   B . n 
B 2 10  PRO 10  161 ?   ?   ?   B . n 
# 
loop_
_pdbx_nonpoly_scheme.asym_id 
_pdbx_nonpoly_scheme.entity_id 
_pdbx_nonpoly_scheme.mon_id 
_pdbx_nonpoly_scheme.ndb_seq_num 
_pdbx_nonpoly_scheme.pdb_seq_num 
_pdbx_nonpoly_scheme.auth_seq_num 
_pdbx_nonpoly_scheme.pdb_mon_id 
_pdbx_nonpoly_scheme.auth_mon_id 
_pdbx_nonpoly_scheme.pdb_strand_id 
_pdbx_nonpoly_scheme.pdb_ins_code 
C 3 HOH 1   1001 1001 HOH TIP A . 
C 3 HOH 2   1002 1002 HOH TIP A . 
C 3 HOH 3   1003 1003 HOH TIP A . 
C 3 HOH 4   1004 1004 HOH TIP A . 
C 3 HOH 5   1005 1005 HOH TIP A . 
C 3 HOH 6   1006 1006 HOH TIP A . 
C 3 HOH 7   1007 1007 HOH TIP A . 
C 3 HOH 8   1008 1008 HOH TIP A . 
C 3 HOH 9   1009 1009 HOH TIP A . 
C 3 HOH 10  1010 1010 HOH TIP A . 
C 3 HOH 11  1011 1011 HOH TIP A . 
C 3 HOH 12  1012 1012 HOH TIP A . 
C 3 HOH 13  1013 1013 HOH TIP A . 
C 3 HOH 14  1014 1014 HOH TIP A . 
C 3 HOH 15  1015 1015 HOH TIP A . 
C 3 HOH 16  1016 1016 HOH TIP A . 
C 3 HOH 17  1017 1018 HOH TIP A . 
C 3 HOH 18  1018 1019 HOH TIP A . 
C 3 HOH 19  1019 1020 HOH TIP A . 
C 3 HOH 20  1020 1021 HOH TIP A . 
C 3 HOH 21  1021 1022 HOH TIP A . 
C 3 HOH 22  1022 1023 HOH TIP A . 
C 3 HOH 23  1023 1024 HOH TIP A . 
C 3 HOH 24  1024 1025 HOH TIP A . 
C 3 HOH 25  1025 1026 HOH TIP A . 
C 3 HOH 26  1026 1027 HOH TIP A . 
C 3 HOH 27  1027 1028 HOH TIP A . 
C 3 HOH 28  1028 1029 HOH TIP A . 
C 3 HOH 29  1029 1030 HOH TIP A . 
C 3 HOH 30  1030 1032 HOH TIP A . 
C 3 HOH 31  1031 1033 HOH TIP A . 
C 3 HOH 32  1032 1034 HOH TIP A . 
C 3 HOH 33  1033 1035 HOH TIP A . 
C 3 HOH 34  1034 1036 HOH TIP A . 
C 3 HOH 35  1035 1037 HOH TIP A . 
C 3 HOH 36  1036 1038 HOH TIP A . 
C 3 HOH 37  1037 1039 HOH TIP A . 
C 3 HOH 38  1038 1040 HOH TIP A . 
C 3 HOH 39  1039 1041 HOH TIP A . 
C 3 HOH 40  1040 1042 HOH TIP A . 
C 3 HOH 41  1041 1044 HOH TIP A . 
C 3 HOH 42  1042 1045 HOH TIP A . 
C 3 HOH 43  1043 1046 HOH TIP A . 
C 3 HOH 44  1044 1047 HOH TIP A . 
C 3 HOH 45  1045 1050 HOH TIP A . 
C 3 HOH 46  1046 1051 HOH TIP A . 
C 3 HOH 47  1047 1052 HOH TIP A . 
C 3 HOH 48  1048 1053 HOH TIP A . 
C 3 HOH 49  1049 1054 HOH TIP A . 
C 3 HOH 50  1050 1055 HOH TIP A . 
C 3 HOH 51  1051 1056 HOH TIP A . 
C 3 HOH 52  1052 1057 HOH TIP A . 
C 3 HOH 53  1053 1058 HOH TIP A . 
C 3 HOH 54  1054 1059 HOH TIP A . 
C 3 HOH 55  1055 1060 HOH TIP A . 
C 3 HOH 56  1056 1061 HOH TIP A . 
C 3 HOH 57  1057 1062 HOH TIP A . 
C 3 HOH 58  1058 1064 HOH TIP A . 
C 3 HOH 59  1059 1066 HOH TIP A . 
C 3 HOH 60  1060 1067 HOH TIP A . 
C 3 HOH 61  1061 1068 HOH TIP A . 
C 3 HOH 62  1062 1069 HOH TIP A . 
C 3 HOH 63  1063 1070 HOH TIP A . 
C 3 HOH 64  1064 1071 HOH TIP A . 
C 3 HOH 65  1065 1072 HOH TIP A . 
C 3 HOH 66  1066 1073 HOH TIP A . 
C 3 HOH 67  1067 1074 HOH TIP A . 
C 3 HOH 68  1068 1075 HOH TIP A . 
C 3 HOH 69  1069 1076 HOH TIP A . 
C 3 HOH 70  1070 1077 HOH TIP A . 
C 3 HOH 71  1071 1078 HOH TIP A . 
C 3 HOH 72  1072 1079 HOH TIP A . 
C 3 HOH 73  1073 1080 HOH TIP A . 
C 3 HOH 74  1074 1082 HOH TIP A . 
C 3 HOH 75  1075 1083 HOH TIP A . 
C 3 HOH 76  1076 1084 HOH TIP A . 
C 3 HOH 77  1077 1086 HOH TIP A . 
C 3 HOH 78  1078 1087 HOH TIP A . 
C 3 HOH 79  1079 1088 HOH TIP A . 
C 3 HOH 80  1080 1089 HOH TIP A . 
C 3 HOH 81  1081 1090 HOH TIP A . 
C 3 HOH 82  1082 1091 HOH TIP A . 
C 3 HOH 83  1083 1092 HOH TIP A . 
C 3 HOH 84  1084 1094 HOH TIP A . 
C 3 HOH 85  1085 1095 HOH TIP A . 
C 3 HOH 86  1086 1096 HOH TIP A . 
C 3 HOH 87  1087 1097 HOH TIP A . 
C 3 HOH 88  1088 1098 HOH TIP A . 
C 3 HOH 89  1089 1099 HOH TIP A . 
C 3 HOH 90  1090 1101 HOH TIP A . 
C 3 HOH 91  1091 1103 HOH TIP A . 
C 3 HOH 92  1092 1104 HOH TIP A . 
C 3 HOH 93  1093 1105 HOH TIP A . 
C 3 HOH 94  1094 1106 HOH TIP A . 
C 3 HOH 95  1095 1107 HOH TIP A . 
C 3 HOH 96  1096 1108 HOH TIP A . 
C 3 HOH 97  1097 1109 HOH TIP A . 
C 3 HOH 98  1098 1112 HOH TIP A . 
C 3 HOH 99  1099 1113 HOH TIP A . 
C 3 HOH 100 1100 1114 HOH TIP A . 
C 3 HOH 101 1101 1115 HOH TIP A . 
C 3 HOH 102 1102 1116 HOH TIP A . 
C 3 HOH 103 1103 1117 HOH TIP A . 
C 3 HOH 104 1104 1118 HOH TIP A . 
C 3 HOH 105 1105 1119 HOH TIP A . 
C 3 HOH 106 1106 1120 HOH TIP A . 
C 3 HOH 107 1107 1121 HOH TIP A . 
C 3 HOH 108 1108 1122 HOH TIP A . 
C 3 HOH 109 1109 1123 HOH TIP A . 
C 3 HOH 110 1110 1124 HOH TIP A . 
C 3 HOH 111 1111 1125 HOH TIP A . 
C 3 HOH 112 1112 1126 HOH TIP A . 
C 3 HOH 113 1113 1128 HOH TIP A . 
C 3 HOH 114 1114 1129 HOH TIP A . 
C 3 HOH 115 1115 1130 HOH TIP A . 
C 3 HOH 116 1116 1131 HOH TIP A . 
C 3 HOH 117 1117 1132 HOH TIP A . 
C 3 HOH 118 1118 1133 HOH TIP A . 
C 3 HOH 119 1119 1134 HOH TIP A . 
C 3 HOH 120 1120 1135 HOH TIP A . 
C 3 HOH 121 1121 1136 HOH TIP A . 
C 3 HOH 122 1122 1137 HOH TIP A . 
C 3 HOH 123 1123 1138 HOH TIP A . 
C 3 HOH 124 1124 1139 HOH TIP A . 
C 3 HOH 125 1125 1140 HOH TIP A . 
C 3 HOH 126 1126 1127 HOH TIP A . 
D 3 HOH 1   201  1017 HOH TIP B . 
D 3 HOH 2   202  1049 HOH TIP B . 
D 3 HOH 3   203  1063 HOH TIP B . 
D 3 HOH 4   204  1081 HOH TIP B . 
D 3 HOH 5   205  1093 HOH TIP B . 
D 3 HOH 6   206  1102 HOH TIP B . 
# 
_pdbx_struct_assembly.id                   1 
_pdbx_struct_assembly.details              author_and_software_defined_assembly 
_pdbx_struct_assembly.method_details       PISA 
_pdbx_struct_assembly.oligomeric_details   dimeric 
_pdbx_struct_assembly.oligomeric_count     2 
# 
_pdbx_struct_assembly_gen.assembly_id       1 
_pdbx_struct_assembly_gen.oper_expression   1 
_pdbx_struct_assembly_gen.asym_id_list      A,B,C,D 
# 
loop_
_pdbx_struct_assembly_prop.biol_id 
_pdbx_struct_assembly_prop.type 
_pdbx_struct_assembly_prop.value 
_pdbx_struct_assembly_prop.details 
1 'ABSA (A^2)' 710  ? 
1 MORE         -3   ? 
1 'SSA (A^2)'  7930 ? 
# 
_pdbx_struct_oper_list.id                   1 
_pdbx_struct_oper_list.type                 'identity operation' 
_pdbx_struct_oper_list.name                 1_555 
_pdbx_struct_oper_list.symmetry_operation   x,y,z 
_pdbx_struct_oper_list.matrix[1][1]         1.0000000000 
_pdbx_struct_oper_list.matrix[1][2]         0.0000000000 
_pdbx_struct_oper_list.matrix[1][3]         0.0000000000 
_pdbx_struct_oper_list.vector[1]            0.0000000000 
_pdbx_struct_oper_list.matrix[2][1]         0.0000000000 
_pdbx_struct_oper_list.matrix[2][2]         1.0000000000 
_pdbx_struct_oper_list.matrix[2][3]         0.0000000000 
_pdbx_struct_oper_list.vector[2]            0.0000000000 
_pdbx_struct_oper_list.matrix[3][1]         0.0000000000 
_pdbx_struct_oper_list.matrix[3][2]         0.0000000000 
_pdbx_struct_oper_list.matrix[3][3]         1.0000000000 
_pdbx_struct_oper_list.vector[3]            0.0000000000 
# 
loop_
_pdbx_audit_revision_history.ordinal 
_pdbx_audit_revision_history.data_content_type 
_pdbx_audit_revision_history.major_revision 
_pdbx_audit_revision_history.minor_revision 
_pdbx_audit_revision_history.revision_date 
1 'Structure model' 1 0 2013-11-13 
2 'Structure model' 1 1 2014-02-05 
3 'Structure model' 1 2 2023-09-20 
# 
_pdbx_audit_revision_details.ordinal             1 
_pdbx_audit_revision_details.revision_ordinal    1 
_pdbx_audit_revision_details.data_content_type   'Structure model' 
_pdbx_audit_revision_details.provider            repository 
_pdbx_audit_revision_details.type                'Initial release' 
_pdbx_audit_revision_details.description         ? 
_pdbx_audit_revision_details.details             ? 
# 
loop_
_pdbx_audit_revision_group.ordinal 
_pdbx_audit_revision_group.revision_ordinal 
_pdbx_audit_revision_group.data_content_type 
_pdbx_audit_revision_group.group 
1 2 'Structure model' 'Database references'    
2 3 'Structure model' 'Data collection'        
3 3 'Structure model' 'Database references'    
4 3 'Structure model' 'Refinement description' 
# 
loop_
_pdbx_audit_revision_category.ordinal 
_pdbx_audit_revision_category.revision_ordinal 
_pdbx_audit_revision_category.data_content_type 
_pdbx_audit_revision_category.category 
1 3 'Structure model' chem_comp_atom                
2 3 'Structure model' chem_comp_bond                
3 3 'Structure model' database_2                    
4 3 'Structure model' pdbx_initial_refinement_model 
# 
loop_
_pdbx_audit_revision_item.ordinal 
_pdbx_audit_revision_item.revision_ordinal 
_pdbx_audit_revision_item.data_content_type 
_pdbx_audit_revision_item.item 
1 3 'Structure model' '_database_2.pdbx_DOI'                
2 3 'Structure model' '_database_2.pdbx_database_accession' 
# 
loop_
_software.name 
_software.classification 
_software.version 
_software.citation_id 
_software.pdbx_ordinal 
CrystalClear 'data collection' . ? 1 
CNS          refinement        . ? 2 
HKL-2000     'data reduction'  . ? 3 
HKL-2000     'data scaling'    . ? 4 
CNS          phasing           . ? 5 
# 
_pdbx_validate_torsion.id              1 
_pdbx_validate_torsion.PDB_model_num   1 
_pdbx_validate_torsion.auth_comp_id    VAL 
_pdbx_validate_torsion.auth_asym_id    A 
_pdbx_validate_torsion.auth_seq_id     203 
_pdbx_validate_torsion.PDB_ins_code    ? 
_pdbx_validate_torsion.label_alt_id    ? 
_pdbx_validate_torsion.phi             -121.00 
_pdbx_validate_torsion.psi             -84.08 
# 
loop_
_pdbx_unobs_or_zero_occ_residues.id 
_pdbx_unobs_or_zero_occ_residues.PDB_model_num 
_pdbx_unobs_or_zero_occ_residues.polymer_flag 
_pdbx_unobs_or_zero_occ_residues.occupancy_flag 
_pdbx_unobs_or_zero_occ_residues.auth_asym_id 
_pdbx_unobs_or_zero_occ_residues.auth_comp_id 
_pdbx_unobs_or_zero_occ_residues.auth_seq_id 
_pdbx_unobs_or_zero_occ_residues.PDB_ins_code 
_pdbx_unobs_or_zero_occ_residues.label_asym_id 
_pdbx_unobs_or_zero_occ_residues.label_comp_id 
_pdbx_unobs_or_zero_occ_residues.label_seq_id 
1  1 Y 1 A THR 54  ? A THR 1  
2  1 Y 1 A ALA 55  ? A ALA 2  
3  1 Y 1 A GLU 56  ? A GLU 3  
4  1 Y 1 A GLU 57  ? A GLU 4  
5  1 Y 1 A ASP 58  ? A ASP 5  
6  1 Y 1 A MET 59  ? A MET 6  
7  1 Y 1 A GLU 60  ? A GLU 7  
8  1 Y 1 A ASP 61  ? A ASP 8  
9  1 Y 1 A ASP 62  ? A ASP 9  
10 1 Y 1 A PRO 107 ? A PRO 54 
11 1 Y 1 A ASP 108 ? A ASP 55 
12 1 Y 1 A ARG 109 ? A ARG 56 
13 1 Y 1 A PRO 110 ? A PRO 57 
14 1 Y 1 A HIS 111 ? A HIS 58 
15 1 Y 1 B ARG 152 ? B ARG 1  
16 1 Y 1 B THR 160 ? B THR 9  
17 1 Y 1 B PRO 161 ? B PRO 10 
# 
loop_
_chem_comp_atom.comp_id 
_chem_comp_atom.atom_id 
_chem_comp_atom.type_symbol 
_chem_comp_atom.pdbx_aromatic_flag 
_chem_comp_atom.pdbx_stereo_config 
_chem_comp_atom.pdbx_ordinal 
ALA N    N N N 1   
ALA CA   C N S 2   
ALA C    C N N 3   
ALA O    O N N 4   
ALA CB   C N N 5   
ALA OXT  O N N 6   
ALA H    H N N 7   
ALA H2   H N N 8   
ALA HA   H N N 9   
ALA HB1  H N N 10  
ALA HB2  H N N 11  
ALA HB3  H N N 12  
ALA HXT  H N N 13  
ARG N    N N N 14  
ARG CA   C N S 15  
ARG C    C N N 16  
ARG O    O N N 17  
ARG CB   C N N 18  
ARG CG   C N N 19  
ARG CD   C N N 20  
ARG NE   N N N 21  
ARG CZ   C N N 22  
ARG NH1  N N N 23  
ARG NH2  N N N 24  
ARG OXT  O N N 25  
ARG H    H N N 26  
ARG H2   H N N 27  
ARG HA   H N N 28  
ARG HB2  H N N 29  
ARG HB3  H N N 30  
ARG HG2  H N N 31  
ARG HG3  H N N 32  
ARG HD2  H N N 33  
ARG HD3  H N N 34  
ARG HE   H N N 35  
ARG HH11 H N N 36  
ARG HH12 H N N 37  
ARG HH21 H N N 38  
ARG HH22 H N N 39  
ARG HXT  H N N 40  
ASN N    N N N 41  
ASN CA   C N S 42  
ASN C    C N N 43  
ASN O    O N N 44  
ASN CB   C N N 45  
ASN CG   C N N 46  
ASN OD1  O N N 47  
ASN ND2  N N N 48  
ASN OXT  O N N 49  
ASN H    H N N 50  
ASN H2   H N N 51  
ASN HA   H N N 52  
ASN HB2  H N N 53  
ASN HB3  H N N 54  
ASN HD21 H N N 55  
ASN HD22 H N N 56  
ASN HXT  H N N 57  
ASP N    N N N 58  
ASP CA   C N S 59  
ASP C    C N N 60  
ASP O    O N N 61  
ASP CB   C N N 62  
ASP CG   C N N 63  
ASP OD1  O N N 64  
ASP OD2  O N N 65  
ASP OXT  O N N 66  
ASP H    H N N 67  
ASP H2   H N N 68  
ASP HA   H N N 69  
ASP HB2  H N N 70  
ASP HB3  H N N 71  
ASP HD2  H N N 72  
ASP HXT  H N N 73  
CYS N    N N N 74  
CYS CA   C N R 75  
CYS C    C N N 76  
CYS O    O N N 77  
CYS CB   C N N 78  
CYS SG   S N N 79  
CYS OXT  O N N 80  
CYS H    H N N 81  
CYS H2   H N N 82  
CYS HA   H N N 83  
CYS HB2  H N N 84  
CYS HB3  H N N 85  
CYS HG   H N N 86  
CYS HXT  H N N 87  
GLN N    N N N 88  
GLN CA   C N S 89  
GLN C    C N N 90  
GLN O    O N N 91  
GLN CB   C N N 92  
GLN CG   C N N 93  
GLN CD   C N N 94  
GLN OE1  O N N 95  
GLN NE2  N N N 96  
GLN OXT  O N N 97  
GLN H    H N N 98  
GLN H2   H N N 99  
GLN HA   H N N 100 
GLN HB2  H N N 101 
GLN HB3  H N N 102 
GLN HG2  H N N 103 
GLN HG3  H N N 104 
GLN HE21 H N N 105 
GLN HE22 H N N 106 
GLN HXT  H N N 107 
GLU N    N N N 108 
GLU CA   C N S 109 
GLU C    C N N 110 
GLU O    O N N 111 
GLU CB   C N N 112 
GLU CG   C N N 113 
GLU CD   C N N 114 
GLU OE1  O N N 115 
GLU OE2  O N N 116 
GLU OXT  O N N 117 
GLU H    H N N 118 
GLU H2   H N N 119 
GLU HA   H N N 120 
GLU HB2  H N N 121 
GLU HB3  H N N 122 
GLU HG2  H N N 123 
GLU HG3  H N N 124 
GLU HE2  H N N 125 
GLU HXT  H N N 126 
GLY N    N N N 127 
GLY CA   C N N 128 
GLY C    C N N 129 
GLY O    O N N 130 
GLY OXT  O N N 131 
GLY H    H N N 132 
GLY H2   H N N 133 
GLY HA2  H N N 134 
GLY HA3  H N N 135 
GLY HXT  H N N 136 
HIS N    N N N 137 
HIS CA   C N S 138 
HIS C    C N N 139 
HIS O    O N N 140 
HIS CB   C N N 141 
HIS CG   C Y N 142 
HIS ND1  N Y N 143 
HIS CD2  C Y N 144 
HIS CE1  C Y N 145 
HIS NE2  N Y N 146 
HIS OXT  O N N 147 
HIS H    H N N 148 
HIS H2   H N N 149 
HIS HA   H N N 150 
HIS HB2  H N N 151 
HIS HB3  H N N 152 
HIS HD1  H N N 153 
HIS HD2  H N N 154 
HIS HE1  H N N 155 
HIS HE2  H N N 156 
HIS HXT  H N N 157 
HOH O    O N N 158 
HOH H1   H N N 159 
HOH H2   H N N 160 
ILE N    N N N 161 
ILE CA   C N S 162 
ILE C    C N N 163 
ILE O    O N N 164 
ILE CB   C N S 165 
ILE CG1  C N N 166 
ILE CG2  C N N 167 
ILE CD1  C N N 168 
ILE OXT  O N N 169 
ILE H    H N N 170 
ILE H2   H N N 171 
ILE HA   H N N 172 
ILE HB   H N N 173 
ILE HG12 H N N 174 
ILE HG13 H N N 175 
ILE HG21 H N N 176 
ILE HG22 H N N 177 
ILE HG23 H N N 178 
ILE HD11 H N N 179 
ILE HD12 H N N 180 
ILE HD13 H N N 181 
ILE HXT  H N N 182 
LEU N    N N N 183 
LEU CA   C N S 184 
LEU C    C N N 185 
LEU O    O N N 186 
LEU CB   C N N 187 
LEU CG   C N N 188 
LEU CD1  C N N 189 
LEU CD2  C N N 190 
LEU OXT  O N N 191 
LEU H    H N N 192 
LEU H2   H N N 193 
LEU HA   H N N 194 
LEU HB2  H N N 195 
LEU HB3  H N N 196 
LEU HG   H N N 197 
LEU HD11 H N N 198 
LEU HD12 H N N 199 
LEU HD13 H N N 200 
LEU HD21 H N N 201 
LEU HD22 H N N 202 
LEU HD23 H N N 203 
LEU HXT  H N N 204 
LYS N    N N N 205 
LYS CA   C N S 206 
LYS C    C N N 207 
LYS O    O N N 208 
LYS CB   C N N 209 
LYS CG   C N N 210 
LYS CD   C N N 211 
LYS CE   C N N 212 
LYS NZ   N N N 213 
LYS OXT  O N N 214 
LYS H    H N N 215 
LYS H2   H N N 216 
LYS HA   H N N 217 
LYS HB2  H N N 218 
LYS HB3  H N N 219 
LYS HG2  H N N 220 
LYS HG3  H N N 221 
LYS HD2  H N N 222 
LYS HD3  H N N 223 
LYS HE2  H N N 224 
LYS HE3  H N N 225 
LYS HZ1  H N N 226 
LYS HZ2  H N N 227 
LYS HZ3  H N N 228 
LYS HXT  H N N 229 
MET N    N N N 230 
MET CA   C N S 231 
MET C    C N N 232 
MET O    O N N 233 
MET CB   C N N 234 
MET CG   C N N 235 
MET SD   S N N 236 
MET CE   C N N 237 
MET OXT  O N N 238 
MET H    H N N 239 
MET H2   H N N 240 
MET HA   H N N 241 
MET HB2  H N N 242 
MET HB3  H N N 243 
MET HG2  H N N 244 
MET HG3  H N N 245 
MET HE1  H N N 246 
MET HE2  H N N 247 
MET HE3  H N N 248 
MET HXT  H N N 249 
PHE N    N N N 250 
PHE CA   C N S 251 
PHE C    C N N 252 
PHE O    O N N 253 
PHE CB   C N N 254 
PHE CG   C Y N 255 
PHE CD1  C Y N 256 
PHE CD2  C Y N 257 
PHE CE1  C Y N 258 
PHE CE2  C Y N 259 
PHE CZ   C Y N 260 
PHE OXT  O N N 261 
PHE H    H N N 262 
PHE H2   H N N 263 
PHE HA   H N N 264 
PHE HB2  H N N 265 
PHE HB3  H N N 266 
PHE HD1  H N N 267 
PHE HD2  H N N 268 
PHE HE1  H N N 269 
PHE HE2  H N N 270 
PHE HZ   H N N 271 
PHE HXT  H N N 272 
PRO N    N N N 273 
PRO CA   C N S 274 
PRO C    C N N 275 
PRO O    O N N 276 
PRO CB   C N N 277 
PRO CG   C N N 278 
PRO CD   C N N 279 
PRO OXT  O N N 280 
PRO H    H N N 281 
PRO HA   H N N 282 
PRO HB2  H N N 283 
PRO HB3  H N N 284 
PRO HG2  H N N 285 
PRO HG3  H N N 286 
PRO HD2  H N N 287 
PRO HD3  H N N 288 
PRO HXT  H N N 289 
SER N    N N N 290 
SER CA   C N S 291 
SER C    C N N 292 
SER O    O N N 293 
SER CB   C N N 294 
SER OG   O N N 295 
SER OXT  O N N 296 
SER H    H N N 297 
SER H2   H N N 298 
SER HA   H N N 299 
SER HB2  H N N 300 
SER HB3  H N N 301 
SER HG   H N N 302 
SER HXT  H N N 303 
THR N    N N N 304 
THR CA   C N S 305 
THR C    C N N 306 
THR O    O N N 307 
THR CB   C N R 308 
THR OG1  O N N 309 
THR CG2  C N N 310 
THR OXT  O N N 311 
THR H    H N N 312 
THR H2   H N N 313 
THR HA   H N N 314 
THR HB   H N N 315 
THR HG1  H N N 316 
THR HG21 H N N 317 
THR HG22 H N N 318 
THR HG23 H N N 319 
THR HXT  H N N 320 
TRP N    N N N 321 
TRP CA   C N S 322 
TRP C    C N N 323 
TRP O    O N N 324 
TRP CB   C N N 325 
TRP CG   C Y N 326 
TRP CD1  C Y N 327 
TRP CD2  C Y N 328 
TRP NE1  N Y N 329 
TRP CE2  C Y N 330 
TRP CE3  C Y N 331 
TRP CZ2  C Y N 332 
TRP CZ3  C Y N 333 
TRP CH2  C Y N 334 
TRP OXT  O N N 335 
TRP H    H N N 336 
TRP H2   H N N 337 
TRP HA   H N N 338 
TRP HB2  H N N 339 
TRP HB3  H N N 340 
TRP HD1  H N N 341 
TRP HE1  H N N 342 
TRP HE3  H N N 343 
TRP HZ2  H N N 344 
TRP HZ3  H N N 345 
TRP HH2  H N N 346 
TRP HXT  H N N 347 
TYR N    N N N 348 
TYR CA   C N S 349 
TYR C    C N N 350 
TYR O    O N N 351 
TYR CB   C N N 352 
TYR CG   C Y N 353 
TYR CD1  C Y N 354 
TYR CD2  C Y N 355 
TYR CE1  C Y N 356 
TYR CE2  C Y N 357 
TYR CZ   C Y N 358 
TYR OH   O N N 359 
TYR OXT  O N N 360 
TYR H    H N N 361 
TYR H2   H N N 362 
TYR HA   H N N 363 
TYR HB2  H N N 364 
TYR HB3  H N N 365 
TYR HD1  H N N 366 
TYR HD2  H N N 367 
TYR HE1  H N N 368 
TYR HE2  H N N 369 
TYR HH   H N N 370 
TYR HXT  H N N 371 
VAL N    N N N 372 
VAL CA   C N S 373 
VAL C    C N N 374 
VAL O    O N N 375 
VAL CB   C N N 376 
VAL CG1  C N N 377 
VAL CG2  C N N 378 
VAL OXT  O N N 379 
VAL H    H N N 380 
VAL H2   H N N 381 
VAL HA   H N N 382 
VAL HB   H N N 383 
VAL HG11 H N N 384 
VAL HG12 H N N 385 
VAL HG13 H N N 386 
VAL HG21 H N N 387 
VAL HG22 H N N 388 
VAL HG23 H N N 389 
VAL HXT  H N N 390 
# 
loop_
_chem_comp_bond.comp_id 
_chem_comp_bond.atom_id_1 
_chem_comp_bond.atom_id_2 
_chem_comp_bond.value_order 
_chem_comp_bond.pdbx_aromatic_flag 
_chem_comp_bond.pdbx_stereo_config 
_chem_comp_bond.pdbx_ordinal 
ALA N   CA   sing N N 1   
ALA N   H    sing N N 2   
ALA N   H2   sing N N 3   
ALA CA  C    sing N N 4   
ALA CA  CB   sing N N 5   
ALA CA  HA   sing N N 6   
ALA C   O    doub N N 7   
ALA C   OXT  sing N N 8   
ALA CB  HB1  sing N N 9   
ALA CB  HB2  sing N N 10  
ALA CB  HB3  sing N N 11  
ALA OXT HXT  sing N N 12  
ARG N   CA   sing N N 13  
ARG N   H    sing N N 14  
ARG N   H2   sing N N 15  
ARG CA  C    sing N N 16  
ARG CA  CB   sing N N 17  
ARG CA  HA   sing N N 18  
ARG C   O    doub N N 19  
ARG C   OXT  sing N N 20  
ARG CB  CG   sing N N 21  
ARG CB  HB2  sing N N 22  
ARG CB  HB3  sing N N 23  
ARG CG  CD   sing N N 24  
ARG CG  HG2  sing N N 25  
ARG CG  HG3  sing N N 26  
ARG CD  NE   sing N N 27  
ARG CD  HD2  sing N N 28  
ARG CD  HD3  sing N N 29  
ARG NE  CZ   sing N N 30  
ARG NE  HE   sing N N 31  
ARG CZ  NH1  sing N N 32  
ARG CZ  NH2  doub N N 33  
ARG NH1 HH11 sing N N 34  
ARG NH1 HH12 sing N N 35  
ARG NH2 HH21 sing N N 36  
ARG NH2 HH22 sing N N 37  
ARG OXT HXT  sing N N 38  
ASN N   CA   sing N N 39  
ASN N   H    sing N N 40  
ASN N   H2   sing N N 41  
ASN CA  C    sing N N 42  
ASN CA  CB   sing N N 43  
ASN CA  HA   sing N N 44  
ASN C   O    doub N N 45  
ASN C   OXT  sing N N 46  
ASN CB  CG   sing N N 47  
ASN CB  HB2  sing N N 48  
ASN CB  HB3  sing N N 49  
ASN CG  OD1  doub N N 50  
ASN CG  ND2  sing N N 51  
ASN ND2 HD21 sing N N 52  
ASN ND2 HD22 sing N N 53  
ASN OXT HXT  sing N N 54  
ASP N   CA   sing N N 55  
ASP N   H    sing N N 56  
ASP N   H2   sing N N 57  
ASP CA  C    sing N N 58  
ASP CA  CB   sing N N 59  
ASP CA  HA   sing N N 60  
ASP C   O    doub N N 61  
ASP C   OXT  sing N N 62  
ASP CB  CG   sing N N 63  
ASP CB  HB2  sing N N 64  
ASP CB  HB3  sing N N 65  
ASP CG  OD1  doub N N 66  
ASP CG  OD2  sing N N 67  
ASP OD2 HD2  sing N N 68  
ASP OXT HXT  sing N N 69  
CYS N   CA   sing N N 70  
CYS N   H    sing N N 71  
CYS N   H2   sing N N 72  
CYS CA  C    sing N N 73  
CYS CA  CB   sing N N 74  
CYS CA  HA   sing N N 75  
CYS C   O    doub N N 76  
CYS C   OXT  sing N N 77  
CYS CB  SG   sing N N 78  
CYS CB  HB2  sing N N 79  
CYS CB  HB3  sing N N 80  
CYS SG  HG   sing N N 81  
CYS OXT HXT  sing N N 82  
GLN N   CA   sing N N 83  
GLN N   H    sing N N 84  
GLN N   H2   sing N N 85  
GLN CA  C    sing N N 86  
GLN CA  CB   sing N N 87  
GLN CA  HA   sing N N 88  
GLN C   O    doub N N 89  
GLN C   OXT  sing N N 90  
GLN CB  CG   sing N N 91  
GLN CB  HB2  sing N N 92  
GLN CB  HB3  sing N N 93  
GLN CG  CD   sing N N 94  
GLN CG  HG2  sing N N 95  
GLN CG  HG3  sing N N 96  
GLN CD  OE1  doub N N 97  
GLN CD  NE2  sing N N 98  
GLN NE2 HE21 sing N N 99  
GLN NE2 HE22 sing N N 100 
GLN OXT HXT  sing N N 101 
GLU N   CA   sing N N 102 
GLU N   H    sing N N 103 
GLU N   H2   sing N N 104 
GLU CA  C    sing N N 105 
GLU CA  CB   sing N N 106 
GLU CA  HA   sing N N 107 
GLU C   O    doub N N 108 
GLU C   OXT  sing N N 109 
GLU CB  CG   sing N N 110 
GLU CB  HB2  sing N N 111 
GLU CB  HB3  sing N N 112 
GLU CG  CD   sing N N 113 
GLU CG  HG2  sing N N 114 
GLU CG  HG3  sing N N 115 
GLU CD  OE1  doub N N 116 
GLU CD  OE2  sing N N 117 
GLU OE2 HE2  sing N N 118 
GLU OXT HXT  sing N N 119 
GLY N   CA   sing N N 120 
GLY N   H    sing N N 121 
GLY N   H2   sing N N 122 
GLY CA  C    sing N N 123 
GLY CA  HA2  sing N N 124 
GLY CA  HA3  sing N N 125 
GLY C   O    doub N N 126 
GLY C   OXT  sing N N 127 
GLY OXT HXT  sing N N 128 
HIS N   CA   sing N N 129 
HIS N   H    sing N N 130 
HIS N   H2   sing N N 131 
HIS CA  C    sing N N 132 
HIS CA  CB   sing N N 133 
HIS CA  HA   sing N N 134 
HIS C   O    doub N N 135 
HIS C   OXT  sing N N 136 
HIS CB  CG   sing N N 137 
HIS CB  HB2  sing N N 138 
HIS CB  HB3  sing N N 139 
HIS CG  ND1  sing Y N 140 
HIS CG  CD2  doub Y N 141 
HIS ND1 CE1  doub Y N 142 
HIS ND1 HD1  sing N N 143 
HIS CD2 NE2  sing Y N 144 
HIS CD2 HD2  sing N N 145 
HIS CE1 NE2  sing Y N 146 
HIS CE1 HE1  sing N N 147 
HIS NE2 HE2  sing N N 148 
HIS OXT HXT  sing N N 149 
HOH O   H1   sing N N 150 
HOH O   H2   sing N N 151 
ILE N   CA   sing N N 152 
ILE N   H    sing N N 153 
ILE N   H2   sing N N 154 
ILE CA  C    sing N N 155 
ILE CA  CB   sing N N 156 
ILE CA  HA   sing N N 157 
ILE C   O    doub N N 158 
ILE C   OXT  sing N N 159 
ILE CB  CG1  sing N N 160 
ILE CB  CG2  sing N N 161 
ILE CB  HB   sing N N 162 
ILE CG1 CD1  sing N N 163 
ILE CG1 HG12 sing N N 164 
ILE CG1 HG13 sing N N 165 
ILE CG2 HG21 sing N N 166 
ILE CG2 HG22 sing N N 167 
ILE CG2 HG23 sing N N 168 
ILE CD1 HD11 sing N N 169 
ILE CD1 HD12 sing N N 170 
ILE CD1 HD13 sing N N 171 
ILE OXT HXT  sing N N 172 
LEU N   CA   sing N N 173 
LEU N   H    sing N N 174 
LEU N   H2   sing N N 175 
LEU CA  C    sing N N 176 
LEU CA  CB   sing N N 177 
LEU CA  HA   sing N N 178 
LEU C   O    doub N N 179 
LEU C   OXT  sing N N 180 
LEU CB  CG   sing N N 181 
LEU CB  HB2  sing N N 182 
LEU CB  HB3  sing N N 183 
LEU CG  CD1  sing N N 184 
LEU CG  CD2  sing N N 185 
LEU CG  HG   sing N N 186 
LEU CD1 HD11 sing N N 187 
LEU CD1 HD12 sing N N 188 
LEU CD1 HD13 sing N N 189 
LEU CD2 HD21 sing N N 190 
LEU CD2 HD22 sing N N 191 
LEU CD2 HD23 sing N N 192 
LEU OXT HXT  sing N N 193 
LYS N   CA   sing N N 194 
LYS N   H    sing N N 195 
LYS N   H2   sing N N 196 
LYS CA  C    sing N N 197 
LYS CA  CB   sing N N 198 
LYS CA  HA   sing N N 199 
LYS C   O    doub N N 200 
LYS C   OXT  sing N N 201 
LYS CB  CG   sing N N 202 
LYS CB  HB2  sing N N 203 
LYS CB  HB3  sing N N 204 
LYS CG  CD   sing N N 205 
LYS CG  HG2  sing N N 206 
LYS CG  HG3  sing N N 207 
LYS CD  CE   sing N N 208 
LYS CD  HD2  sing N N 209 
LYS CD  HD3  sing N N 210 
LYS CE  NZ   sing N N 211 
LYS CE  HE2  sing N N 212 
LYS CE  HE3  sing N N 213 
LYS NZ  HZ1  sing N N 214 
LYS NZ  HZ2  sing N N 215 
LYS NZ  HZ3  sing N N 216 
LYS OXT HXT  sing N N 217 
MET N   CA   sing N N 218 
MET N   H    sing N N 219 
MET N   H2   sing N N 220 
MET CA  C    sing N N 221 
MET CA  CB   sing N N 222 
MET CA  HA   sing N N 223 
MET C   O    doub N N 224 
MET C   OXT  sing N N 225 
MET CB  CG   sing N N 226 
MET CB  HB2  sing N N 227 
MET CB  HB3  sing N N 228 
MET CG  SD   sing N N 229 
MET CG  HG2  sing N N 230 
MET CG  HG3  sing N N 231 
MET SD  CE   sing N N 232 
MET CE  HE1  sing N N 233 
MET CE  HE2  sing N N 234 
MET CE  HE3  sing N N 235 
MET OXT HXT  sing N N 236 
PHE N   CA   sing N N 237 
PHE N   H    sing N N 238 
PHE N   H2   sing N N 239 
PHE CA  C    sing N N 240 
PHE CA  CB   sing N N 241 
PHE CA  HA   sing N N 242 
PHE C   O    doub N N 243 
PHE C   OXT  sing N N 244 
PHE CB  CG   sing N N 245 
PHE CB  HB2  sing N N 246 
PHE CB  HB3  sing N N 247 
PHE CG  CD1  doub Y N 248 
PHE CG  CD2  sing Y N 249 
PHE CD1 CE1  sing Y N 250 
PHE CD1 HD1  sing N N 251 
PHE CD2 CE2  doub Y N 252 
PHE CD2 HD2  sing N N 253 
PHE CE1 CZ   doub Y N 254 
PHE CE1 HE1  sing N N 255 
PHE CE2 CZ   sing Y N 256 
PHE CE2 HE2  sing N N 257 
PHE CZ  HZ   sing N N 258 
PHE OXT HXT  sing N N 259 
PRO N   CA   sing N N 260 
PRO N   CD   sing N N 261 
PRO N   H    sing N N 262 
PRO CA  C    sing N N 263 
PRO CA  CB   sing N N 264 
PRO CA  HA   sing N N 265 
PRO C   O    doub N N 266 
PRO C   OXT  sing N N 267 
PRO CB  CG   sing N N 268 
PRO CB  HB2  sing N N 269 
PRO CB  HB3  sing N N 270 
PRO CG  CD   sing N N 271 
PRO CG  HG2  sing N N 272 
PRO CG  HG3  sing N N 273 
PRO CD  HD2  sing N N 274 
PRO CD  HD3  sing N N 275 
PRO OXT HXT  sing N N 276 
SER N   CA   sing N N 277 
SER N   H    sing N N 278 
SER N   H2   sing N N 279 
SER CA  C    sing N N 280 
SER CA  CB   sing N N 281 
SER CA  HA   sing N N 282 
SER C   O    doub N N 283 
SER C   OXT  sing N N 284 
SER CB  OG   sing N N 285 
SER CB  HB2  sing N N 286 
SER CB  HB3  sing N N 287 
SER OG  HG   sing N N 288 
SER OXT HXT  sing N N 289 
THR N   CA   sing N N 290 
THR N   H    sing N N 291 
THR N   H2   sing N N 292 
THR CA  C    sing N N 293 
THR CA  CB   sing N N 294 
THR CA  HA   sing N N 295 
THR C   O    doub N N 296 
THR C   OXT  sing N N 297 
THR CB  OG1  sing N N 298 
THR CB  CG2  sing N N 299 
THR CB  HB   sing N N 300 
THR OG1 HG1  sing N N 301 
THR CG2 HG21 sing N N 302 
THR CG2 HG22 sing N N 303 
THR CG2 HG23 sing N N 304 
THR OXT HXT  sing N N 305 
TRP N   CA   sing N N 306 
TRP N   H    sing N N 307 
TRP N   H2   sing N N 308 
TRP CA  C    sing N N 309 
TRP CA  CB   sing N N 310 
TRP CA  HA   sing N N 311 
TRP C   O    doub N N 312 
TRP C   OXT  sing N N 313 
TRP CB  CG   sing N N 314 
TRP CB  HB2  sing N N 315 
TRP CB  HB3  sing N N 316 
TRP CG  CD1  doub Y N 317 
TRP CG  CD2  sing Y N 318 
TRP CD1 NE1  sing Y N 319 
TRP CD1 HD1  sing N N 320 
TRP CD2 CE2  doub Y N 321 
TRP CD2 CE3  sing Y N 322 
TRP NE1 CE2  sing Y N 323 
TRP NE1 HE1  sing N N 324 
TRP CE2 CZ2  sing Y N 325 
TRP CE3 CZ3  doub Y N 326 
TRP CE3 HE3  sing N N 327 
TRP CZ2 CH2  doub Y N 328 
TRP CZ2 HZ2  sing N N 329 
TRP CZ3 CH2  sing Y N 330 
TRP CZ3 HZ3  sing N N 331 
TRP CH2 HH2  sing N N 332 
TRP OXT HXT  sing N N 333 
TYR N   CA   sing N N 334 
TYR N   H    sing N N 335 
TYR N   H2   sing N N 336 
TYR CA  C    sing N N 337 
TYR CA  CB   sing N N 338 
TYR CA  HA   sing N N 339 
TYR C   O    doub N N 340 
TYR C   OXT  sing N N 341 
TYR CB  CG   sing N N 342 
TYR CB  HB2  sing N N 343 
TYR CB  HB3  sing N N 344 
TYR CG  CD1  doub Y N 345 
TYR CG  CD2  sing Y N 346 
TYR CD1 CE1  sing Y N 347 
TYR CD1 HD1  sing N N 348 
TYR CD2 CE2  doub Y N 349 
TYR CD2 HD2  sing N N 350 
TYR CE1 CZ   doub Y N 351 
TYR CE1 HE1  sing N N 352 
TYR CE2 CZ   sing Y N 353 
TYR CE2 HE2  sing N N 354 
TYR CZ  OH   sing N N 355 
TYR OH  HH   sing N N 356 
TYR OXT HXT  sing N N 357 
VAL N   CA   sing N N 358 
VAL N   H    sing N N 359 
VAL N   H2   sing N N 360 
VAL CA  C    sing N N 361 
VAL CA  CB   sing N N 362 
VAL CA  HA   sing N N 363 
VAL C   O    doub N N 364 
VAL C   OXT  sing N N 365 
VAL CB  CG1  sing N N 366 
VAL CB  CG2  sing N N 367 
VAL CB  HB   sing N N 368 
VAL CG1 HG11 sing N N 369 
VAL CG1 HG12 sing N N 370 
VAL CG1 HG13 sing N N 371 
VAL CG2 HG21 sing N N 372 
VAL CG2 HG22 sing N N 373 
VAL CG2 HG23 sing N N 374 
VAL OXT HXT  sing N N 375 
# 
_pdbx_entity_nonpoly.entity_id   3 
_pdbx_entity_nonpoly.name        water 
_pdbx_entity_nonpoly.comp_id     HOH 
# 
_pdbx_initial_refinement_model.id               1 
_pdbx_initial_refinement_model.entity_id_list   ? 
_pdbx_initial_refinement_model.type             'experimental model' 
_pdbx_initial_refinement_model.source_name      PDB 
_pdbx_initial_refinement_model.accession_code   1YY6 
_pdbx_initial_refinement_model.details          ? 
# 
